data_7OH6
#
_entry.id   7OH6
#
_cell.length_a   1.00
_cell.length_b   1.00
_cell.length_c   1.00
_cell.angle_alpha   90.00
_cell.angle_beta   90.00
_cell.angle_gamma   90.00
#
_symmetry.space_group_name_H-M   'P 1'
#
loop_
_entity.id
_entity.type
_entity.pdbx_description
1 polymer 'Probable phospholipid-transporting ATPase DRS2,Probable phospholipid-transporting ATPase DRS2'
2 polymer 'Cell division control protein 50'
3 branched 2-acetamido-2-deoxy-beta-D-glucopyranose-(1-4)-2-acetamido-2-deoxy-beta-D-glucopyranose
4 branched beta-D-mannopyranose-(1-4)-2-acetamido-2-deoxy-beta-D-glucopyranose-(1-4)-2-acetamido-2-deoxy-beta-D-glucopyranose
5 non-polymer '(2R)-1-{[(R)-hydroxy{[(1R,2R,3R,4R,5S,6R)-2,3,5,6-tetrahydroxy-4-(phosphonooxy)cyclohexyl]oxy}phosphoryl]oxy}-3-(octadecanoyloxy)propan-2-yl (5Z,8Z,11Z,14Z)-icosa-5,8,11,14-tetraenoate'
6 non-polymer 'TETRAFLUOROALUMINATE ION'
7 non-polymer 'MAGNESIUM ION'
8 non-polymer O-[(R)-[(2S)-2-(hexadecanoyloxy)-3-(octadecanoyloxy)propoxy](hydroxy)phosphoryl]-D-serine
9 non-polymer 2-acetamido-2-deoxy-beta-D-glucopyranose
10 water water
#
loop_
_entity_poly.entity_id
_entity_poly.type
_entity_poly.pdbx_seq_one_letter_code
_entity_poly.pdbx_strand_id
1 'polypeptide(L)'
;MNDDRETPPKRKPGEDDTLFDIDFLDDTTSHSGSRSKVTNSHANANYIPPSHVLPEETIDLDADDDNIENDVHENLFMSN
NHDDQTSWNANRFDSDAYQPQSLRAVKPPGLFARFGNGLKNAFTFKRKKGPESFEMNHYNAVTNNELDDNYLDSRNKFNI
KILFNRYILRKNVGDAEGNGEPRVIHINDSLANSSFGYSDNHISTTKYNFATFLPKFLFQEFSKYANLFFLCTSAIQQVP
HVSPTNRYTTIGTLLVVLIVSAMKECIEDIKRANSDKELNNSTAEIFSEAHDDFVEKRWIDIRVGDIIRVKSEEPIPADT
IILSSSEPEGLCYIETANLDGETNLKIKQSRVETAKFIDVKTLKNMNGKVVSEQPNSSLYTYEGTMTLNDRQIPLSPDQM
ILRGATLRNTAWIFGLVIFTGHETKLLRNATATPIKRTAVEKIINRQIIALFTVLIVLILISSIGNVIMSTADAKHLSYL
YLEGTNKAGLFFKDFLTFWILFSNLVPISLFVTVELIKYYQAFMIGSDLDLYYEKTDTPTVVRTSSLVEELGQIEYIFSD
KTGTLTRNIMEFKSCSIAGHCYIDKIPEDKTATVEDGIEVGYRKFDDLKKKLNDPSDEDSPIINDFLTLLATCHTVIPEF
QSDGSIKYQAASPDEGALVQGGADLGYKFIIRKPNSVTVLLEETGEEKEYQLLNICEFNSTRKRMSAIFRFPDGSIKLFC
KGADTVILERLDDEANQYVEATMRHLEDYASEGLRTLCLAMRDISEGEYEEWNSIYNEAATTLDNRAEKLDEAANLIEKN
LILIGATAIEDKLQDGVPETIHTLQEAGIKIWVLTGDRQETAINIGMSCRLLSEDMNLLIINEETRDDTERNLLEKINAL
NEHQLSTHDMNTLALVIDGKSLGFALEPELEDYLLTVAKLCKAVICCRVSPLQKALVVKMVKRKSSSLLLAIGDGANDVS
MIQAAHVGVGISGMEGMQAARSADIAVGQFKFLKKLLLVHGSWSYQRISVAILYSFYKNTALYMTQFWYVFANAFSGQSI
MESWTMSFYNLFFTVWPPFVIGVFDQFVSSRLLERYPQLYKLGQKGQFFSVYIFWGWIINGFFHSAIVFIGTILIYRYGF
ALNMHGELADHWSWGVTVYTTSVIIVLGKAALVTNQWTKFTLIAIPGSLLFWLIFFPIYASIFPHANISREYYGVVKHTY
GSGVFWLTLIVLPIFALVRDFLWKYYKRMYEPETYHVIQEMQKYNISLVPRGSDSRPHVQQFQNAIRKVRQVQRMKKQRG
FAFSQAEEGGQEKIVRMYDTTQKRGKYGELQDASANPFNDNNGLGSNDFESAEPFIENPFADGNQNSNRFSSSRDDISFD
IGGGGLVPRGSGGTAAAPGPAPAPAPASAPAAAAPAGAGTPVTAPLAGTIWKVLASEGQTVAAGEVLLILEAMKMETEIR
AAQAGTVRGIAVKAGDAVAVGDTLM
;
A
2 'polypeptide(L)'
;MVSLFKRGKAPPLTKEGPTSKKPPNTAFRQQRLKAWQPILSPQSVLPLLIFVACIFTPIGIGLIVSATKVQDLTIDYSHC
DTKASTTAFEDIPKKYIKYHFKSKVENKPQWRLTENENGEQSCELQFEIPNDIKKSIFIYYKITNFYQNHRRYVQSFDTK
QILGEPIKKDDLDTSCSPIRSREDKIIYPCGLIANSMFNDTFSQVLSGIDDTEDYNLTNKHISWSIDRHRFKTTKYNASD
IVPPPNWMKKYPDGYTDENLPDIHTWEEFQVWMRTAAFPKFYKLTLKNESASLPKGKYQMNIELNYPISLFGGTKSFVLT
TNGAIGGRNMSLGVLYLIVAGLCALFGIIFLVKLIFQPRAMGDHTYLNFDDEENEDYEDVHAENTTLREILGGGGLVPRG
SGGHHHHHHHHHH
;
C
#
# COMPACT_ATOMS: atom_id res chain seq x y z
N PRO A 182 32.83 20.91 -29.52
CA PRO A 182 32.57 20.25 -30.80
C PRO A 182 33.26 18.88 -30.90
N ARG A 183 32.46 17.82 -30.94
CA ARG A 183 33.03 16.47 -31.03
C ARG A 183 33.65 16.25 -32.40
N VAL A 184 34.95 16.01 -32.44
CA VAL A 184 35.68 15.73 -33.67
C VAL A 184 35.85 14.23 -33.80
N ILE A 185 35.50 13.70 -34.97
CA ILE A 185 35.53 12.27 -35.23
C ILE A 185 36.27 12.00 -36.54
N HIS A 186 37.16 11.02 -36.51
CA HIS A 186 37.80 10.55 -37.73
C HIS A 186 37.02 9.37 -38.29
N ILE A 187 37.03 9.24 -39.61
CA ILE A 187 36.10 8.34 -40.29
C ILE A 187 36.72 6.96 -40.53
N ASN A 188 38.00 6.90 -40.93
CA ASN A 188 38.63 5.63 -41.25
C ASN A 188 39.47 5.08 -40.10
N ASP A 189 40.44 5.85 -39.63
CA ASP A 189 41.37 5.39 -38.60
C ASP A 189 40.67 5.43 -37.25
N SER A 190 40.24 4.25 -36.78
CA SER A 190 39.60 4.16 -35.46
C SER A 190 40.62 4.26 -34.34
N LEU A 191 41.81 3.67 -34.53
CA LEU A 191 42.87 3.74 -33.54
C LEU A 191 43.42 5.15 -33.37
N ALA A 192 43.11 6.06 -34.29
CA ALA A 192 43.54 7.46 -34.17
C ALA A 192 42.49 8.32 -33.48
N ASN A 193 41.21 8.06 -33.73
CA ASN A 193 40.14 8.82 -33.10
C ASN A 193 39.74 8.27 -31.73
N SER A 194 40.18 7.07 -31.38
CA SER A 194 39.88 6.52 -30.06
C SER A 194 40.69 7.15 -28.95
N SER A 195 41.62 8.05 -29.27
CA SER A 195 42.47 8.66 -28.24
C SER A 195 41.70 9.65 -27.38
N PHE A 196 40.59 10.19 -27.87
CA PHE A 196 39.82 11.15 -27.09
C PHE A 196 39.12 10.52 -25.90
N GLY A 197 38.86 9.21 -25.93
CA GLY A 197 38.22 8.54 -24.83
C GLY A 197 36.71 8.56 -24.90
N TYR A 198 36.16 8.08 -26.02
CA TYR A 198 34.72 8.01 -26.18
C TYR A 198 34.17 6.73 -25.53
N SER A 199 32.87 6.52 -25.67
CA SER A 199 32.24 5.34 -25.10
C SER A 199 32.62 4.10 -25.91
N ASP A 200 32.07 2.95 -25.49
CA ASP A 200 32.33 1.68 -26.15
C ASP A 200 31.04 0.89 -26.35
N ASN A 201 29.93 1.58 -26.59
CA ASN A 201 28.62 0.95 -26.80
C ASN A 201 28.22 0.08 -25.62
N HIS A 202 28.61 0.50 -24.41
CA HIS A 202 28.32 -0.24 -23.19
C HIS A 202 27.05 0.32 -22.57
N ILE A 203 26.00 -0.48 -22.54
CA ILE A 203 24.75 -0.11 -21.88
C ILE A 203 24.63 -0.87 -20.57
N SER A 204 24.03 -0.22 -19.57
CA SER A 204 23.93 -0.78 -18.23
C SER A 204 22.56 -0.47 -17.66
N THR A 205 21.77 -1.51 -17.38
CA THR A 205 20.47 -1.38 -16.76
C THR A 205 20.39 -2.12 -15.43
N THR A 206 21.53 -2.34 -14.77
CA THR A 206 21.60 -3.08 -13.52
C THR A 206 22.04 -2.13 -12.42
N LYS A 207 21.34 -2.14 -11.29
CA LYS A 207 21.68 -1.26 -10.19
C LYS A 207 22.73 -1.89 -9.28
N TYR A 208 22.64 -3.20 -9.05
CA TYR A 208 23.49 -3.89 -8.08
C TYR A 208 24.43 -4.86 -8.77
N ASN A 209 25.60 -5.05 -8.17
CA ASN A 209 26.59 -6.01 -8.61
C ASN A 209 27.10 -6.80 -7.41
N PHE A 210 27.96 -7.78 -7.69
CA PHE A 210 28.47 -8.65 -6.64
C PHE A 210 29.57 -8.01 -5.80
N ALA A 211 29.85 -6.72 -6.00
CA ALA A 211 30.87 -6.02 -5.23
C ALA A 211 30.32 -4.95 -4.29
N THR A 212 29.08 -4.52 -4.50
CA THR A 212 28.48 -3.50 -3.64
C THR A 212 26.97 -3.70 -3.54
N PHE A 213 26.54 -4.96 -3.34
CA PHE A 213 25.12 -5.23 -3.18
C PHE A 213 24.65 -4.91 -1.76
N LEU A 214 25.35 -5.42 -0.76
CA LEU A 214 24.93 -5.19 0.63
C LEU A 214 25.14 -3.74 1.06
N PRO A 215 26.29 -3.10 0.83
CA PRO A 215 26.45 -1.71 1.31
C PRO A 215 25.40 -0.74 0.79
N LYS A 216 24.65 -1.10 -0.25
CA LYS A 216 23.56 -0.27 -0.75
C LYS A 216 22.19 -0.81 -0.37
N PHE A 217 22.02 -2.14 -0.40
CA PHE A 217 20.73 -2.74 -0.03
C PHE A 217 20.42 -2.49 1.44
N LEU A 218 21.39 -2.73 2.32
CA LEU A 218 21.16 -2.48 3.74
C LEU A 218 20.99 -0.99 4.02
N PHE A 219 21.64 -0.13 3.25
CA PHE A 219 21.49 1.30 3.44
C PHE A 219 20.09 1.76 3.04
N GLN A 220 19.56 1.24 1.94
CA GLN A 220 18.21 1.60 1.52
C GLN A 220 17.14 0.86 2.32
N GLU A 221 17.51 -0.20 3.04
CA GLU A 221 16.56 -0.92 3.88
C GLU A 221 16.47 -0.33 5.28
N PHE A 222 17.61 0.03 5.87
CA PHE A 222 17.64 0.64 7.19
C PHE A 222 17.60 2.16 7.13
N SER A 223 17.22 2.73 5.98
CA SER A 223 16.92 4.15 5.91
C SER A 223 15.51 4.46 6.39
N LYS A 224 14.68 3.44 6.58
CA LYS A 224 13.34 3.62 7.14
C LYS A 224 13.46 3.80 8.65
N TYR A 225 12.31 3.79 9.34
CA TYR A 225 12.28 3.95 10.79
C TYR A 225 11.90 2.69 11.52
N ALA A 226 10.95 1.91 11.00
CA ALA A 226 10.60 0.65 11.64
C ALA A 226 11.76 -0.33 11.61
N ASN A 227 12.54 -0.33 10.53
CA ASN A 227 13.70 -1.21 10.45
C ASN A 227 14.75 -0.82 11.48
N LEU A 228 15.03 0.48 11.63
CA LEU A 228 15.98 0.92 12.65
C LEU A 228 15.48 0.57 14.05
N PHE A 229 14.18 0.76 14.28
CA PHE A 229 13.61 0.43 15.59
C PHE A 229 13.75 -1.06 15.90
N PHE A 230 13.44 -1.91 14.92
CA PHE A 230 13.57 -3.35 15.14
C PHE A 230 15.02 -3.75 15.33
N LEU A 231 15.94 -3.11 14.61
CA LEU A 231 17.36 -3.39 14.78
C LEU A 231 17.82 -3.03 16.18
N CYS A 232 17.44 -1.85 16.66
CA CYS A 232 17.84 -1.43 18.00
C CYS A 232 17.22 -2.34 19.06
N THR A 233 15.95 -2.72 18.88
CA THR A 233 15.30 -3.60 19.85
C THR A 233 15.97 -4.96 19.90
N SER A 234 16.28 -5.54 18.73
CA SER A 234 16.93 -6.85 18.72
C SER A 234 18.36 -6.77 19.24
N ALA A 235 19.04 -5.63 19.05
CA ALA A 235 20.38 -5.49 19.59
C ALA A 235 20.36 -5.36 21.11
N ILE A 236 19.35 -4.67 21.64
CA ILE A 236 19.28 -4.50 23.09
C ILE A 236 18.76 -5.77 23.77
N GLN A 237 17.89 -6.53 23.10
CA GLN A 237 17.27 -7.69 23.72
C GLN A 237 18.23 -8.85 23.94
N GLN A 238 19.44 -8.80 23.38
CA GLN A 238 20.34 -9.94 23.45
C GLN A 238 21.09 -10.04 24.78
N VAL A 239 21.23 -8.94 25.52
CA VAL A 239 21.91 -8.97 26.81
C VAL A 239 21.02 -9.76 27.78
N PRO A 240 21.60 -10.46 28.76
CA PRO A 240 20.82 -11.47 29.50
C PRO A 240 19.79 -10.90 30.47
N HIS A 241 20.21 -10.02 31.38
CA HIS A 241 19.39 -9.63 32.52
C HIS A 241 18.40 -8.53 32.22
N VAL A 242 17.99 -8.37 30.96
CA VAL A 242 16.97 -7.38 30.61
C VAL A 242 15.82 -7.94 29.79
N SER A 243 15.94 -9.13 29.21
CA SER A 243 14.92 -9.62 28.28
C SER A 243 13.89 -10.45 29.01
N PRO A 244 12.61 -10.07 29.00
CA PRO A 244 11.55 -10.95 29.53
C PRO A 244 11.03 -11.96 28.52
N THR A 245 11.33 -11.79 27.24
CA THR A 245 10.87 -12.69 26.18
C THR A 245 12.07 -13.31 25.48
N ASN A 246 11.79 -14.13 24.47
CA ASN A 246 12.86 -14.79 23.74
C ASN A 246 13.71 -13.77 22.99
N ARG A 247 14.96 -14.15 22.72
CA ARG A 247 15.94 -13.25 22.12
C ARG A 247 16.03 -13.36 20.61
N TYR A 248 15.45 -14.40 20.01
CA TYR A 248 15.65 -14.68 18.59
C TYR A 248 14.41 -14.49 17.73
N THR A 249 13.26 -14.17 18.32
CA THR A 249 12.05 -14.03 17.53
C THR A 249 12.08 -12.78 16.67
N THR A 250 12.33 -11.62 17.29
CA THR A 250 12.31 -10.37 16.54
C THR A 250 13.41 -10.33 15.48
N ILE A 251 14.64 -10.65 15.88
CA ILE A 251 15.74 -10.64 14.92
C ILE A 251 15.55 -11.73 13.88
N GLY A 252 14.93 -12.86 14.26
CA GLY A 252 14.66 -13.90 13.28
C GLY A 252 13.70 -13.44 12.19
N THR A 253 12.58 -12.84 12.60
CA THR A 253 11.62 -12.35 11.61
C THR A 253 12.21 -11.21 10.80
N LEU A 254 13.04 -10.36 11.43
CA LEU A 254 13.70 -9.30 10.70
C LEU A 254 14.60 -9.86 9.61
N LEU A 255 15.41 -10.86 9.94
CA LEU A 255 16.29 -11.47 8.94
C LEU A 255 15.47 -12.17 7.86
N VAL A 256 14.34 -12.78 8.23
CA VAL A 256 13.50 -13.45 7.23
C VAL A 256 12.96 -12.45 6.22
N VAL A 257 12.39 -11.35 6.70
CA VAL A 257 11.82 -10.37 5.76
C VAL A 257 12.93 -9.69 4.97
N LEU A 258 14.11 -9.49 5.57
CA LEU A 258 15.22 -8.91 4.84
C LEU A 258 15.68 -9.85 3.73
N ILE A 259 15.72 -11.16 3.99
CA ILE A 259 16.08 -12.13 2.98
C ILE A 259 15.05 -12.15 1.86
N VAL A 260 13.77 -12.05 2.20
CA VAL A 260 12.72 -12.04 1.17
C VAL A 260 12.89 -10.82 0.26
N SER A 261 13.08 -9.65 0.86
CA SER A 261 13.27 -8.44 0.05
C SER A 261 14.54 -8.54 -0.80
N ALA A 262 15.61 -9.09 -0.23
CA ALA A 262 16.86 -9.20 -0.97
C ALA A 262 16.72 -10.15 -2.16
N MET A 263 16.03 -11.27 -1.98
CA MET A 263 15.88 -12.20 -3.09
C MET A 263 14.95 -11.66 -4.15
N LYS A 264 13.92 -10.89 -3.77
CA LYS A 264 13.08 -10.23 -4.76
C LYS A 264 13.90 -9.24 -5.58
N GLU A 265 14.73 -8.44 -4.90
CA GLU A 265 15.57 -7.48 -5.60
C GLU A 265 16.57 -8.18 -6.52
N CYS A 266 17.12 -9.31 -6.07
CA CYS A 266 18.05 -10.06 -6.91
C CYS A 266 17.35 -10.63 -8.14
N ILE A 267 16.12 -11.11 -7.98
CA ILE A 267 15.37 -11.62 -9.13
C ILE A 267 15.12 -10.51 -10.13
N GLU A 268 14.73 -9.32 -9.66
CA GLU A 268 14.51 -8.20 -10.57
C GLU A 268 15.80 -7.79 -11.26
N ASP A 269 16.92 -7.77 -10.54
CA ASP A 269 18.20 -7.43 -11.16
C ASP A 269 18.62 -8.45 -12.19
N ILE A 270 18.35 -9.74 -11.94
CA ILE A 270 18.65 -10.77 -12.93
C ILE A 270 17.79 -10.59 -14.16
N LYS A 271 16.50 -10.26 -13.97
CA LYS A 271 15.63 -10.00 -15.11
C LYS A 271 16.16 -8.84 -15.96
N ARG A 272 16.65 -7.80 -15.31
CA ARG A 272 17.23 -6.68 -16.04
C ARG A 272 18.53 -7.07 -16.76
N ALA A 273 19.41 -7.82 -16.10
CA ALA A 273 20.69 -8.19 -16.69
C ALA A 273 20.51 -9.12 -17.88
N ASN A 274 19.50 -10.01 -17.82
CA ASN A 274 19.26 -10.90 -18.95
C ASN A 274 18.90 -10.09 -20.20
N SER A 275 18.00 -9.12 -20.06
CA SER A 275 17.63 -8.28 -21.20
C SER A 275 18.81 -7.45 -21.68
N ASP A 276 19.60 -6.92 -20.76
CA ASP A 276 20.79 -6.16 -21.15
C ASP A 276 21.78 -7.01 -21.95
N LYS A 277 22.04 -8.24 -21.51
CA LYS A 277 22.95 -9.11 -22.25
C LYS A 277 22.36 -9.54 -23.58
N GLU A 278 21.04 -9.81 -23.63
CA GLU A 278 20.41 -10.16 -24.89
C GLU A 278 20.52 -9.03 -25.90
N LEU A 279 20.36 -7.79 -25.44
CA LEU A 279 20.53 -6.65 -26.33
C LEU A 279 21.99 -6.47 -26.72
N ASN A 280 22.92 -6.77 -25.81
CA ASN A 280 24.34 -6.63 -26.11
C ASN A 280 24.87 -7.69 -27.07
N ASN A 281 24.17 -8.81 -27.21
CA ASN A 281 24.61 -9.90 -28.07
C ASN A 281 23.94 -9.84 -29.45
N SER A 282 23.94 -8.67 -30.06
CA SER A 282 23.37 -8.46 -31.38
C SER A 282 24.48 -8.55 -32.43
N THR A 283 24.21 -9.27 -33.50
CA THR A 283 25.20 -9.50 -34.56
C THR A 283 25.19 -8.30 -35.51
N ALA A 284 26.22 -7.47 -35.41
CA ALA A 284 26.38 -6.32 -36.28
C ALA A 284 27.30 -6.67 -37.44
N GLU A 285 27.64 -5.68 -38.25
CA GLU A 285 28.57 -5.85 -39.37
C GLU A 285 29.46 -4.63 -39.44
N ILE A 286 30.73 -4.78 -39.08
CA ILE A 286 31.67 -3.68 -39.02
C ILE A 286 32.68 -3.81 -40.16
N PHE A 287 33.07 -2.68 -40.73
CA PHE A 287 34.04 -2.65 -41.82
C PHE A 287 35.44 -2.75 -41.25
N SER A 288 36.03 -3.95 -41.34
CA SER A 288 37.38 -4.18 -40.87
C SER A 288 38.39 -3.88 -41.96
N GLU A 289 39.49 -3.23 -41.57
CA GLU A 289 40.57 -2.92 -42.50
C GLU A 289 41.44 -4.14 -42.78
N ALA A 290 41.54 -5.07 -41.84
CA ALA A 290 42.29 -6.30 -42.03
C ALA A 290 41.75 -7.08 -43.21
N HIS A 291 40.54 -7.62 -43.07
CA HIS A 291 39.87 -8.22 -44.21
C HIS A 291 39.46 -7.18 -45.25
N ASP A 292 39.52 -5.90 -44.91
CA ASP A 292 39.12 -4.81 -45.82
C ASP A 292 37.70 -5.03 -46.33
N ASP A 293 36.82 -5.47 -45.43
CA ASP A 293 35.47 -5.85 -45.80
C ASP A 293 34.62 -5.88 -44.54
N PHE A 294 33.32 -6.11 -44.71
CA PHE A 294 32.39 -6.10 -43.58
C PHE A 294 32.34 -7.48 -42.94
N VAL A 295 32.72 -7.56 -41.67
CA VAL A 295 32.69 -8.78 -40.90
C VAL A 295 31.56 -8.70 -39.90
N GLU A 296 31.17 -9.86 -39.36
CA GLU A 296 30.02 -9.98 -38.47
C GLU A 296 30.52 -9.96 -37.03
N LYS A 297 30.67 -8.77 -36.47
CA LYS A 297 30.99 -8.58 -35.07
C LYS A 297 29.71 -8.27 -34.29
N ARG A 298 29.85 -7.92 -33.01
CA ARG A 298 28.72 -7.64 -32.15
C ARG A 298 28.65 -6.15 -31.82
N TRP A 299 27.50 -5.76 -31.24
CA TRP A 299 27.26 -4.35 -30.95
C TRP A 299 28.30 -3.77 -30.01
N ILE A 300 28.87 -4.60 -29.14
CA ILE A 300 29.92 -4.11 -28.25
C ILE A 300 31.18 -3.83 -29.07
N ASP A 301 32.01 -2.93 -28.53
CA ASP A 301 33.28 -2.51 -29.14
C ASP A 301 33.09 -1.79 -30.46
N ILE A 302 31.89 -1.33 -30.77
CA ILE A 302 31.66 -0.47 -31.94
C ILE A 302 32.11 0.93 -31.53
N ARG A 303 33.35 1.28 -31.89
CA ARG A 303 33.88 2.57 -31.48
C ARG A 303 33.35 3.69 -32.38
N VAL A 304 33.56 4.92 -31.95
CA VAL A 304 33.11 6.08 -32.71
C VAL A 304 33.95 6.20 -33.97
N GLY A 305 33.33 5.95 -35.13
CA GLY A 305 34.01 6.01 -36.41
C GLY A 305 33.92 4.74 -37.23
N ASP A 306 33.36 3.66 -36.70
CA ASP A 306 33.26 2.41 -37.45
C ASP A 306 32.19 2.54 -38.53
N ILE A 307 32.61 2.54 -39.79
CA ILE A 307 31.68 2.61 -40.92
C ILE A 307 30.96 1.26 -40.98
N ILE A 308 29.75 1.21 -40.43
CA ILE A 308 29.01 -0.03 -40.30
C ILE A 308 28.00 -0.13 -41.43
N ARG A 309 27.48 -1.34 -41.63
CA ARG A 309 26.45 -1.60 -42.62
C ARG A 309 25.23 -2.19 -41.92
N VAL A 310 24.06 -1.60 -42.18
CA VAL A 310 22.79 -2.07 -41.62
C VAL A 310 22.01 -2.73 -42.75
N LYS A 311 21.57 -3.97 -42.50
CA LYS A 311 20.90 -4.75 -43.54
C LYS A 311 19.44 -4.38 -43.69
N SER A 312 18.60 -5.37 -44.02
CA SER A 312 17.20 -5.12 -44.37
C SER A 312 16.41 -4.53 -43.20
N GLU A 313 16.06 -5.37 -42.23
CA GLU A 313 15.19 -4.97 -41.13
C GLU A 313 15.87 -5.05 -39.77
N GLU A 314 17.19 -5.11 -39.75
CA GLU A 314 17.88 -5.17 -38.46
C GLU A 314 17.96 -3.77 -37.85
N PRO A 315 17.79 -3.65 -36.53
CA PRO A 315 17.79 -2.34 -35.90
C PRO A 315 19.13 -1.64 -36.02
N ILE A 316 19.11 -0.33 -35.82
CA ILE A 316 20.31 0.49 -35.95
C ILE A 316 21.17 0.29 -34.69
N PRO A 317 22.47 0.06 -34.84
CA PRO A 317 23.29 -0.18 -33.65
C PRO A 317 23.52 1.05 -32.79
N ALA A 318 23.78 2.20 -33.41
CA ALA A 318 24.05 3.42 -32.67
C ALA A 318 23.67 4.61 -33.55
N ASP A 319 23.95 5.82 -33.06
CA ASP A 319 23.69 7.03 -33.83
C ASP A 319 24.60 7.04 -35.04
N THR A 320 24.03 6.88 -36.23
CA THR A 320 24.80 6.73 -37.46
C THR A 320 24.31 7.72 -38.51
N ILE A 321 25.24 8.47 -39.09
CA ILE A 321 24.95 9.29 -40.25
C ILE A 321 25.03 8.41 -41.48
N ILE A 322 23.93 8.38 -42.26
CA ILE A 322 23.86 7.50 -43.42
C ILE A 322 24.72 8.05 -44.55
N LEU A 323 25.41 7.15 -45.25
CA LEU A 323 26.27 7.51 -46.37
C LEU A 323 25.72 7.08 -47.72
N SER A 324 25.09 5.92 -47.80
CA SER A 324 24.54 5.42 -49.05
C SER A 324 23.49 4.37 -48.74
N SER A 325 22.84 3.86 -49.78
CA SER A 325 21.82 2.83 -49.63
C SER A 325 21.61 2.16 -50.98
N SER A 326 20.81 1.09 -50.97
CA SER A 326 20.48 0.38 -52.19
C SER A 326 19.53 1.15 -53.10
N GLU A 327 18.90 2.20 -52.58
CA GLU A 327 18.02 3.04 -53.38
C GLU A 327 18.85 3.94 -54.30
N PRO A 328 18.25 4.40 -55.40
CA PRO A 328 19.07 5.09 -56.42
C PRO A 328 19.73 6.38 -55.95
N GLU A 329 19.17 7.07 -54.97
CA GLU A 329 19.72 8.35 -54.53
C GLU A 329 19.79 8.41 -53.01
N GLY A 330 20.32 7.37 -52.39
CA GLY A 330 20.57 7.37 -50.96
C GLY A 330 19.36 7.45 -50.07
N LEU A 331 18.16 7.31 -50.62
CA LEU A 331 16.95 7.38 -49.81
C LEU A 331 16.78 6.10 -48.99
N CYS A 332 16.13 6.23 -47.85
CA CYS A 332 15.87 5.07 -46.99
C CYS A 332 14.69 5.38 -46.08
N TYR A 333 14.01 4.32 -45.65
CA TYR A 333 12.88 4.39 -44.73
C TYR A 333 13.30 3.80 -43.39
N ILE A 334 13.02 4.53 -42.31
CA ILE A 334 13.31 4.06 -40.97
C ILE A 334 12.05 4.16 -40.13
N GLU A 335 11.68 3.06 -39.48
CA GLU A 335 10.64 3.08 -38.46
C GLU A 335 11.21 3.57 -37.14
N THR A 336 10.48 4.44 -36.46
CA THR A 336 10.93 5.07 -35.23
C THR A 336 9.93 4.86 -34.10
N ALA A 337 9.51 3.62 -33.92
CA ALA A 337 8.53 3.31 -32.88
C ALA A 337 9.10 3.42 -31.47
N ASN A 338 10.41 3.54 -31.33
CA ASN A 338 11.02 3.64 -30.01
C ASN A 338 11.25 5.09 -29.58
N LEU A 339 11.83 5.92 -30.46
CA LEU A 339 12.04 7.32 -30.13
C LEU A 339 10.77 8.15 -30.32
N ASP A 340 9.77 7.62 -31.04
CA ASP A 340 8.46 8.23 -31.13
C ASP A 340 7.41 7.23 -30.66
N GLY A 341 6.22 7.27 -31.24
CA GLY A 341 5.19 6.32 -30.87
C GLY A 341 4.49 5.68 -32.04
N GLU A 342 4.74 6.19 -33.24
CA GLU A 342 4.01 5.79 -34.43
C GLU A 342 4.89 4.93 -35.34
N THR A 343 4.22 4.17 -36.20
CA THR A 343 4.89 3.22 -37.09
C THR A 343 4.97 3.71 -38.54
N ASN A 344 4.82 5.02 -38.75
CA ASN A 344 4.92 5.57 -40.10
C ASN A 344 6.38 5.70 -40.51
N LEU A 345 6.66 5.39 -41.77
CA LEU A 345 8.04 5.35 -42.25
C LEU A 345 8.62 6.75 -42.36
N LYS A 346 9.78 6.95 -41.76
CA LYS A 346 10.49 8.22 -41.80
C LYS A 346 11.50 8.20 -42.93
N ILE A 347 11.50 9.24 -43.74
CA ILE A 347 12.38 9.34 -44.90
C ILE A 347 13.70 9.95 -44.47
N LYS A 348 14.81 9.29 -44.83
CA LYS A 348 16.14 9.86 -44.67
C LYS A 348 16.86 9.75 -46.00
N GLN A 349 17.86 10.60 -46.19
CA GLN A 349 18.61 10.58 -47.44
C GLN A 349 20.05 11.01 -47.17
N SER A 350 20.93 10.61 -48.08
CA SER A 350 22.34 10.94 -47.99
C SER A 350 22.64 12.21 -48.78
N ARG A 351 23.75 12.84 -48.44
CA ARG A 351 24.20 14.01 -49.18
C ARG A 351 24.62 13.61 -50.59
N VAL A 352 24.54 14.57 -51.52
CA VAL A 352 24.88 14.27 -52.91
C VAL A 352 26.37 14.11 -53.11
N GLU A 353 27.19 14.64 -52.19
CA GLU A 353 28.64 14.50 -52.31
C GLU A 353 29.16 13.16 -51.80
N THR A 354 28.32 12.36 -51.15
CA THR A 354 28.79 11.10 -50.57
C THR A 354 27.82 9.94 -50.78
N ALA A 355 26.83 10.06 -51.65
CA ALA A 355 25.86 9.00 -51.90
C ALA A 355 26.26 8.12 -53.08
N LYS A 356 27.54 8.11 -53.45
CA LYS A 356 28.00 7.30 -54.58
C LYS A 356 28.73 6.03 -54.17
N PHE A 357 29.17 5.93 -52.91
CA PHE A 357 29.88 4.75 -52.45
C PHE A 357 28.91 3.59 -52.25
N ILE A 358 28.77 2.75 -53.27
CA ILE A 358 27.86 1.60 -53.22
C ILE A 358 28.59 0.32 -52.87
N ASP A 359 29.67 0.02 -53.59
CA ASP A 359 30.47 -1.16 -53.30
C ASP A 359 31.30 -0.93 -52.03
N VAL A 360 31.87 -2.02 -51.51
CA VAL A 360 32.65 -1.93 -50.29
C VAL A 360 34.13 -1.63 -50.58
N LYS A 361 34.65 -2.14 -51.70
CA LYS A 361 36.07 -1.94 -52.02
C LYS A 361 36.43 -0.48 -52.24
N THR A 362 35.43 0.40 -52.38
CA THR A 362 35.71 1.83 -52.52
C THR A 362 35.64 2.57 -51.19
N LEU A 363 35.04 1.98 -50.16
CA LEU A 363 34.94 2.65 -48.87
C LEU A 363 36.31 2.93 -48.27
N LYS A 364 37.34 2.20 -48.67
CA LYS A 364 38.70 2.45 -48.19
C LYS A 364 39.31 3.71 -48.79
N ASN A 365 38.65 4.34 -49.76
CA ASN A 365 39.21 5.52 -50.41
C ASN A 365 38.79 6.82 -49.72
N MET A 366 37.57 6.87 -49.20
CA MET A 366 37.07 8.11 -48.59
C MET A 366 37.75 8.37 -47.25
N ASN A 367 37.90 9.64 -46.92
CA ASN A 367 38.51 10.06 -45.67
C ASN A 367 37.92 11.42 -45.28
N GLY A 368 38.42 11.97 -44.18
CA GLY A 368 38.00 13.26 -43.71
C GLY A 368 37.70 13.22 -42.23
N LYS A 369 36.87 14.16 -41.78
CA LYS A 369 36.52 14.26 -40.37
C LYS A 369 35.13 14.85 -40.23
N VAL A 370 34.43 14.44 -39.18
CA VAL A 370 33.09 14.91 -38.88
C VAL A 370 33.14 15.71 -37.59
N VAL A 371 32.71 16.95 -37.65
CA VAL A 371 32.60 17.82 -36.49
C VAL A 371 31.12 17.90 -36.13
N SER A 372 30.74 17.24 -35.05
CA SER A 372 29.35 17.15 -34.64
C SER A 372 29.14 17.79 -33.27
N GLU A 373 27.88 17.89 -32.87
CA GLU A 373 27.54 18.46 -31.58
C GLU A 373 27.83 17.46 -30.46
N GLN A 374 27.85 17.97 -29.23
CA GLN A 374 28.02 17.12 -28.06
C GLN A 374 26.77 16.27 -27.86
N PRO A 375 26.90 15.16 -27.13
CA PRO A 375 25.72 14.31 -26.88
C PRO A 375 24.62 15.07 -26.17
N ASN A 376 23.42 15.07 -26.79
CA ASN A 376 22.28 15.76 -26.22
C ASN A 376 21.09 14.82 -26.12
N SER A 377 19.91 15.36 -25.82
CA SER A 377 18.69 14.58 -25.75
C SER A 377 17.60 15.03 -26.71
N SER A 378 17.78 16.16 -27.40
CA SER A 378 16.79 16.61 -28.35
C SER A 378 16.84 15.74 -29.61
N LEU A 379 15.74 15.04 -29.88
CA LEU A 379 15.73 14.07 -30.98
C LEU A 379 15.68 14.77 -32.33
N TYR A 380 14.76 15.71 -32.51
CA TYR A 380 14.46 16.28 -33.81
C TYR A 380 15.40 17.42 -34.20
N THR A 381 16.56 17.55 -33.56
CA THR A 381 17.53 18.58 -33.90
C THR A 381 18.91 17.94 -34.03
N TYR A 382 19.69 18.43 -34.98
CA TYR A 382 21.05 17.97 -35.19
C TYR A 382 21.78 19.00 -36.04
N GLU A 383 23.10 19.09 -35.84
CA GLU A 383 23.91 20.01 -36.61
C GLU A 383 25.35 19.50 -36.63
N GLY A 384 26.03 19.76 -37.74
CA GLY A 384 27.41 19.34 -37.86
C GLY A 384 27.92 19.52 -39.27
N THR A 385 29.21 19.26 -39.43
CA THR A 385 29.90 19.40 -40.70
C THR A 385 30.70 18.13 -40.97
N MET A 386 30.85 17.80 -42.26
CA MET A 386 31.62 16.64 -42.68
C MET A 386 32.57 17.07 -43.78
N THR A 387 33.88 16.99 -43.51
CA THR A 387 34.90 17.40 -44.46
C THR A 387 35.56 16.16 -45.05
N LEU A 388 35.46 16.00 -46.37
CA LEU A 388 36.06 14.86 -47.04
C LEU A 388 37.46 15.19 -47.54
N ASN A 389 37.61 15.28 -48.87
CA ASN A 389 38.93 15.55 -49.43
C ASN A 389 39.35 17.00 -49.15
N ASP A 390 38.53 17.95 -49.55
CA ASP A 390 38.83 19.36 -49.33
C ASP A 390 37.55 20.19 -49.25
N ARG A 391 36.43 19.58 -49.65
CA ARG A 391 35.12 20.23 -49.61
C ARG A 391 34.32 19.69 -48.43
N GLN A 392 33.56 20.56 -47.78
CA GLN A 392 32.78 20.22 -46.61
C GLN A 392 31.30 20.29 -46.93
N ILE A 393 30.53 19.41 -46.29
CA ILE A 393 29.09 19.36 -46.47
C ILE A 393 28.41 19.51 -45.11
N PRO A 394 27.27 20.19 -45.03
CA PRO A 394 26.57 20.32 -43.75
C PRO A 394 25.79 19.06 -43.41
N LEU A 395 25.26 19.04 -42.19
CA LEU A 395 24.46 17.93 -41.72
C LEU A 395 23.13 18.45 -41.17
N SER A 396 22.20 17.53 -40.99
CA SER A 396 20.85 17.87 -40.57
C SER A 396 20.16 16.59 -40.11
N PRO A 397 19.03 16.70 -39.40
CA PRO A 397 18.29 15.49 -39.02
C PRO A 397 17.77 14.68 -40.20
N ASP A 398 17.93 15.16 -41.43
CA ASP A 398 17.60 14.36 -42.60
C ASP A 398 18.60 13.23 -42.81
N GLN A 399 19.81 13.35 -42.28
CA GLN A 399 20.82 12.30 -42.39
C GLN A 399 21.05 11.56 -41.07
N MET A 400 20.78 12.19 -39.93
CA MET A 400 21.04 11.55 -38.65
C MET A 400 20.02 10.46 -38.38
N ILE A 401 20.51 9.25 -38.11
CA ILE A 401 19.68 8.11 -37.76
C ILE A 401 19.98 7.74 -36.31
N LEU A 402 18.93 7.62 -35.50
CA LEU A 402 19.09 7.37 -34.08
C LEU A 402 19.17 5.87 -33.80
N ARG A 403 19.58 5.55 -32.57
CA ARG A 403 19.76 4.16 -32.17
C ARG A 403 18.44 3.41 -32.10
N GLY A 404 17.35 4.10 -31.75
CA GLY A 404 16.07 3.45 -31.61
C GLY A 404 15.32 3.20 -32.90
N ALA A 405 15.88 3.59 -34.04
CA ALA A 405 15.21 3.42 -35.32
C ALA A 405 15.31 1.96 -35.79
N THR A 406 14.82 1.71 -37.00
CA THR A 406 14.88 0.38 -37.60
C THR A 406 14.71 0.54 -39.10
N LEU A 407 15.74 0.19 -39.87
CA LEU A 407 15.66 0.32 -41.31
C LEU A 407 14.64 -0.64 -41.89
N ARG A 408 13.85 -0.16 -42.84
CA ARG A 408 12.84 -0.97 -43.51
C ARG A 408 12.76 -0.57 -44.97
N ASN A 409 12.34 -1.52 -45.81
CA ASN A 409 12.19 -1.32 -47.25
C ASN A 409 13.49 -0.87 -47.90
N THR A 410 14.62 -1.32 -47.36
CA THR A 410 15.93 -1.01 -47.91
C THR A 410 16.84 -2.22 -47.73
N ALA A 411 17.60 -2.55 -48.77
CA ALA A 411 18.46 -3.73 -48.71
C ALA A 411 19.60 -3.52 -47.71
N TRP A 412 20.29 -2.38 -47.80
CA TRP A 412 21.43 -2.11 -46.93
C TRP A 412 21.75 -0.63 -46.96
N ILE A 413 22.33 -0.15 -45.86
CA ILE A 413 22.79 1.23 -45.75
C ILE A 413 24.16 1.25 -45.09
N PHE A 414 24.97 2.22 -45.49
CA PHE A 414 26.27 2.47 -44.86
C PHE A 414 26.14 3.65 -43.91
N GLY A 415 26.60 3.49 -42.69
CA GLY A 415 26.48 4.52 -41.67
C GLY A 415 27.76 4.72 -40.90
N LEU A 416 28.14 5.98 -40.73
CA LEU A 416 29.28 6.38 -39.91
C LEU A 416 28.76 6.71 -38.51
N VAL A 417 29.30 6.04 -37.50
CA VAL A 417 28.80 6.19 -36.14
C VAL A 417 29.39 7.47 -35.53
N ILE A 418 28.55 8.21 -34.80
CA ILE A 418 28.97 9.43 -34.11
C ILE A 418 28.80 9.29 -32.60
N PHE A 419 27.61 8.89 -32.15
CA PHE A 419 27.34 8.64 -30.75
C PHE A 419 27.14 7.14 -30.52
N THR A 420 27.48 6.68 -29.32
CA THR A 420 27.38 5.26 -29.02
C THR A 420 27.22 5.06 -27.52
N GLY A 421 26.55 3.97 -27.16
CA GLY A 421 26.41 3.64 -25.75
C GLY A 421 25.45 4.57 -25.05
N HIS A 422 25.89 5.12 -23.92
CA HIS A 422 25.10 6.06 -23.15
C HIS A 422 25.23 7.49 -23.65
N GLU A 423 25.71 7.69 -24.87
CA GLU A 423 25.76 9.01 -25.49
C GLU A 423 24.77 9.17 -26.63
N THR A 424 24.14 8.09 -27.08
CA THR A 424 23.11 8.20 -28.09
C THR A 424 21.89 8.94 -27.54
N LYS A 425 21.17 9.62 -28.45
CA LYS A 425 20.01 10.41 -28.03
C LYS A 425 18.84 9.55 -27.58
N LEU A 426 18.94 8.22 -27.67
CA LEU A 426 17.86 7.37 -27.18
C LEU A 426 18.05 7.04 -25.70
N LEU A 427 19.22 6.52 -25.33
CA LEU A 427 19.47 6.07 -23.97
C LEU A 427 20.21 7.09 -23.13
N ARG A 428 20.39 8.31 -23.62
CA ARG A 428 20.90 9.38 -22.77
C ARG A 428 19.78 10.11 -22.05
N ASN A 429 18.56 10.04 -22.57
CA ASN A 429 17.42 10.66 -21.91
C ASN A 429 16.79 9.75 -20.86
N ALA A 430 17.00 8.45 -20.95
CA ALA A 430 16.40 7.53 -19.99
C ALA A 430 17.04 7.71 -18.61
N THR A 431 16.24 7.46 -17.58
CA THR A 431 16.67 7.61 -16.20
C THR A 431 16.52 6.28 -15.47
N ALA A 432 17.16 6.18 -14.31
CA ALA A 432 17.11 4.97 -13.51
C ALA A 432 15.75 4.83 -12.84
N THR A 433 15.52 3.65 -12.25
CA THR A 433 14.26 3.36 -11.58
C THR A 433 14.34 3.81 -10.13
N PRO A 434 13.59 4.81 -9.72
CA PRO A 434 13.63 5.26 -8.32
C PRO A 434 12.78 4.36 -7.43
N ILE A 435 12.99 4.52 -6.12
CA ILE A 435 12.21 3.77 -5.13
C ILE A 435 10.89 4.49 -4.90
N LYS A 436 9.79 3.77 -5.08
CA LYS A 436 8.46 4.36 -4.99
C LYS A 436 7.88 4.14 -3.60
N ARG A 437 7.50 5.23 -2.94
CA ARG A 437 6.84 5.19 -1.65
C ARG A 437 5.44 5.76 -1.77
N THR A 438 4.50 5.18 -1.05
CA THR A 438 3.12 5.64 -1.08
C THR A 438 2.89 6.67 0.02
N ALA A 439 1.71 7.30 -0.02
CA ALA A 439 1.37 8.29 1.00
C ALA A 439 1.15 7.64 2.35
N VAL A 440 0.60 6.42 2.37
CA VAL A 440 0.41 5.72 3.63
C VAL A 440 1.75 5.46 4.31
N GLU A 441 2.79 5.17 3.53
CA GLU A 441 4.12 4.98 4.11
C GLU A 441 4.65 6.27 4.71
N LYS A 442 4.46 7.38 4.01
CA LYS A 442 4.93 8.67 4.52
C LYS A 442 4.15 9.13 5.74
N ILE A 443 2.92 8.64 5.91
CA ILE A 443 2.20 8.92 7.15
C ILE A 443 2.67 7.97 8.27
N ILE A 444 2.96 6.72 7.91
CA ILE A 444 3.41 5.73 8.89
C ILE A 444 4.75 6.12 9.47
N ASN A 445 5.62 6.74 8.67
CA ASN A 445 6.92 7.18 9.19
C ASN A 445 6.75 8.20 10.31
N ARG A 446 5.88 9.19 10.09
CA ARG A 446 5.64 10.19 11.13
C ARG A 446 4.90 9.61 12.33
N GLN A 447 3.99 8.67 12.09
CA GLN A 447 3.36 7.98 13.22
C GLN A 447 4.39 7.23 14.05
N ILE A 448 5.37 6.61 13.39
CA ILE A 448 6.42 5.88 14.09
C ILE A 448 7.29 6.84 14.89
N ILE A 449 7.59 8.02 14.32
CA ILE A 449 8.35 9.02 15.07
C ILE A 449 7.59 9.44 16.33
N ALA A 450 6.29 9.69 16.19
CA ALA A 450 5.48 10.09 17.34
C ALA A 450 5.43 8.98 18.39
N LEU A 451 5.26 7.74 17.94
CA LEU A 451 5.20 6.62 18.88
C LEU A 451 6.54 6.40 19.57
N PHE A 452 7.65 6.66 18.87
CA PHE A 452 8.96 6.57 19.50
C PHE A 452 9.13 7.65 20.56
N THR A 453 8.63 8.86 20.29
CA THR A 453 8.69 9.91 21.31
C THR A 453 7.87 9.53 22.53
N VAL A 454 6.67 8.97 22.31
CA VAL A 454 5.85 8.50 23.44
C VAL A 454 6.57 7.41 24.21
N LEU A 455 7.23 6.51 23.50
CA LEU A 455 7.98 5.43 24.16
C LEU A 455 9.11 5.99 25.01
N ILE A 456 9.84 6.98 24.48
CA ILE A 456 10.93 7.58 25.25
C ILE A 456 10.38 8.28 26.49
N VAL A 457 9.23 8.94 26.36
CA VAL A 457 8.61 9.59 27.51
C VAL A 457 8.29 8.56 28.59
N LEU A 458 7.68 7.44 28.19
CA LEU A 458 7.32 6.41 29.17
C LEU A 458 8.57 5.82 29.82
N ILE A 459 9.60 5.54 29.04
CA ILE A 459 10.83 4.97 29.58
C ILE A 459 11.45 5.93 30.58
N LEU A 460 11.52 7.21 30.23
CA LEU A 460 12.13 8.18 31.13
C LEU A 460 11.33 8.32 32.42
N ILE A 461 10.00 8.37 32.33
CA ILE A 461 9.17 8.45 33.52
C ILE A 461 9.42 7.26 34.42
N SER A 462 9.39 6.04 33.85
CA SER A 462 9.53 4.85 34.67
C SER A 462 10.92 4.76 35.30
N SER A 463 11.96 5.12 34.56
CA SER A 463 13.31 5.03 35.10
C SER A 463 13.53 6.07 36.20
N ILE A 464 13.02 7.28 36.01
CA ILE A 464 13.14 8.30 37.05
C ILE A 464 12.39 7.85 38.30
N GLY A 465 11.19 7.30 38.13
CA GLY A 465 10.46 6.79 39.29
C GLY A 465 11.21 5.70 40.01
N ASN A 466 11.81 4.77 39.25
CA ASN A 466 12.56 3.67 39.86
C ASN A 466 13.75 4.17 40.65
N VAL A 467 14.54 5.08 40.07
CA VAL A 467 15.73 5.55 40.76
C VAL A 467 15.35 6.39 41.97
N ILE A 468 14.28 7.19 41.86
CA ILE A 468 13.84 8.00 42.99
C ILE A 468 13.37 7.11 44.13
N MET A 469 12.63 6.05 43.82
CA MET A 469 12.14 5.16 44.87
C MET A 469 13.30 4.38 45.51
N SER A 470 14.23 3.90 44.70
CA SER A 470 15.37 3.16 45.25
C SER A 470 16.31 4.05 46.04
N THR A 471 16.31 5.36 45.79
CA THR A 471 17.10 6.26 46.61
C THR A 471 16.37 6.66 47.88
N ALA A 472 15.05 6.84 47.81
CA ALA A 472 14.29 7.25 48.98
C ALA A 472 14.07 6.10 49.94
N ASP A 473 13.33 5.07 49.52
CA ASP A 473 12.99 3.95 50.39
C ASP A 473 14.13 2.93 50.43
N ALA A 474 15.31 3.42 50.83
CA ALA A 474 16.45 2.53 50.99
C ALA A 474 16.32 1.66 52.23
N LYS A 475 15.57 2.13 53.24
CA LYS A 475 15.43 1.37 54.48
C LYS A 475 14.30 0.35 54.37
N HIS A 476 13.20 0.71 53.73
CA HIS A 476 12.05 -0.18 53.63
C HIS A 476 12.22 -1.23 52.54
N LEU A 477 13.22 -1.09 51.67
CA LEU A 477 13.55 -2.08 50.66
C LEU A 477 14.81 -2.86 51.01
N SER A 478 15.03 -3.14 52.28
CA SER A 478 16.19 -3.91 52.70
C SER A 478 16.00 -5.41 52.55
N TYR A 479 14.77 -5.87 52.34
CA TYR A 479 14.51 -7.28 52.11
C TYR A 479 14.75 -7.69 50.67
N LEU A 480 15.12 -6.76 49.79
CA LEU A 480 15.50 -7.07 48.42
C LEU A 480 17.01 -7.06 48.22
N TYR A 481 17.78 -6.65 49.22
CA TYR A 481 19.24 -6.57 49.14
C TYR A 481 19.68 -5.74 47.93
N LEU A 482 19.16 -4.53 47.85
CA LEU A 482 19.52 -3.63 46.76
C LEU A 482 21.00 -3.26 46.85
N GLU A 483 21.66 -3.24 45.69
CA GLU A 483 23.10 -2.99 45.66
C GLU A 483 23.42 -1.55 46.06
N GLY A 484 22.91 -0.59 45.29
CA GLY A 484 23.17 0.80 45.58
C GLY A 484 24.61 1.22 45.42
N THR A 485 25.41 0.45 44.68
CA THR A 485 26.81 0.80 44.50
C THR A 485 26.97 1.99 43.56
N ASN A 486 26.19 2.03 42.48
CA ASN A 486 26.25 3.11 41.52
C ASN A 486 24.85 3.47 41.07
N LYS A 487 24.65 4.75 40.75
CA LYS A 487 23.36 5.20 40.24
C LYS A 487 23.24 4.96 38.74
N ALA A 488 24.28 5.29 37.98
CA ALA A 488 24.23 5.07 36.54
C ALA A 488 24.21 3.59 36.20
N GLY A 489 24.93 2.77 36.96
CA GLY A 489 24.96 1.34 36.70
C GLY A 489 23.59 0.69 36.81
N LEU A 490 22.70 1.29 37.59
CA LEU A 490 21.32 0.81 37.68
C LEU A 490 20.40 1.53 36.71
N PHE A 491 20.64 2.81 36.47
CA PHE A 491 19.78 3.58 35.57
C PHE A 491 19.90 3.10 34.13
N PHE A 492 21.13 2.94 33.65
CA PHE A 492 21.34 2.49 32.28
C PHE A 492 21.00 1.02 32.08
N LYS A 493 20.56 0.32 33.12
CA LYS A 493 20.04 -1.03 33.00
C LYS A 493 18.51 -1.07 33.09
N ASP A 494 17.92 -0.31 34.00
CA ASP A 494 16.47 -0.21 34.01
C ASP A 494 15.95 0.48 32.75
N PHE A 495 16.75 1.37 32.17
CA PHE A 495 16.41 1.94 30.87
C PHE A 495 16.20 0.85 29.83
N LEU A 496 17.16 -0.08 29.73
CA LEU A 496 17.05 -1.15 28.75
C LEU A 496 15.90 -2.09 29.08
N THR A 497 15.70 -2.39 30.38
CA THR A 497 14.59 -3.27 30.75
C THR A 497 13.26 -2.67 30.35
N PHE A 498 13.06 -1.37 30.60
CA PHE A 498 11.81 -0.74 30.23
C PHE A 498 11.68 -0.60 28.72
N TRP A 499 12.79 -0.39 28.02
CA TRP A 499 12.76 -0.39 26.55
C TRP A 499 12.22 -1.72 26.04
N ILE A 500 12.79 -2.83 26.52
CA ILE A 500 12.35 -4.14 26.03
C ILE A 500 10.93 -4.43 26.49
N LEU A 501 10.50 -3.88 27.63
CA LEU A 501 9.16 -4.14 28.12
C LEU A 501 8.11 -3.37 27.35
N PHE A 502 8.42 -2.15 26.92
CA PHE A 502 7.44 -1.27 26.30
C PHE A 502 7.61 -1.13 24.79
N SER A 503 8.60 -1.78 24.18
CA SER A 503 8.81 -1.63 22.74
C SER A 503 7.75 -2.33 21.90
N ASN A 504 6.75 -2.95 22.51
CA ASN A 504 5.69 -3.59 21.72
C ASN A 504 4.75 -2.59 21.08
N LEU A 505 4.94 -1.30 21.30
CA LEU A 505 4.08 -0.29 20.66
C LEU A 505 4.27 -0.27 19.15
N VAL A 506 5.48 -0.58 18.69
CA VAL A 506 5.76 -0.69 17.26
C VAL A 506 6.07 -2.15 16.94
N PRO A 507 5.06 -2.99 16.75
CA PRO A 507 5.31 -4.42 16.55
C PRO A 507 5.77 -4.71 15.12
N ILE A 508 6.29 -5.92 14.95
CA ILE A 508 6.69 -6.39 13.63
C ILE A 508 5.62 -7.28 12.99
N SER A 509 4.72 -7.86 13.79
CA SER A 509 3.60 -8.60 13.21
C SER A 509 2.75 -7.69 12.33
N LEU A 510 2.58 -6.43 12.74
CA LEU A 510 1.89 -5.47 11.89
C LEU A 510 2.61 -5.28 10.56
N PHE A 511 3.94 -5.15 10.61
CA PHE A 511 4.70 -4.86 9.40
C PHE A 511 4.88 -6.08 8.51
N VAL A 512 4.56 -7.28 8.99
CA VAL A 512 4.50 -8.42 8.08
C VAL A 512 3.07 -8.67 7.59
N THR A 513 2.07 -8.40 8.43
CA THR A 513 0.69 -8.58 7.99
C THR A 513 0.29 -7.53 6.96
N VAL A 514 0.87 -6.33 7.02
CA VAL A 514 0.57 -5.34 6.00
C VAL A 514 1.07 -5.82 4.64
N GLU A 515 2.26 -6.43 4.61
CA GLU A 515 2.80 -6.93 3.35
C GLU A 515 1.98 -8.11 2.84
N LEU A 516 1.61 -9.03 3.74
CA LEU A 516 0.78 -10.15 3.33
C LEU A 516 -0.57 -9.67 2.80
N ILE A 517 -1.16 -8.67 3.44
CA ILE A 517 -2.46 -8.16 3.00
C ILE A 517 -2.33 -7.47 1.65
N LYS A 518 -1.26 -6.71 1.44
CA LYS A 518 -1.07 -6.05 0.14
C LYS A 518 -0.85 -7.08 -0.96
N TYR A 519 -0.09 -8.14 -0.68
CA TYR A 519 0.10 -9.18 -1.68
C TYR A 519 -1.21 -9.89 -2.01
N TYR A 520 -2.00 -10.21 -0.98
CA TYR A 520 -3.28 -10.86 -1.25
C TYR A 520 -4.25 -9.93 -1.98
N GLN A 521 -4.17 -8.63 -1.72
CA GLN A 521 -5.00 -7.68 -2.44
C GLN A 521 -4.59 -7.59 -3.91
N ALA A 522 -3.29 -7.63 -4.18
CA ALA A 522 -2.84 -7.68 -5.56
C ALA A 522 -3.32 -8.95 -6.24
N PHE A 523 -3.27 -10.08 -5.54
CA PHE A 523 -3.77 -11.33 -6.09
C PHE A 523 -5.26 -11.25 -6.39
N MET A 524 -6.02 -10.59 -5.51
CA MET A 524 -7.46 -10.46 -5.74
C MET A 524 -7.77 -9.52 -6.89
N ILE A 525 -6.99 -8.44 -7.03
CA ILE A 525 -7.17 -7.52 -8.14
C ILE A 525 -6.90 -8.23 -9.47
N GLY A 526 -5.81 -8.98 -9.53
CA GLY A 526 -5.47 -9.69 -10.76
C GLY A 526 -6.24 -10.97 -10.95
N SER A 527 -7.47 -11.04 -10.44
CA SER A 527 -8.27 -12.25 -10.54
C SER A 527 -9.74 -11.98 -10.85
N ASP A 528 -10.05 -10.82 -11.42
CA ASP A 528 -11.43 -10.43 -11.69
C ASP A 528 -11.75 -10.64 -13.16
N LEU A 529 -12.98 -11.10 -13.43
CA LEU A 529 -13.40 -11.32 -14.81
C LEU A 529 -13.64 -9.99 -15.53
N ASP A 530 -14.20 -9.01 -14.82
CA ASP A 530 -14.45 -7.70 -15.43
C ASP A 530 -13.18 -6.95 -15.76
N LEU A 531 -12.01 -7.47 -15.37
CA LEU A 531 -10.73 -6.92 -15.80
C LEU A 531 -9.98 -7.88 -16.72
N TYR A 532 -10.68 -8.87 -17.27
CA TYR A 532 -10.09 -9.86 -18.16
C TYR A 532 -10.50 -9.55 -19.60
N TYR A 533 -9.52 -9.57 -20.50
CA TYR A 533 -9.72 -9.21 -21.91
C TYR A 533 -9.63 -10.50 -22.73
N GLU A 534 -10.79 -11.07 -23.05
CA GLU A 534 -10.84 -12.40 -23.66
C GLU A 534 -10.45 -12.41 -25.13
N LYS A 535 -10.08 -11.27 -25.72
CA LYS A 535 -9.63 -11.28 -27.10
C LYS A 535 -8.20 -11.81 -27.21
N THR A 536 -7.26 -11.20 -26.49
CA THR A 536 -5.88 -11.65 -26.45
C THR A 536 -5.61 -12.60 -25.29
N ASP A 537 -6.62 -12.91 -24.49
CA ASP A 537 -6.50 -13.84 -23.36
C ASP A 537 -5.40 -13.40 -22.40
N THR A 538 -5.43 -12.11 -22.04
CA THR A 538 -4.43 -11.52 -21.16
C THR A 538 -5.13 -10.81 -20.00
N PRO A 539 -5.23 -11.44 -18.85
CA PRO A 539 -5.80 -10.77 -17.68
C PRO A 539 -4.79 -9.79 -17.07
N THR A 540 -5.31 -8.90 -16.22
CA THR A 540 -4.47 -7.91 -15.59
C THR A 540 -3.64 -8.54 -14.47
N VAL A 541 -2.46 -8.00 -14.26
CA VAL A 541 -1.54 -8.48 -13.23
C VAL A 541 -0.90 -7.29 -12.53
N VAL A 542 -0.84 -7.35 -11.20
CA VAL A 542 -0.26 -6.30 -10.39
C VAL A 542 1.18 -6.72 -10.08
N ARG A 543 2.13 -6.13 -10.80
CA ARG A 543 3.54 -6.48 -10.64
C ARG A 543 4.20 -5.80 -9.45
N THR A 544 3.46 -4.97 -8.70
CA THR A 544 3.99 -4.34 -7.49
C THR A 544 2.81 -4.10 -6.55
N SER A 545 2.69 -4.96 -5.54
CA SER A 545 1.56 -4.85 -4.63
C SER A 545 1.70 -3.66 -3.69
N SER A 546 2.92 -3.28 -3.35
CA SER A 546 3.16 -2.24 -2.36
C SER A 546 2.66 -0.86 -2.81
N LEU A 547 1.96 -0.80 -3.93
CA LEU A 547 1.40 0.44 -4.43
C LEU A 547 -0.11 0.39 -4.62
N VAL A 548 -0.76 -0.75 -4.36
CA VAL A 548 -2.20 -0.85 -4.60
C VAL A 548 -2.96 0.17 -3.76
N GLU A 549 -2.42 0.54 -2.60
CA GLU A 549 -3.09 1.51 -1.73
C GLU A 549 -3.25 2.87 -2.40
N GLU A 550 -2.46 3.16 -3.43
CA GLU A 550 -2.60 4.43 -4.14
C GLU A 550 -3.76 4.41 -5.12
N LEU A 551 -4.25 3.23 -5.52
CA LEU A 551 -5.32 3.16 -6.50
C LEU A 551 -6.61 3.84 -6.05
N GLY A 552 -6.71 4.21 -4.79
CA GLY A 552 -7.86 4.92 -4.27
C GLY A 552 -7.66 6.41 -4.04
N GLN A 553 -6.54 6.97 -4.45
CA GLN A 553 -6.29 8.39 -4.24
C GLN A 553 -5.47 8.95 -5.41
N ILE A 554 -6.00 8.81 -6.62
CA ILE A 554 -5.37 9.34 -7.82
C ILE A 554 -6.06 10.63 -8.21
N GLU A 555 -5.27 11.63 -8.61
CA GLU A 555 -5.81 12.93 -9.00
C GLU A 555 -5.51 13.32 -10.43
N TYR A 556 -4.36 12.91 -10.98
CA TYR A 556 -4.02 13.17 -12.36
C TYR A 556 -3.85 11.87 -13.13
N ILE A 557 -4.00 11.94 -14.44
CA ILE A 557 -3.79 10.80 -15.33
C ILE A 557 -3.06 11.29 -16.57
N PHE A 558 -1.86 10.79 -16.80
CA PHE A 558 -1.08 11.11 -17.99
C PHE A 558 -1.11 9.91 -18.93
N SER A 559 -1.54 10.15 -20.17
CA SER A 559 -1.78 9.07 -21.11
C SER A 559 -1.17 9.39 -22.47
N ASP A 560 -0.69 8.36 -23.15
CA ASP A 560 -0.21 8.46 -24.52
C ASP A 560 -1.34 8.11 -25.47
N LYS A 561 -1.32 8.73 -26.65
CA LYS A 561 -2.45 8.66 -27.57
C LYS A 561 -2.61 7.27 -28.20
N THR A 562 -1.81 6.98 -29.22
CA THR A 562 -1.99 5.74 -29.97
C THR A 562 -1.61 4.52 -29.15
N GLY A 563 -2.38 3.46 -29.30
CA GLY A 563 -2.22 2.23 -28.54
C GLY A 563 -3.07 2.16 -27.29
N THR A 564 -3.11 3.25 -26.52
CA THR A 564 -3.91 3.30 -25.31
C THR A 564 -5.32 3.81 -25.59
N LEU A 565 -5.44 5.01 -26.14
CA LEU A 565 -6.72 5.58 -26.52
C LEU A 565 -7.14 5.13 -27.92
N THR A 566 -6.27 5.33 -28.91
CA THR A 566 -6.57 5.06 -30.30
C THR A 566 -5.85 3.79 -30.74
N ARG A 567 -6.60 2.88 -31.38
CA ARG A 567 -5.95 1.77 -32.06
C ARG A 567 -5.26 2.29 -33.32
N ASN A 568 -4.05 1.78 -33.56
CA ASN A 568 -3.26 2.26 -34.69
C ASN A 568 -3.83 1.75 -36.00
N ILE A 569 -5.11 2.01 -36.25
CA ILE A 569 -5.82 1.50 -37.42
C ILE A 569 -6.69 2.63 -37.96
N MET A 570 -6.29 3.22 -39.08
CA MET A 570 -7.10 4.19 -39.78
C MET A 570 -7.88 3.49 -40.89
N GLU A 571 -9.14 3.88 -41.06
CA GLU A 571 -10.06 3.18 -41.97
C GLU A 571 -10.77 4.18 -42.86
N PHE A 572 -10.69 3.95 -44.17
CA PHE A 572 -11.53 4.66 -45.15
C PHE A 572 -12.99 4.34 -44.88
N LYS A 573 -13.79 5.34 -44.54
CA LYS A 573 -15.17 5.13 -44.09
C LYS A 573 -16.20 5.50 -45.15
N SER A 574 -16.07 6.69 -45.75
CA SER A 574 -17.09 7.21 -46.64
C SER A 574 -16.45 7.92 -47.83
N CYS A 575 -17.15 7.86 -48.95
CA CYS A 575 -16.82 8.66 -50.13
C CYS A 575 -18.07 9.36 -50.63
N SER A 576 -17.87 10.50 -51.29
CA SER A 576 -18.96 11.27 -51.86
C SER A 576 -18.60 11.69 -53.27
N ILE A 577 -19.25 11.09 -54.26
CA ILE A 577 -18.96 11.34 -55.67
C ILE A 577 -20.27 11.49 -56.43
N ALA A 578 -20.24 12.34 -57.46
CA ALA A 578 -21.41 12.67 -58.27
C ALA A 578 -22.56 13.19 -57.42
N GLY A 579 -22.26 13.93 -56.37
CA GLY A 579 -23.26 14.49 -55.49
C GLY A 579 -23.94 13.53 -54.55
N HIS A 580 -23.54 12.26 -54.54
CA HIS A 580 -24.09 11.25 -53.65
C HIS A 580 -23.15 11.03 -52.47
N CYS A 581 -23.48 10.04 -51.64
CA CYS A 581 -22.63 9.65 -50.52
C CYS A 581 -22.89 8.18 -50.21
N TYR A 582 -21.82 7.44 -49.94
CA TYR A 582 -21.90 5.98 -49.80
C TYR A 582 -21.11 5.53 -48.59
N ILE A 583 -21.73 4.67 -47.78
CA ILE A 583 -21.03 3.86 -46.78
C ILE A 583 -21.57 2.44 -46.85
N ASP A 584 -20.80 1.51 -46.27
CA ASP A 584 -21.23 0.13 -46.19
C ASP A 584 -22.20 -0.10 -45.04
N LYS A 585 -21.81 0.22 -43.82
CA LYS A 585 -22.66 0.09 -42.65
C LYS A 585 -23.51 1.36 -42.54
N ILE A 586 -24.69 1.32 -43.15
CA ILE A 586 -25.62 2.45 -43.04
C ILE A 586 -26.34 2.40 -41.70
N PRO A 587 -26.36 3.47 -40.92
CA PRO A 587 -27.18 3.46 -39.69
C PRO A 587 -28.63 3.80 -39.98
N GLU A 588 -29.54 3.36 -39.11
CA GLU A 588 -30.97 3.45 -39.38
C GLU A 588 -31.57 4.78 -38.93
N ASP A 589 -30.75 5.67 -38.40
CA ASP A 589 -31.26 6.99 -38.00
C ASP A 589 -31.55 7.86 -39.21
N LYS A 590 -30.70 7.79 -40.23
CA LYS A 590 -30.90 8.57 -41.44
C LYS A 590 -30.64 7.74 -42.69
N THR A 591 -31.03 6.47 -42.68
CA THR A 591 -30.97 5.65 -43.89
C THR A 591 -31.87 6.20 -44.99
N ALA A 592 -33.05 6.70 -44.61
CA ALA A 592 -33.93 7.34 -45.58
C ALA A 592 -33.33 8.66 -46.04
N THR A 593 -32.76 8.65 -47.25
CA THR A 593 -32.34 9.87 -47.93
C THR A 593 -33.57 10.69 -48.30
N VAL A 594 -33.69 11.88 -47.72
CA VAL A 594 -34.94 12.62 -47.81
C VAL A 594 -35.09 13.31 -49.16
N GLU A 595 -34.01 13.41 -49.94
CA GLU A 595 -33.99 14.08 -51.24
C GLU A 595 -34.49 15.53 -51.14
N ASP A 596 -34.05 16.22 -50.08
CA ASP A 596 -34.40 17.62 -49.87
C ASP A 596 -33.54 18.50 -50.79
N GLY A 597 -33.94 18.53 -52.06
CA GLY A 597 -33.16 19.22 -53.07
C GLY A 597 -31.84 18.52 -53.34
N ILE A 598 -30.75 19.07 -52.83
CA ILE A 598 -29.46 18.38 -52.88
C ILE A 598 -29.57 17.10 -52.07
N GLU A 599 -29.05 16.01 -52.63
CA GLU A 599 -29.17 14.70 -51.97
C GLU A 599 -28.27 14.65 -50.75
N VAL A 600 -28.88 14.38 -49.59
CA VAL A 600 -28.15 14.08 -48.36
C VAL A 600 -28.69 12.78 -47.80
N GLY A 601 -27.79 11.89 -47.38
CA GLY A 601 -28.14 10.60 -46.83
C GLY A 601 -27.02 9.62 -47.02
N TYR A 602 -27.35 8.33 -46.87
CA TYR A 602 -26.35 7.27 -46.93
C TYR A 602 -26.88 6.14 -47.81
N ARG A 603 -26.07 5.75 -48.79
CA ARG A 603 -26.35 4.61 -49.64
C ARG A 603 -25.23 3.58 -49.55
N LYS A 604 -25.54 2.36 -49.97
CA LYS A 604 -24.61 1.26 -49.84
C LYS A 604 -23.51 1.33 -50.90
N PHE A 605 -22.42 0.60 -50.65
CA PHE A 605 -21.36 0.47 -51.64
C PHE A 605 -21.80 -0.42 -52.80
N ASP A 606 -22.82 -1.26 -52.57
CA ASP A 606 -23.37 -2.06 -53.65
C ASP A 606 -23.98 -1.18 -54.74
N ASP A 607 -24.68 -0.11 -54.35
CA ASP A 607 -25.25 0.78 -55.35
C ASP A 607 -24.15 1.62 -56.00
N LEU A 608 -23.00 1.75 -55.32
CA LEU A 608 -21.84 2.37 -55.94
C LEU A 608 -21.29 1.49 -57.05
N LYS A 609 -21.26 0.17 -56.80
CA LYS A 609 -20.74 -0.71 -57.84
C LYS A 609 -21.77 -0.84 -58.96
N LYS A 610 -23.06 -0.67 -58.64
CA LYS A 610 -24.08 -0.78 -59.67
C LYS A 610 -24.13 0.45 -60.58
N LYS A 611 -23.83 1.65 -60.04
CA LYS A 611 -23.65 2.80 -60.94
C LYS A 611 -22.23 2.85 -61.51
N LEU A 612 -21.35 1.95 -61.09
CA LEU A 612 -20.05 1.85 -61.74
C LEU A 612 -20.07 0.88 -62.92
N ASN A 613 -20.89 -0.17 -62.82
CA ASN A 613 -20.89 -1.25 -63.80
C ASN A 613 -21.44 -0.85 -65.16
N ASP A 614 -22.69 -0.41 -65.24
CA ASP A 614 -23.29 -0.10 -66.53
C ASP A 614 -22.69 1.17 -67.13
N PRO A 615 -22.33 1.18 -68.42
CA PRO A 615 -21.65 2.34 -69.00
C PRO A 615 -22.57 3.48 -69.39
N SER A 616 -23.89 3.30 -69.31
CA SER A 616 -24.82 4.32 -69.76
C SER A 616 -24.86 5.54 -68.86
N ASP A 617 -24.38 5.42 -67.63
CA ASP A 617 -24.40 6.57 -66.73
C ASP A 617 -23.27 7.54 -67.06
N GLU A 618 -23.56 8.84 -66.87
CA GLU A 618 -22.57 9.88 -67.14
C GLU A 618 -21.43 9.88 -66.12
N ASP A 619 -21.71 9.57 -64.87
CA ASP A 619 -20.74 9.68 -63.78
C ASP A 619 -19.71 8.56 -63.75
N SER A 620 -19.90 7.48 -64.52
CA SER A 620 -18.99 6.35 -64.43
C SER A 620 -17.56 6.65 -64.89
N PRO A 621 -17.32 7.53 -65.87
CA PRO A 621 -15.94 8.01 -66.07
C PRO A 621 -15.45 8.82 -64.89
N ILE A 622 -16.35 9.42 -64.11
CA ILE A 622 -15.91 10.18 -62.96
C ILE A 622 -15.71 9.23 -61.80
N ILE A 623 -16.51 8.16 -61.75
CA ILE A 623 -16.40 7.21 -60.66
C ILE A 623 -15.10 6.41 -60.78
N ASN A 624 -14.77 5.94 -62.00
CA ASN A 624 -13.52 5.21 -62.14
C ASN A 624 -12.31 6.14 -62.08
N ASP A 625 -12.44 7.40 -62.54
CA ASP A 625 -11.33 8.32 -62.35
C ASP A 625 -11.10 8.64 -60.88
N PHE A 626 -12.19 8.65 -60.09
CA PHE A 626 -12.06 8.71 -58.64
C PHE A 626 -11.32 7.50 -58.09
N LEU A 627 -11.72 6.30 -58.52
CA LEU A 627 -11.15 5.12 -57.89
C LEU A 627 -9.71 4.89 -58.34
N THR A 628 -9.34 5.46 -59.49
CA THR A 628 -7.92 5.45 -59.87
C THR A 628 -7.16 6.52 -59.13
N LEU A 629 -7.80 7.62 -58.75
CA LEU A 629 -7.09 8.60 -57.94
C LEU A 629 -6.85 8.04 -56.56
N LEU A 630 -7.77 7.18 -56.11
CA LEU A 630 -7.60 6.44 -54.86
C LEU A 630 -6.48 5.40 -54.95
N ALA A 631 -6.37 4.69 -56.08
CA ALA A 631 -5.47 3.54 -56.15
C ALA A 631 -4.15 3.85 -56.85
N THR A 632 -3.91 5.10 -57.24
CA THR A 632 -2.70 5.40 -57.99
C THR A 632 -1.93 6.60 -57.44
N CYS A 633 -2.64 7.58 -56.90
CA CYS A 633 -2.00 8.83 -56.50
C CYS A 633 -1.11 8.66 -55.25
N HIS A 634 -1.25 7.54 -54.54
CA HIS A 634 -0.55 7.37 -53.28
C HIS A 634 0.95 7.12 -53.49
N THR A 635 1.65 6.87 -52.38
CA THR A 635 3.07 6.50 -52.36
C THR A 635 3.25 5.32 -51.39
N VAL A 636 2.37 4.33 -51.49
CA VAL A 636 2.41 3.16 -50.62
C VAL A 636 3.30 2.09 -51.26
N ILE A 637 4.09 1.43 -50.43
CA ILE A 637 4.98 0.36 -50.87
C ILE A 637 4.36 -0.98 -50.49
N PRO A 638 3.84 -1.76 -51.44
CA PRO A 638 3.21 -3.03 -51.09
C PRO A 638 4.25 -4.12 -50.87
N GLU A 639 3.82 -5.18 -50.19
CA GLU A 639 4.66 -6.36 -50.02
C GLU A 639 3.77 -7.59 -49.91
N PHE A 640 4.25 -8.71 -50.45
CA PHE A 640 3.51 -9.96 -50.42
C PHE A 640 3.98 -10.81 -49.24
N GLN A 641 3.12 -11.74 -48.82
CA GLN A 641 3.43 -12.70 -47.79
C GLN A 641 3.23 -14.11 -48.31
N SER A 642 3.59 -15.10 -47.49
CA SER A 642 3.49 -16.49 -47.92
C SER A 642 2.03 -16.94 -48.01
N ASP A 643 1.15 -16.33 -47.21
CA ASP A 643 -0.27 -16.61 -47.26
C ASP A 643 -0.95 -16.02 -48.48
N GLY A 644 -0.34 -15.01 -49.11
CA GLY A 644 -0.92 -14.31 -50.23
C GLY A 644 -1.61 -13.01 -49.89
N SER A 645 -1.97 -12.80 -48.63
CA SER A 645 -2.56 -11.53 -48.22
C SER A 645 -1.49 -10.44 -48.22
N ILE A 646 -1.65 -9.48 -49.13
CA ILE A 646 -0.66 -8.44 -49.37
C ILE A 646 -0.79 -7.37 -48.30
N LYS A 647 0.34 -6.99 -47.70
CA LYS A 647 0.39 -5.94 -46.69
C LYS A 647 1.00 -4.69 -47.28
N TYR A 648 0.36 -3.54 -47.06
CA TYR A 648 0.82 -2.28 -47.59
C TYR A 648 1.61 -1.54 -46.51
N GLN A 649 2.79 -1.02 -46.88
CA GLN A 649 3.64 -0.24 -46.00
C GLN A 649 3.59 1.20 -46.49
N ALA A 650 2.81 2.03 -45.80
CA ALA A 650 2.55 3.40 -46.21
C ALA A 650 3.25 4.36 -45.27
N ALA A 651 3.84 5.42 -45.85
CA ALA A 651 4.52 6.42 -45.03
C ALA A 651 3.53 7.29 -44.29
N SER A 652 2.26 7.27 -44.69
CA SER A 652 1.20 7.95 -43.97
C SER A 652 0.00 7.05 -43.87
N PRO A 653 -0.66 6.97 -42.71
CA PRO A 653 -1.76 5.99 -42.56
C PRO A 653 -3.02 6.35 -43.31
N ASP A 654 -3.18 7.62 -43.72
CA ASP A 654 -4.36 7.98 -44.48
C ASP A 654 -4.23 7.49 -45.92
N GLU A 655 -3.04 7.57 -46.50
CA GLU A 655 -2.84 7.04 -47.84
C GLU A 655 -2.99 5.53 -47.83
N GLY A 656 -2.56 4.87 -46.75
CA GLY A 656 -2.74 3.45 -46.65
C GLY A 656 -4.19 3.05 -46.47
N ALA A 657 -4.98 3.88 -45.80
CA ALA A 657 -6.40 3.57 -45.66
C ALA A 657 -7.14 3.87 -46.95
N LEU A 658 -6.62 4.79 -47.75
CA LEU A 658 -7.22 5.05 -49.06
C LEU A 658 -6.92 3.89 -50.00
N VAL A 659 -5.71 3.33 -49.91
CA VAL A 659 -5.36 2.20 -50.75
C VAL A 659 -6.18 0.98 -50.35
N GLN A 660 -6.34 0.73 -49.05
CA GLN A 660 -7.19 -0.38 -48.63
C GLN A 660 -8.66 -0.15 -48.98
N GLY A 661 -9.10 1.11 -49.01
CA GLY A 661 -10.47 1.38 -49.44
C GLY A 661 -10.66 1.17 -50.93
N GLY A 662 -9.63 1.44 -51.73
CA GLY A 662 -9.72 1.09 -53.14
C GLY A 662 -9.52 -0.39 -53.40
N ALA A 663 -8.83 -1.08 -52.49
CA ALA A 663 -8.48 -2.48 -52.64
C ALA A 663 -9.68 -3.39 -52.33
N ASP A 664 -10.42 -3.08 -51.26
CA ASP A 664 -11.56 -3.92 -50.93
C ASP A 664 -12.76 -3.55 -51.79
N LEU A 665 -12.69 -2.41 -52.47
CA LEU A 665 -13.70 -2.08 -53.46
C LEU A 665 -13.48 -2.77 -54.80
N GLY A 666 -12.26 -3.17 -55.13
CA GLY A 666 -12.01 -3.94 -56.35
C GLY A 666 -10.73 -3.56 -57.07
N TYR A 667 -10.16 -2.41 -56.72
CA TYR A 667 -8.96 -1.89 -57.40
C TYR A 667 -7.76 -2.15 -56.50
N LYS A 668 -7.23 -3.36 -56.55
CA LYS A 668 -6.09 -3.75 -55.73
C LYS A 668 -4.82 -3.12 -56.27
N PHE A 669 -3.99 -2.60 -55.36
CA PHE A 669 -2.72 -2.00 -55.75
C PHE A 669 -1.62 -3.05 -55.61
N ILE A 670 -0.89 -3.30 -56.70
CA ILE A 670 0.17 -4.31 -56.71
C ILE A 670 1.47 -3.72 -57.23
N ILE A 671 2.39 -4.61 -57.61
CA ILE A 671 3.84 -4.36 -57.67
C ILE A 671 4.12 -2.96 -58.18
N ARG A 672 4.92 -2.22 -57.43
CA ARG A 672 5.33 -0.87 -57.79
C ARG A 672 6.80 -0.86 -58.15
N LYS A 673 7.10 -0.70 -59.44
CA LYS A 673 8.44 -0.50 -59.93
C LYS A 673 8.69 1.00 -60.03
N PRO A 674 9.95 1.41 -60.22
CA PRO A 674 10.23 2.84 -60.41
C PRO A 674 9.50 3.39 -61.63
N ASN A 675 8.82 4.51 -61.42
CA ASN A 675 8.26 5.32 -62.51
C ASN A 675 7.17 4.57 -63.27
N SER A 676 6.49 3.63 -62.61
CA SER A 676 5.23 3.10 -63.10
C SER A 676 4.48 2.44 -61.96
N VAL A 677 3.16 2.38 -62.10
CA VAL A 677 2.28 1.82 -61.07
C VAL A 677 1.38 0.78 -61.72
N THR A 678 1.35 -0.43 -61.17
CA THR A 678 0.55 -1.51 -61.72
C THR A 678 -0.66 -1.75 -60.82
N VAL A 679 -1.85 -1.83 -61.43
CA VAL A 679 -3.07 -1.99 -60.65
C VAL A 679 -3.84 -3.22 -61.13
N LEU A 680 -4.19 -4.09 -60.18
CA LEU A 680 -4.98 -5.28 -60.46
C LEU A 680 -6.45 -4.97 -60.23
N LEU A 681 -7.26 -5.12 -61.27
CA LEU A 681 -8.69 -4.79 -61.21
C LEU A 681 -9.50 -6.06 -61.01
N GLU A 682 -10.16 -6.19 -59.85
CA GLU A 682 -10.97 -7.38 -59.58
C GLU A 682 -12.36 -7.30 -60.16
N GLU A 683 -12.80 -6.14 -60.67
CA GLU A 683 -14.10 -6.07 -61.32
C GLU A 683 -14.09 -6.79 -62.67
N THR A 684 -13.16 -6.41 -63.55
CA THR A 684 -13.00 -7.04 -64.85
C THR A 684 -12.03 -8.21 -64.84
N GLY A 685 -11.04 -8.21 -63.96
CA GLY A 685 -9.99 -9.22 -63.98
C GLY A 685 -8.75 -8.84 -64.75
N GLU A 686 -8.73 -7.68 -65.41
CA GLU A 686 -7.57 -7.31 -66.19
C GLU A 686 -6.64 -6.40 -65.38
N GLU A 687 -5.35 -6.63 -65.56
CA GLU A 687 -4.31 -5.90 -64.83
C GLU A 687 -3.85 -4.70 -65.64
N LYS A 688 -4.14 -3.49 -65.16
CA LYS A 688 -3.75 -2.28 -65.85
C LYS A 688 -2.40 -1.79 -65.35
N GLU A 689 -1.96 -0.66 -65.90
CA GLU A 689 -0.69 -0.04 -65.54
C GLU A 689 -0.72 1.42 -65.97
N TYR A 690 -0.10 2.29 -65.17
CA TYR A 690 -0.08 3.72 -65.40
C TYR A 690 1.37 4.21 -65.32
N GLN A 691 1.79 4.98 -66.31
CA GLN A 691 3.15 5.49 -66.39
C GLN A 691 3.24 6.78 -65.58
N LEU A 692 3.92 6.71 -64.44
CA LEU A 692 4.06 7.87 -63.56
C LEU A 692 5.03 8.89 -64.13
N LEU A 693 4.53 10.08 -64.48
CA LEU A 693 5.41 11.13 -64.98
C LEU A 693 6.02 11.94 -63.85
N ASN A 694 5.20 12.55 -63.00
CA ASN A 694 5.82 13.33 -61.92
C ASN A 694 4.87 13.43 -60.75
N ILE A 695 5.45 13.40 -59.54
CA ILE A 695 4.71 13.66 -58.31
C ILE A 695 5.39 14.78 -57.55
N CYS A 696 4.57 15.68 -56.99
CA CYS A 696 5.04 16.72 -56.10
C CYS A 696 4.76 16.27 -54.67
N GLU A 697 5.71 16.47 -53.77
CA GLU A 697 5.61 15.86 -52.46
C GLU A 697 4.54 16.56 -51.63
N PHE A 698 4.10 15.89 -50.57
CA PHE A 698 3.14 16.48 -49.64
C PHE A 698 3.84 17.53 -48.79
N ASN A 699 3.14 18.62 -48.52
CA ASN A 699 3.66 19.70 -47.69
C ASN A 699 2.57 20.21 -46.77
N SER A 700 2.94 20.52 -45.52
CA SER A 700 1.97 21.08 -44.60
C SER A 700 1.60 22.51 -44.97
N THR A 701 2.49 23.23 -45.64
CA THR A 701 2.15 24.56 -46.13
C THR A 701 1.24 24.47 -47.36
N ARG A 702 1.50 23.50 -48.23
CA ARG A 702 0.65 23.30 -49.40
C ARG A 702 -0.66 22.62 -49.01
N LYS A 703 -0.60 21.68 -48.07
CA LYS A 703 -1.65 20.69 -47.80
C LYS A 703 -2.26 20.14 -49.09
N ARG A 704 -1.41 19.91 -50.09
CA ARG A 704 -1.84 19.33 -51.35
C ARG A 704 -0.90 18.19 -51.70
N MET A 705 -1.27 17.42 -52.72
CA MET A 705 -0.40 16.44 -53.35
C MET A 705 -0.83 16.22 -54.79
N SER A 706 0.04 16.59 -55.72
CA SER A 706 -0.27 16.58 -57.14
C SER A 706 0.61 15.56 -57.85
N ALA A 707 0.04 14.94 -58.88
CA ALA A 707 0.72 13.86 -59.59
C ALA A 707 0.23 13.82 -61.02
N ILE A 708 1.09 14.17 -61.96
CA ILE A 708 0.79 14.03 -63.38
C ILE A 708 1.16 12.62 -63.82
N PHE A 709 0.30 12.03 -64.65
CA PHE A 709 0.39 10.63 -65.07
C PHE A 709 0.12 10.53 -66.57
N ARG A 710 0.61 9.43 -67.14
CA ARG A 710 0.32 9.03 -68.52
C ARG A 710 -0.38 7.68 -68.49
N PHE A 711 -1.43 7.56 -69.30
CA PHE A 711 -2.35 6.44 -69.19
C PHE A 711 -2.10 5.43 -70.31
N PRO A 712 -2.74 4.26 -70.25
CA PRO A 712 -2.78 3.40 -71.45
C PRO A 712 -3.47 4.04 -72.63
N ASP A 713 -4.26 5.08 -72.40
CA ASP A 713 -4.88 5.84 -73.48
C ASP A 713 -3.88 6.71 -74.24
N GLY A 714 -2.67 6.89 -73.70
CA GLY A 714 -1.75 7.91 -74.17
C GLY A 714 -2.06 9.31 -73.71
N SER A 715 -3.09 9.49 -72.88
CA SER A 715 -3.49 10.81 -72.43
C SER A 715 -2.81 11.15 -71.10
N ILE A 716 -2.56 12.44 -70.90
CA ILE A 716 -1.87 12.95 -69.72
C ILE A 716 -2.93 13.52 -68.79
N LYS A 717 -3.03 12.96 -67.59
CA LYS A 717 -3.97 13.45 -66.59
C LYS A 717 -3.27 13.82 -65.29
N LEU A 718 -3.78 14.86 -64.64
CA LEU A 718 -3.27 15.33 -63.36
C LEU A 718 -4.26 14.97 -62.27
N PHE A 719 -3.75 14.33 -61.21
CA PHE A 719 -4.51 14.01 -60.01
C PHE A 719 -4.00 14.84 -58.84
N CYS A 720 -4.92 15.35 -58.03
CA CYS A 720 -4.53 16.21 -56.93
C CYS A 720 -5.45 15.98 -55.74
N LYS A 721 -4.86 15.72 -54.57
CA LYS A 721 -5.65 15.55 -53.37
C LYS A 721 -5.18 16.52 -52.31
N GLY A 722 -6.11 17.09 -51.56
CA GLY A 722 -5.74 18.06 -50.54
C GLY A 722 -6.96 18.58 -49.80
N ALA A 723 -6.72 19.49 -48.87
CA ALA A 723 -7.82 20.01 -48.09
C ALA A 723 -8.70 20.92 -48.93
N ASP A 724 -9.93 21.15 -48.44
CA ASP A 724 -10.88 21.98 -49.18
C ASP A 724 -10.50 23.45 -49.13
N THR A 725 -9.70 23.85 -48.15
CA THR A 725 -9.44 25.27 -47.92
C THR A 725 -8.36 25.79 -48.86
N VAL A 726 -7.79 24.92 -49.68
CA VAL A 726 -6.75 25.29 -50.62
C VAL A 726 -7.19 25.05 -52.05
N ILE A 727 -7.87 23.95 -52.34
CA ILE A 727 -8.28 23.62 -53.70
C ILE A 727 -9.62 24.24 -54.05
N LEU A 728 -10.46 24.56 -53.05
CA LEU A 728 -11.75 25.18 -53.39
C LEU A 728 -11.57 26.57 -54.01
N GLU A 729 -10.41 27.20 -53.81
CA GLU A 729 -10.10 28.44 -54.51
C GLU A 729 -9.75 28.21 -55.97
N ARG A 730 -9.34 26.99 -56.33
CA ARG A 730 -8.79 26.72 -57.66
C ARG A 730 -9.70 25.87 -58.54
N LEU A 731 -11.00 26.09 -58.51
CA LEU A 731 -11.88 25.28 -59.36
C LEU A 731 -12.43 26.12 -60.51
N ASP A 732 -13.03 25.43 -61.47
CA ASP A 732 -13.88 26.03 -62.50
C ASP A 732 -15.34 25.72 -62.17
N ASP A 733 -16.04 26.70 -61.61
CA ASP A 733 -17.42 26.48 -61.21
C ASP A 733 -18.38 26.39 -62.39
N GLU A 734 -17.98 26.84 -63.57
CA GLU A 734 -18.81 26.64 -64.76
C GLU A 734 -18.72 25.20 -65.25
N ALA A 735 -17.65 24.49 -64.89
CA ALA A 735 -17.37 23.16 -65.41
C ALA A 735 -18.03 22.07 -64.55
N ASN A 736 -17.83 22.15 -63.24
CA ASN A 736 -18.34 21.11 -62.34
C ASN A 736 -19.70 21.55 -61.79
N GLN A 737 -20.54 20.57 -61.48
CA GLN A 737 -21.93 20.80 -61.09
C GLN A 737 -22.25 20.25 -59.71
N TYR A 738 -21.26 19.74 -58.98
CA TYR A 738 -21.49 19.08 -57.70
C TYR A 738 -20.75 19.71 -56.53
N VAL A 739 -20.53 21.03 -56.55
CA VAL A 739 -19.78 21.65 -55.46
C VAL A 739 -20.65 21.83 -54.23
N GLU A 740 -21.95 22.07 -54.43
CA GLU A 740 -22.83 22.31 -53.30
C GLU A 740 -23.09 21.02 -52.52
N ALA A 741 -23.06 19.87 -53.20
CA ALA A 741 -23.22 18.61 -52.49
C ALA A 741 -21.95 18.27 -51.72
N THR A 742 -20.79 18.59 -52.29
CA THR A 742 -19.53 18.18 -51.66
C THR A 742 -19.18 19.08 -50.50
N MET A 743 -19.57 20.36 -50.52
CA MET A 743 -19.29 21.21 -49.37
C MET A 743 -20.17 20.84 -48.18
N ARG A 744 -21.41 20.43 -48.45
CA ARG A 744 -22.25 19.91 -47.37
C ARG A 744 -21.80 18.52 -46.92
N HIS A 745 -21.19 17.74 -47.80
CA HIS A 745 -20.64 16.47 -47.35
C HIS A 745 -19.34 16.68 -46.57
N LEU A 746 -18.64 17.78 -46.82
CA LEU A 746 -17.49 18.09 -45.99
C LEU A 746 -17.95 18.72 -44.69
N GLU A 747 -19.22 19.14 -44.64
CA GLU A 747 -19.69 19.80 -43.42
C GLU A 747 -20.26 18.76 -42.47
N ASP A 748 -20.93 17.74 -43.00
CA ASP A 748 -21.38 16.69 -42.09
C ASP A 748 -20.26 15.69 -41.82
N TYR A 749 -19.21 15.66 -42.65
CA TYR A 749 -18.01 14.91 -42.28
C TYR A 749 -17.24 15.61 -41.16
N ALA A 750 -17.11 16.95 -41.27
CA ALA A 750 -16.42 17.70 -40.22
C ALA A 750 -17.26 17.81 -38.95
N SER A 751 -18.56 17.55 -39.04
CA SER A 751 -19.39 17.51 -37.85
C SER A 751 -19.22 16.24 -37.03
N GLU A 752 -18.50 15.23 -37.55
CA GLU A 752 -18.18 14.03 -36.80
C GLU A 752 -16.70 13.92 -36.46
N GLY A 753 -15.89 14.91 -36.83
CA GLY A 753 -14.48 14.91 -36.52
C GLY A 753 -13.61 14.00 -37.35
N LEU A 754 -14.10 13.53 -38.49
CA LEU A 754 -13.31 12.70 -39.39
C LEU A 754 -12.40 13.57 -40.23
N ARG A 755 -11.22 13.06 -40.56
CA ARG A 755 -10.30 13.77 -41.43
C ARG A 755 -10.75 13.62 -42.87
N THR A 756 -10.81 14.73 -43.60
CA THR A 756 -11.35 14.77 -44.94
C THR A 756 -10.31 15.23 -45.94
N LEU A 757 -10.50 14.85 -47.21
CA LEU A 757 -9.69 15.32 -48.32
C LEU A 757 -10.52 15.41 -49.57
N CYS A 758 -10.31 16.48 -50.34
CA CYS A 758 -10.94 16.71 -51.62
C CYS A 758 -10.02 16.25 -52.74
N LEU A 759 -10.65 15.69 -53.77
CA LEU A 759 -9.98 15.07 -54.90
C LEU A 759 -10.31 15.82 -56.17
N ALA A 760 -9.29 16.22 -56.92
CA ALA A 760 -9.47 16.99 -58.14
C ALA A 760 -8.64 16.35 -59.25
N MET A 761 -9.02 16.63 -60.49
CA MET A 761 -8.35 16.04 -61.64
C MET A 761 -8.45 17.00 -62.82
N ARG A 762 -7.57 16.78 -63.81
CA ARG A 762 -7.69 17.51 -65.07
C ARG A 762 -6.88 16.83 -66.16
N ASP A 763 -7.49 16.71 -67.34
CA ASP A 763 -6.76 16.34 -68.55
C ASP A 763 -5.90 17.50 -69.01
N ILE A 764 -4.64 17.22 -69.34
CA ILE A 764 -3.74 18.24 -69.87
C ILE A 764 -3.27 17.80 -71.26
N SER A 765 -2.69 18.75 -71.98
CA SER A 765 -2.23 18.54 -73.35
C SER A 765 -0.71 18.37 -73.37
N GLU A 766 -0.20 17.96 -74.53
CA GLU A 766 1.22 17.69 -74.68
C GLU A 766 2.07 18.95 -74.66
N GLY A 767 1.61 20.05 -75.25
CA GLY A 767 2.47 21.23 -75.34
C GLY A 767 2.72 21.91 -74.01
N GLU A 768 1.69 21.95 -73.16
CA GLU A 768 1.89 22.48 -71.81
C GLU A 768 2.66 21.51 -70.93
N TYR A 769 2.60 20.20 -71.22
CA TYR A 769 3.45 19.29 -70.46
C TYR A 769 4.90 19.38 -70.91
N GLU A 770 5.13 19.62 -72.19
CA GLU A 770 6.49 19.81 -72.68
C GLU A 770 7.10 21.10 -72.16
N GLU A 771 6.27 22.11 -71.91
CA GLU A 771 6.79 23.30 -71.24
C GLU A 771 6.95 23.13 -69.73
N TRP A 772 6.02 22.43 -69.07
CA TRP A 772 6.13 22.27 -67.62
C TRP A 772 7.21 21.28 -67.23
N ASN A 773 7.59 20.37 -68.13
CA ASN A 773 8.78 19.56 -67.89
C ASN A 773 10.04 20.39 -67.91
N SER A 774 10.12 21.38 -68.80
CA SER A 774 11.28 22.26 -68.81
C SER A 774 11.25 23.22 -67.62
N ILE A 775 10.07 23.57 -67.13
CA ILE A 775 9.99 24.36 -65.89
C ILE A 775 10.41 23.53 -64.68
N TYR A 776 10.08 22.23 -64.69
CA TYR A 776 10.55 21.35 -63.63
C TYR A 776 12.05 21.11 -63.70
N ASN A 777 12.62 21.08 -64.90
CA ASN A 777 14.08 20.98 -64.96
C ASN A 777 14.75 22.32 -64.71
N GLU A 778 14.02 23.41 -64.85
CA GLU A 778 14.49 24.70 -64.36
C GLU A 778 14.54 24.71 -62.84
N ALA A 779 13.60 24.02 -62.20
CA ALA A 779 13.64 23.95 -60.75
C ALA A 779 14.64 22.88 -60.30
N ALA A 780 14.98 21.95 -61.18
CA ALA A 780 16.04 20.98 -60.92
C ALA A 780 17.43 21.59 -61.08
N THR A 781 17.53 22.69 -61.83
CA THR A 781 18.80 23.40 -62.04
C THR A 781 19.20 24.24 -60.84
N THR A 782 18.23 24.75 -60.08
CA THR A 782 18.52 25.62 -58.95
C THR A 782 18.63 24.79 -57.68
N LEU A 783 19.84 24.33 -57.38
CA LEU A 783 20.17 23.69 -56.12
C LEU A 783 20.27 24.68 -54.96
N ASP A 784 20.45 25.98 -55.22
CA ASP A 784 20.53 26.94 -54.14
C ASP A 784 19.17 27.09 -53.46
N ASN A 785 18.10 27.00 -54.25
CA ASN A 785 16.74 27.12 -53.74
C ASN A 785 15.93 25.93 -54.23
N ARG A 786 15.49 25.08 -53.29
CA ARG A 786 14.76 23.88 -53.65
C ARG A 786 13.44 23.71 -52.92
N ALA A 787 13.32 24.21 -51.69
CA ALA A 787 12.04 24.17 -50.99
C ALA A 787 11.02 25.14 -51.60
N GLU A 788 11.48 26.32 -52.01
CA GLU A 788 10.64 27.36 -52.57
C GLU A 788 10.39 27.21 -54.06
N LYS A 789 11.36 26.69 -54.82
CA LYS A 789 11.28 26.75 -56.28
C LYS A 789 10.36 25.67 -56.84
N LEU A 790 10.53 24.43 -56.39
CA LEU A 790 9.85 23.31 -57.01
C LEU A 790 8.33 23.43 -56.84
N ASP A 791 7.88 23.82 -55.65
CA ASP A 791 6.46 23.69 -55.33
C ASP A 791 5.64 24.75 -56.06
N GLU A 792 6.20 25.96 -56.16
CA GLU A 792 5.51 27.02 -56.90
C GLU A 792 5.77 26.92 -58.40
N ALA A 793 6.80 26.17 -58.80
CA ALA A 793 6.91 25.80 -60.21
C ALA A 793 5.85 24.77 -60.57
N ALA A 794 5.50 23.90 -59.63
CA ALA A 794 4.37 22.99 -59.78
C ALA A 794 3.03 23.72 -59.77
N ASN A 795 2.91 24.77 -58.97
CA ASN A 795 1.65 25.51 -58.87
C ASN A 795 1.32 26.30 -60.12
N LEU A 796 2.23 26.35 -61.10
CA LEU A 796 1.88 26.90 -62.41
C LEU A 796 0.81 26.07 -63.11
N ILE A 797 0.78 24.75 -62.86
CA ILE A 797 -0.15 23.86 -63.56
C ILE A 797 -1.41 23.53 -62.74
N GLU A 798 -1.45 23.89 -61.46
CA GLU A 798 -2.68 23.74 -60.69
C GLU A 798 -3.48 25.05 -60.67
N LYS A 799 -3.53 25.74 -61.81
CA LYS A 799 -4.32 26.96 -61.91
C LYS A 799 -5.81 26.64 -62.03
N ASN A 800 -6.15 25.46 -62.50
CA ASN A 800 -7.53 25.04 -62.68
C ASN A 800 -7.68 23.53 -62.59
N LEU A 801 -8.73 23.09 -61.89
CA LEU A 801 -8.97 21.67 -61.70
C LEU A 801 -10.48 21.41 -61.78
N ILE A 802 -10.85 20.15 -61.89
CA ILE A 802 -12.24 19.72 -61.81
C ILE A 802 -12.40 18.82 -60.58
N LEU A 803 -13.34 19.18 -59.71
CA LEU A 803 -13.54 18.45 -58.47
C LEU A 803 -14.29 17.14 -58.72
N ILE A 804 -13.75 16.04 -58.20
CA ILE A 804 -14.44 14.76 -58.21
C ILE A 804 -15.30 14.58 -56.95
N GLY A 805 -14.78 14.98 -55.80
CA GLY A 805 -15.52 14.82 -54.57
C GLY A 805 -14.60 14.83 -53.37
N ALA A 806 -15.08 14.24 -52.27
CA ALA A 806 -14.32 14.24 -51.02
C ALA A 806 -14.33 12.85 -50.42
N THR A 807 -13.34 12.59 -49.56
CA THR A 807 -13.20 11.33 -48.86
C THR A 807 -13.20 11.56 -47.35
N ALA A 808 -13.43 10.49 -46.60
CA ALA A 808 -13.51 10.54 -45.15
C ALA A 808 -12.80 9.34 -44.55
N ILE A 809 -11.69 9.60 -43.84
CA ILE A 809 -10.92 8.57 -43.17
C ILE A 809 -11.08 8.74 -41.67
N GLU A 810 -11.52 7.68 -40.99
CA GLU A 810 -11.68 7.69 -39.55
C GLU A 810 -10.46 7.06 -38.88
N ASP A 811 -10.23 7.46 -37.63
CA ASP A 811 -9.18 6.87 -36.78
C ASP A 811 -9.88 6.30 -35.55
N LYS A 812 -10.30 5.04 -35.65
CA LYS A 812 -11.16 4.44 -34.65
C LYS A 812 -10.43 4.25 -33.33
N LEU A 813 -11.17 4.44 -32.23
CA LEU A 813 -10.65 4.29 -30.88
C LEU A 813 -11.01 2.91 -30.33
N GLN A 814 -10.55 2.64 -29.12
CA GLN A 814 -10.94 1.41 -28.44
C GLN A 814 -12.37 1.53 -27.92
N ASP A 815 -12.93 0.39 -27.52
CA ASP A 815 -14.30 0.37 -27.01
C ASP A 815 -14.32 0.82 -25.57
N GLY A 816 -15.22 1.75 -25.26
CA GLY A 816 -15.39 2.25 -23.91
C GLY A 816 -14.49 3.39 -23.50
N VAL A 817 -13.74 3.96 -24.43
CA VAL A 817 -12.85 5.08 -24.11
C VAL A 817 -13.65 6.32 -23.71
N PRO A 818 -14.66 6.76 -24.48
CA PRO A 818 -15.39 7.97 -24.07
C PRO A 818 -16.12 7.81 -22.74
N GLU A 819 -16.75 6.66 -22.50
CA GLU A 819 -17.44 6.44 -21.24
C GLU A 819 -16.47 6.48 -20.07
N THR A 820 -15.29 5.87 -20.22
CA THR A 820 -14.32 5.90 -19.14
C THR A 820 -13.76 7.29 -18.92
N ILE A 821 -13.53 8.06 -19.99
CA ILE A 821 -13.09 9.44 -19.82
C ILE A 821 -14.14 10.24 -19.06
N HIS A 822 -15.41 10.07 -19.43
CA HIS A 822 -16.49 10.79 -18.76
C HIS A 822 -16.58 10.41 -17.29
N THR A 823 -16.46 9.11 -16.99
CA THR A 823 -16.56 8.67 -15.60
C THR A 823 -15.38 9.16 -14.77
N LEU A 824 -14.16 9.09 -15.33
CA LEU A 824 -13.00 9.55 -14.58
C LEU A 824 -12.98 11.06 -14.40
N GLN A 825 -13.62 11.80 -15.31
CA GLN A 825 -13.74 13.24 -15.09
C GLN A 825 -14.86 13.56 -14.11
N GLU A 826 -15.91 12.75 -14.04
CA GLU A 826 -16.92 12.92 -13.01
C GLU A 826 -16.34 12.65 -11.62
N ALA A 827 -15.49 11.62 -11.51
CA ALA A 827 -14.91 11.26 -10.22
C ALA A 827 -13.91 12.30 -9.72
N GLY A 828 -13.59 13.32 -10.50
CA GLY A 828 -12.70 14.36 -10.04
C GLY A 828 -11.25 14.15 -10.38
N ILE A 829 -10.95 13.51 -11.50
CA ILE A 829 -9.57 13.24 -11.93
C ILE A 829 -9.29 14.07 -13.17
N LYS A 830 -8.22 14.86 -13.13
CA LYS A 830 -7.78 15.60 -14.30
C LYS A 830 -7.01 14.68 -15.24
N ILE A 831 -7.23 14.83 -16.54
CA ILE A 831 -6.68 13.93 -17.54
C ILE A 831 -5.87 14.73 -18.54
N TRP A 832 -4.58 14.43 -18.64
CA TRP A 832 -3.71 15.01 -19.65
C TRP A 832 -3.42 13.99 -20.74
N VAL A 833 -2.93 14.47 -21.88
CA VAL A 833 -2.57 13.61 -23.00
C VAL A 833 -1.24 14.09 -23.56
N LEU A 834 -0.18 13.33 -23.31
CA LEU A 834 1.13 13.58 -23.91
C LEU A 834 1.35 12.57 -25.02
N THR A 835 1.67 13.06 -26.21
CA THR A 835 1.83 12.20 -27.38
C THR A 835 2.99 12.68 -28.22
N GLY A 836 3.53 11.76 -29.03
CA GLY A 836 4.61 12.05 -29.94
C GLY A 836 4.18 12.42 -31.33
N ASP A 837 2.87 12.44 -31.62
CA ASP A 837 2.38 12.79 -32.93
C ASP A 837 2.50 14.29 -33.17
N ARG A 838 1.98 14.73 -34.31
CA ARG A 838 1.91 16.15 -34.63
C ARG A 838 0.69 16.75 -33.94
N GLN A 839 0.41 18.02 -34.23
CA GLN A 839 -0.61 18.76 -33.47
C GLN A 839 -2.02 18.48 -33.98
N GLU A 840 -2.21 18.51 -35.29
CA GLU A 840 -3.56 18.43 -35.84
C GLU A 840 -4.21 17.09 -35.56
N THR A 841 -3.48 15.99 -35.70
CA THR A 841 -4.07 14.68 -35.41
C THR A 841 -4.34 14.51 -33.92
N ALA A 842 -3.50 15.10 -33.07
CA ALA A 842 -3.77 15.04 -31.64
C ALA A 842 -5.05 15.79 -31.29
N ILE A 843 -5.24 16.97 -31.89
CA ILE A 843 -6.46 17.73 -31.64
C ILE A 843 -7.68 17.00 -32.18
N ASN A 844 -7.53 16.34 -33.34
CA ASN A 844 -8.65 15.57 -33.88
C ASN A 844 -9.03 14.41 -32.97
N ILE A 845 -8.03 13.70 -32.44
CA ILE A 845 -8.30 12.60 -31.52
C ILE A 845 -8.95 13.13 -30.25
N GLY A 846 -8.47 14.27 -29.74
CA GLY A 846 -9.09 14.86 -28.57
C GLY A 846 -10.54 15.23 -28.79
N MET A 847 -10.86 15.75 -29.97
CA MET A 847 -12.24 16.07 -30.30
C MET A 847 -13.09 14.80 -30.46
N SER A 848 -12.48 13.72 -30.95
CA SER A 848 -13.26 12.51 -31.24
C SER A 848 -13.65 11.79 -29.97
N CYS A 849 -12.76 11.72 -28.98
CA CYS A 849 -13.01 10.99 -27.75
C CYS A 849 -13.77 11.81 -26.71
N ARG A 850 -14.35 12.93 -27.11
CA ARG A 850 -15.13 13.80 -26.21
C ARG A 850 -14.30 14.32 -25.06
N LEU A 851 -12.98 14.40 -25.23
CA LEU A 851 -12.13 15.04 -24.23
C LEU A 851 -12.13 16.54 -24.41
N LEU A 852 -12.24 17.02 -25.65
CA LEU A 852 -12.37 18.43 -25.97
C LEU A 852 -13.75 18.68 -26.57
N SER A 853 -13.98 19.93 -26.98
CA SER A 853 -15.24 20.30 -27.61
C SER A 853 -15.02 21.58 -28.40
N GLU A 854 -16.01 21.91 -29.24
CA GLU A 854 -15.89 23.07 -30.11
C GLU A 854 -15.98 24.37 -29.33
N ASP A 855 -16.72 24.40 -28.22
CA ASP A 855 -16.86 25.61 -27.43
C ASP A 855 -15.69 25.83 -26.48
N MET A 856 -14.80 24.85 -26.32
CA MET A 856 -13.68 24.98 -25.41
C MET A 856 -12.60 25.84 -26.04
N ASN A 857 -12.30 26.97 -25.41
CA ASN A 857 -11.27 27.89 -25.90
C ASN A 857 -9.91 27.21 -25.79
N LEU A 858 -9.31 26.88 -26.94
CA LEU A 858 -8.04 26.18 -26.98
C LEU A 858 -6.91 27.19 -26.97
N LEU A 859 -6.19 27.26 -25.86
CA LEU A 859 -5.01 28.13 -25.75
C LEU A 859 -3.84 27.42 -26.39
N ILE A 860 -3.60 27.69 -27.66
CA ILE A 860 -2.58 27.00 -28.45
C ILE A 860 -1.29 27.80 -28.37
N ILE A 861 -0.23 27.14 -27.91
CA ILE A 861 1.09 27.76 -27.78
C ILE A 861 2.04 27.01 -28.70
N ASN A 862 2.41 27.62 -29.82
CA ASN A 862 3.31 27.02 -30.80
C ASN A 862 4.47 27.96 -31.11
N GLU A 863 5.00 28.64 -30.09
CA GLU A 863 6.11 29.53 -30.32
C GLU A 863 7.40 28.73 -30.51
N GLU A 864 8.43 29.41 -31.02
CA GLU A 864 9.66 28.74 -31.42
C GLU A 864 10.90 29.22 -30.68
N THR A 865 10.79 30.18 -29.77
CA THR A 865 11.94 30.66 -29.02
C THR A 865 11.55 30.82 -27.55
N ARG A 866 12.56 31.09 -26.72
CA ARG A 866 12.33 31.22 -25.29
C ARG A 866 11.53 32.49 -24.98
N ASP A 867 11.96 33.63 -25.52
CA ASP A 867 11.28 34.88 -25.24
C ASP A 867 9.86 34.88 -25.82
N ASP A 868 9.68 34.24 -26.97
CA ASP A 868 8.34 34.17 -27.56
C ASP A 868 7.41 33.31 -26.71
N THR A 869 7.90 32.18 -26.18
CA THR A 869 7.09 31.37 -25.29
C THR A 869 6.79 32.12 -24.00
N GLU A 870 7.75 32.88 -23.49
CA GLU A 870 7.52 33.69 -22.30
C GLU A 870 6.42 34.71 -22.55
N ARG A 871 6.48 35.40 -23.69
CA ARG A 871 5.46 36.39 -24.03
C ARG A 871 4.10 35.74 -24.19
N ASN A 872 4.06 34.56 -24.81
CA ASN A 872 2.78 33.86 -24.99
C ASN A 872 2.19 33.46 -23.65
N LEU A 873 3.01 32.92 -22.75
CA LEU A 873 2.51 32.53 -21.43
C LEU A 873 2.04 33.75 -20.65
N LEU A 874 2.77 34.86 -20.73
CA LEU A 874 2.35 36.08 -20.05
C LEU A 874 1.01 36.57 -20.59
N GLU A 875 0.85 36.58 -21.91
CA GLU A 875 -0.41 36.99 -22.51
C GLU A 875 -1.56 36.11 -22.06
N LYS A 876 -1.34 34.79 -22.07
CA LYS A 876 -2.39 33.86 -21.66
C LYS A 876 -2.80 34.08 -20.21
N ILE A 877 -1.82 34.15 -19.31
CA ILE A 877 -2.15 34.29 -17.89
C ILE A 877 -2.77 35.66 -17.62
N ASN A 878 -2.34 36.70 -18.34
CA ASN A 878 -2.89 38.03 -18.12
C ASN A 878 -4.31 38.15 -18.66
N ALA A 879 -4.62 37.45 -19.74
CA ALA A 879 -6.00 37.42 -20.23
C ALA A 879 -6.89 36.50 -19.40
N LEU A 880 -6.31 35.53 -18.70
CA LEU A 880 -7.13 34.63 -17.89
C LEU A 880 -7.44 35.21 -16.52
N ASN A 881 -6.43 35.73 -15.82
CA ASN A 881 -6.66 36.23 -14.47
C ASN A 881 -7.48 37.52 -14.44
N GLU A 882 -7.56 38.23 -15.56
CA GLU A 882 -8.31 39.48 -15.59
C GLU A 882 -9.81 39.22 -15.58
N HIS A 883 -10.26 38.21 -16.31
CA HIS A 883 -11.69 37.91 -16.39
C HIS A 883 -12.12 37.03 -15.22
N GLN A 884 -13.41 37.08 -14.91
CA GLN A 884 -13.96 36.23 -13.86
C GLN A 884 -14.03 34.79 -14.34
N LEU A 885 -13.53 33.87 -13.52
CA LEU A 885 -13.46 32.46 -13.87
C LEU A 885 -14.78 31.80 -13.52
N SER A 886 -15.74 31.92 -14.42
CA SER A 886 -17.02 31.26 -14.25
C SER A 886 -16.87 29.75 -14.40
N THR A 887 -17.81 29.00 -13.82
CA THR A 887 -17.75 27.55 -13.87
C THR A 887 -17.82 27.05 -15.31
N HIS A 888 -18.67 27.66 -16.14
CA HIS A 888 -18.73 27.28 -17.54
C HIS A 888 -17.43 27.59 -18.26
N ASP A 889 -16.85 28.77 -17.99
CA ASP A 889 -15.58 29.13 -18.61
C ASP A 889 -14.45 28.22 -18.14
N MET A 890 -14.46 27.84 -16.86
CA MET A 890 -13.43 26.96 -16.34
C MET A 890 -13.56 25.56 -16.95
N ASN A 891 -14.78 25.06 -17.10
CA ASN A 891 -14.97 23.74 -17.70
C ASN A 891 -14.64 23.75 -19.18
N THR A 892 -14.97 24.82 -19.88
CA THR A 892 -14.71 24.93 -21.31
C THR A 892 -13.41 25.69 -21.57
N LEU A 893 -12.30 25.06 -21.18
CA LEU A 893 -10.99 25.63 -21.41
C LEU A 893 -9.97 24.49 -21.47
N ALA A 894 -9.18 24.46 -22.54
CA ALA A 894 -8.19 23.42 -22.75
C ALA A 894 -6.88 24.05 -23.20
N LEU A 895 -5.79 23.29 -23.05
CA LEU A 895 -4.46 23.76 -23.38
C LEU A 895 -3.81 22.81 -24.39
N VAL A 896 -3.06 23.38 -25.33
CA VAL A 896 -2.34 22.61 -26.34
C VAL A 896 -0.94 23.18 -26.46
N ILE A 897 0.07 22.35 -26.21
CA ILE A 897 1.46 22.76 -26.22
C ILE A 897 2.21 21.95 -27.28
N ASP A 898 3.18 22.58 -27.92
CA ASP A 898 4.08 21.92 -28.85
C ASP A 898 5.36 21.52 -28.13
N GLY A 899 6.04 20.51 -28.68
CA GLY A 899 7.26 20.03 -28.06
C GLY A 899 8.37 21.06 -28.04
N LYS A 900 8.54 21.81 -29.13
CA LYS A 900 9.58 22.82 -29.17
C LYS A 900 9.30 23.96 -28.18
N SER A 901 8.03 24.23 -27.89
CA SER A 901 7.68 25.22 -26.89
C SER A 901 7.71 24.64 -25.48
N LEU A 902 7.32 23.37 -25.33
CA LEU A 902 7.42 22.72 -24.03
C LEU A 902 8.87 22.57 -23.61
N GLY A 903 9.80 22.53 -24.56
CA GLY A 903 11.22 22.51 -24.22
C GLY A 903 11.69 23.77 -23.52
N PHE A 904 10.99 24.88 -23.70
CA PHE A 904 11.29 26.10 -22.97
C PHE A 904 10.36 26.35 -21.79
N ALA A 905 9.12 25.85 -21.86
CA ALA A 905 8.20 26.03 -20.75
C ALA A 905 8.55 25.18 -19.54
N LEU A 906 9.55 24.31 -19.63
CA LEU A 906 9.99 23.50 -18.50
C LEU A 906 11.23 24.06 -17.82
N GLU A 907 11.75 25.20 -18.28
CA GLU A 907 12.86 25.83 -17.61
C GLU A 907 12.43 26.32 -16.22
N PRO A 908 13.39 26.50 -15.31
CA PRO A 908 13.02 26.94 -13.95
C PRO A 908 12.29 28.28 -13.91
N GLU A 909 12.47 29.14 -14.91
CA GLU A 909 11.80 30.42 -14.92
C GLU A 909 10.34 30.29 -15.34
N LEU A 910 10.10 29.77 -16.55
CA LEU A 910 8.76 29.69 -17.11
C LEU A 910 7.97 28.49 -16.60
N GLU A 911 8.45 27.84 -15.53
CA GLU A 911 7.76 26.66 -15.02
C GLU A 911 6.45 27.03 -14.31
N ASP A 912 6.50 28.07 -13.47
CA ASP A 912 5.32 28.47 -12.71
C ASP A 912 4.21 28.97 -13.63
N TYR A 913 4.57 29.68 -14.70
CA TYR A 913 3.56 30.16 -15.64
C TYR A 913 2.81 29.00 -16.28
N LEU A 914 3.55 28.02 -16.79
CA LEU A 914 2.91 26.84 -17.38
C LEU A 914 2.07 26.10 -16.36
N LEU A 915 2.56 26.00 -15.12
CA LEU A 915 1.81 25.28 -14.10
C LEU A 915 0.49 25.99 -13.78
N THR A 916 0.52 27.32 -13.65
CA THR A 916 -0.69 28.05 -13.29
C THR A 916 -1.65 28.20 -14.46
N VAL A 917 -1.17 28.14 -15.70
CA VAL A 917 -2.06 28.16 -16.85
C VAL A 917 -2.58 26.77 -17.20
N ALA A 918 -1.93 25.71 -16.69
CA ALA A 918 -2.38 24.35 -16.94
C ALA A 918 -3.43 23.87 -15.95
N LYS A 919 -3.39 24.38 -14.71
CA LYS A 919 -4.33 23.95 -13.68
C LYS A 919 -5.72 24.54 -13.87
N LEU A 920 -5.84 25.65 -14.58
CA LEU A 920 -7.16 26.25 -14.82
C LEU A 920 -7.92 25.53 -15.91
N CYS A 921 -7.21 24.89 -16.85
CA CYS A 921 -7.86 24.24 -17.97
C CYS A 921 -8.55 22.95 -17.53
N LYS A 922 -9.32 22.38 -18.46
CA LYS A 922 -9.99 21.11 -18.25
C LYS A 922 -9.20 19.93 -18.79
N ALA A 923 -8.45 20.12 -19.87
CA ALA A 923 -7.64 19.08 -20.46
C ALA A 923 -6.42 19.71 -21.11
N VAL A 924 -5.28 19.05 -21.01
CA VAL A 924 -4.03 19.52 -21.59
C VAL A 924 -3.53 18.47 -22.57
N ILE A 925 -3.02 18.93 -23.72
CA ILE A 925 -2.46 18.08 -24.75
C ILE A 925 -1.06 18.58 -25.08
N CYS A 926 -0.12 17.66 -25.20
CA CYS A 926 1.27 17.98 -25.53
C CYS A 926 1.68 17.18 -26.75
N CYS A 927 2.09 17.89 -27.80
CA CYS A 927 2.43 17.27 -29.08
C CYS A 927 3.93 17.38 -29.34
N ARG A 928 4.43 16.45 -30.17
CA ARG A 928 5.85 16.39 -30.55
C ARG A 928 6.73 16.31 -29.30
N VAL A 929 6.36 15.41 -28.39
CA VAL A 929 7.02 15.27 -27.10
C VAL A 929 7.97 14.08 -27.15
N SER A 930 9.24 14.33 -26.84
CA SER A 930 10.23 13.27 -26.79
C SER A 930 10.01 12.39 -25.57
N PRO A 931 10.57 11.17 -25.55
CA PRO A 931 10.41 10.31 -24.38
C PRO A 931 10.88 10.92 -23.07
N LEU A 932 11.85 11.85 -23.11
CA LEU A 932 12.32 12.48 -21.89
C LEU A 932 11.32 13.49 -21.34
N GLN A 933 10.65 14.23 -22.22
CA GLN A 933 9.71 15.25 -21.75
C GLN A 933 8.47 14.62 -21.14
N LYS A 934 8.09 13.42 -21.59
CA LYS A 934 6.98 12.71 -20.97
C LYS A 934 7.23 12.45 -19.50
N ALA A 935 8.50 12.34 -19.10
CA ALA A 935 8.85 12.18 -17.70
C ALA A 935 9.17 13.50 -17.01
N LEU A 936 9.71 14.46 -17.76
CA LEU A 936 9.98 15.77 -17.19
C LEU A 936 8.69 16.47 -16.76
N VAL A 937 7.63 16.32 -17.55
CA VAL A 937 6.34 16.92 -17.19
C VAL A 937 5.82 16.30 -15.90
N VAL A 938 5.90 14.97 -15.78
CA VAL A 938 5.42 14.30 -14.58
C VAL A 938 6.24 14.71 -13.37
N LYS A 939 7.56 14.83 -13.54
CA LYS A 939 8.41 15.30 -12.44
C LYS A 939 8.02 16.71 -12.01
N MET A 940 7.80 17.61 -12.98
CA MET A 940 7.42 18.97 -12.65
C MET A 940 6.09 19.00 -11.91
N VAL A 941 5.11 18.21 -12.35
CA VAL A 941 3.80 18.22 -11.72
C VAL A 941 3.88 17.64 -10.31
N LYS A 942 4.68 16.59 -10.10
CA LYS A 942 4.76 15.99 -8.79
C LYS A 942 5.66 16.77 -7.83
N ARG A 943 6.54 17.63 -8.35
CA ARG A 943 7.32 18.49 -7.47
C ARG A 943 6.53 19.73 -7.08
N LYS A 944 5.93 20.41 -8.06
CA LYS A 944 5.21 21.65 -7.81
C LYS A 944 3.85 21.42 -7.15
N SER A 945 3.52 20.18 -6.77
CA SER A 945 2.25 19.89 -6.13
C SER A 945 2.45 18.76 -5.12
N SER A 946 1.37 18.37 -4.47
CA SER A 946 1.37 17.29 -3.49
C SER A 946 0.23 16.32 -3.77
N SER A 947 0.09 15.95 -5.04
CA SER A 947 -0.98 15.06 -5.49
C SER A 947 -0.38 13.82 -6.12
N LEU A 948 -1.13 12.72 -6.07
CA LEU A 948 -0.69 11.45 -6.62
C LEU A 948 -0.99 11.39 -8.11
N LEU A 949 -0.08 10.77 -8.86
CA LEU A 949 -0.16 10.71 -10.31
C LEU A 949 -0.19 9.27 -10.79
N LEU A 950 -0.95 9.05 -11.86
CA LEU A 950 -1.00 7.77 -12.55
C LEU A 950 -0.66 8.00 -14.02
N ALA A 951 0.18 7.15 -14.57
CA ALA A 951 0.57 7.26 -15.97
C ALA A 951 0.33 5.91 -16.64
N ILE A 952 -0.57 5.89 -17.61
CA ILE A 952 -0.88 4.69 -18.39
C ILE A 952 -0.31 4.87 -19.79
N GLY A 953 0.26 3.81 -20.34
CA GLY A 953 0.84 3.92 -21.66
C GLY A 953 1.14 2.56 -22.26
N ASP A 954 1.68 2.61 -23.49
CA ASP A 954 2.14 1.42 -24.18
C ASP A 954 3.42 1.77 -24.94
N GLY A 955 4.16 0.74 -25.32
CA GLY A 955 5.40 0.93 -26.03
C GLY A 955 6.55 1.30 -25.11
N ALA A 956 7.68 1.63 -25.72
CA ALA A 956 8.90 1.88 -24.97
C ALA A 956 9.13 3.37 -24.69
N ASN A 957 8.70 4.24 -25.60
CA ASN A 957 8.99 5.66 -25.47
C ASN A 957 8.45 6.25 -24.17
N ASP A 958 7.32 5.75 -23.68
CA ASP A 958 6.72 6.26 -22.45
C ASP A 958 7.16 5.49 -21.21
N VAL A 959 8.14 4.59 -21.33
CA VAL A 959 8.63 3.88 -20.17
C VAL A 959 9.20 4.85 -19.15
N SER A 960 10.00 5.80 -19.60
CA SER A 960 10.50 6.86 -18.72
C SER A 960 9.36 7.59 -18.04
N MET A 961 8.20 7.68 -18.69
CA MET A 961 7.02 8.27 -18.05
C MET A 961 6.53 7.37 -16.92
N ILE A 962 6.40 6.07 -17.19
CA ILE A 962 5.89 5.14 -16.19
C ILE A 962 6.81 5.09 -14.97
N GLN A 963 8.11 5.29 -15.18
CA GLN A 963 9.04 5.30 -14.06
C GLN A 963 8.88 6.53 -13.19
N ALA A 964 8.36 7.62 -13.75
CA ALA A 964 8.30 8.88 -13.02
C ALA A 964 7.02 9.05 -12.22
N ALA A 965 5.91 8.51 -12.70
CA ALA A 965 4.63 8.69 -12.02
C ALA A 965 4.58 7.87 -10.73
N HIS A 966 3.63 8.23 -9.87
CA HIS A 966 3.45 7.49 -8.63
C HIS A 966 2.92 6.09 -8.90
N VAL A 967 2.04 5.95 -9.89
CA VAL A 967 1.53 4.66 -10.32
C VAL A 967 1.73 4.53 -11.82
N GLY A 968 2.17 3.35 -12.25
CA GLY A 968 2.38 3.10 -13.67
C GLY A 968 1.54 1.98 -14.21
N VAL A 969 0.93 2.18 -15.37
CA VAL A 969 0.06 1.19 -16.00
C VAL A 969 0.53 0.98 -17.43
N GLY A 970 0.63 -0.27 -17.84
CA GLY A 970 1.08 -0.62 -19.18
C GLY A 970 0.04 -1.46 -19.90
N ILE A 971 -0.16 -1.13 -21.18
CA ILE A 971 -1.10 -1.87 -22.02
C ILE A 971 -0.44 -3.18 -22.45
N SER A 972 -1.05 -4.30 -22.06
CA SER A 972 -0.52 -5.61 -22.38
C SER A 972 -1.35 -6.25 -23.48
N GLY A 973 -1.01 -7.50 -23.80
CA GLY A 973 -1.69 -8.23 -24.85
C GLY A 973 -1.30 -7.87 -26.26
N MET A 974 -0.39 -6.91 -26.44
CA MET A 974 0.05 -6.48 -27.75
C MET A 974 1.54 -6.77 -27.93
N GLU A 975 1.98 -6.74 -29.18
CA GLU A 975 3.38 -6.99 -29.48
C GLU A 975 4.25 -5.86 -28.92
N GLY A 976 5.47 -6.23 -28.55
CA GLY A 976 6.40 -5.28 -27.95
C GLY A 976 5.93 -4.79 -26.60
N MET A 977 5.65 -5.73 -25.69
CA MET A 977 5.11 -5.39 -24.37
C MET A 977 6.25 -4.95 -23.43
N GLN A 978 6.89 -3.86 -23.82
CA GLN A 978 7.90 -3.24 -22.95
C GLN A 978 7.25 -2.61 -21.73
N ALA A 979 6.12 -1.94 -21.92
CA ALA A 979 5.43 -1.31 -20.80
C ALA A 979 4.84 -2.34 -19.85
N ALA A 980 4.27 -3.42 -20.39
CA ALA A 980 3.69 -4.45 -19.53
C ALA A 980 4.73 -5.08 -18.60
N ARG A 981 6.00 -5.02 -18.99
CA ARG A 981 7.08 -5.53 -18.15
C ARG A 981 7.68 -4.44 -17.27
N SER A 982 7.68 -3.19 -17.72
CA SER A 982 8.30 -2.11 -16.96
C SER A 982 7.34 -1.38 -16.05
N ALA A 983 6.03 -1.60 -16.19
CA ALA A 983 5.05 -0.89 -15.38
C ALA A 983 4.70 -1.66 -14.12
N ASP A 984 4.17 -0.92 -13.14
CA ASP A 984 3.75 -1.55 -11.89
C ASP A 984 2.49 -2.37 -12.06
N ILE A 985 1.57 -1.93 -12.91
CA ILE A 985 0.36 -2.67 -13.22
C ILE A 985 0.27 -2.83 -14.74
N ALA A 986 -0.24 -3.96 -15.19
CA ALA A 986 -0.43 -4.23 -16.61
C ALA A 986 -1.89 -4.57 -16.86
N VAL A 987 -2.52 -3.83 -17.77
CA VAL A 987 -3.94 -4.02 -18.07
C VAL A 987 -4.07 -4.42 -19.53
N GLY A 988 -5.26 -4.95 -19.86
CA GLY A 988 -5.51 -5.34 -21.24
C GLY A 988 -5.72 -4.16 -22.16
N GLN A 989 -6.52 -3.19 -21.72
CA GLN A 989 -6.80 -2.00 -22.52
C GLN A 989 -7.18 -0.87 -21.59
N PHE A 990 -7.66 0.24 -22.15
CA PHE A 990 -7.91 1.45 -21.38
C PHE A 990 -9.20 1.37 -20.59
N LYS A 991 -10.24 0.73 -21.15
CA LYS A 991 -11.56 0.79 -20.55
C LYS A 991 -11.63 0.13 -19.18
N PHE A 992 -10.62 -0.63 -18.78
CA PHE A 992 -10.60 -1.21 -17.44
C PHE A 992 -10.16 -0.22 -16.38
N LEU A 993 -9.38 0.81 -16.77
CA LEU A 993 -8.87 1.79 -15.82
C LEU A 993 -9.98 2.41 -14.98
N LYS A 994 -11.23 2.36 -15.45
CA LYS A 994 -12.35 2.78 -14.63
C LYS A 994 -12.51 1.88 -13.41
N LYS A 995 -12.83 0.60 -13.63
CA LYS A 995 -13.11 -0.30 -12.52
C LYS A 995 -11.88 -0.56 -11.66
N LEU A 996 -10.69 -0.38 -12.21
CA LEU A 996 -9.48 -0.51 -11.41
C LEU A 996 -9.38 0.57 -10.35
N LEU A 997 -9.98 1.74 -10.59
CA LEU A 997 -9.86 2.88 -9.69
C LEU A 997 -11.11 3.12 -8.86
N LEU A 998 -12.31 2.91 -9.43
CA LEU A 998 -13.53 3.18 -8.67
C LEU A 998 -13.77 2.12 -7.60
N VAL A 999 -13.81 0.85 -7.99
CA VAL A 999 -14.07 -0.23 -7.06
C VAL A 999 -12.78 -0.65 -6.39
N HIS A 1000 -11.99 -1.49 -7.07
CA HIS A 1000 -10.78 -2.04 -6.48
C HIS A 1000 -9.84 -0.96 -5.98
N GLY A 1001 -9.89 0.23 -6.58
CA GLY A 1001 -9.07 1.32 -6.09
C GLY A 1001 -9.52 1.84 -4.74
N SER A 1002 -10.81 2.13 -4.61
CA SER A 1002 -11.31 2.73 -3.37
C SER A 1002 -11.34 1.70 -2.25
N TRP A 1003 -11.91 0.52 -2.50
CA TRP A 1003 -11.94 -0.56 -1.54
C TRP A 1003 -10.60 -0.72 -0.83
N SER A 1004 -9.53 -0.90 -1.61
CA SER A 1004 -8.19 -1.04 -1.06
C SER A 1004 -7.89 0.05 -0.05
N TYR A 1005 -8.09 1.31 -0.43
CA TYR A 1005 -7.77 2.42 0.47
C TYR A 1005 -8.57 2.35 1.75
N GLN A 1006 -9.80 1.86 1.68
CA GLN A 1006 -10.60 1.74 2.88
C GLN A 1006 -10.19 0.53 3.71
N ARG A 1007 -9.64 -0.50 3.07
CA ARG A 1007 -9.28 -1.72 3.78
C ARG A 1007 -7.97 -1.55 4.54
N ILE A 1008 -6.86 -1.48 3.80
CA ILE A 1008 -5.53 -1.51 4.40
C ILE A 1008 -5.41 -0.46 5.49
N SER A 1009 -5.93 0.75 5.24
CA SER A 1009 -5.89 1.81 6.22
C SER A 1009 -6.43 1.34 7.57
N VAL A 1010 -7.67 0.85 7.58
CA VAL A 1010 -8.24 0.28 8.80
C VAL A 1010 -7.35 -0.83 9.33
N ALA A 1011 -6.92 -1.73 8.42
CA ALA A 1011 -6.07 -2.84 8.83
C ALA A 1011 -4.77 -2.38 9.46
N ILE A 1012 -4.37 -1.13 9.22
CA ILE A 1012 -3.21 -0.59 9.93
C ILE A 1012 -3.62 -0.07 11.29
N LEU A 1013 -4.68 0.75 11.33
CA LEU A 1013 -5.08 1.39 12.58
C LEU A 1013 -5.44 0.36 13.64
N TYR A 1014 -6.25 -0.63 13.26
CA TYR A 1014 -6.57 -1.71 14.18
C TYR A 1014 -5.32 -2.42 14.67
N SER A 1015 -4.32 -2.57 13.81
CA SER A 1015 -3.09 -3.22 14.22
C SER A 1015 -2.33 -2.39 15.25
N PHE A 1016 -2.50 -1.07 15.24
CA PHE A 1016 -1.93 -0.23 16.27
C PHE A 1016 -2.80 -0.14 17.51
N TYR A 1017 -3.99 -0.77 17.49
CA TYR A 1017 -4.91 -0.70 18.62
C TYR A 1017 -4.78 -1.94 19.49
N LYS A 1018 -5.19 -3.09 18.95
CA LYS A 1018 -5.21 -4.33 19.72
C LYS A 1018 -3.86 -4.62 20.37
N ASN A 1019 -2.78 -4.14 19.77
CA ASN A 1019 -1.46 -4.25 20.39
C ASN A 1019 -1.40 -3.41 21.65
N THR A 1020 -1.51 -2.08 21.50
CA THR A 1020 -1.39 -1.16 22.62
C THR A 1020 -2.34 -1.55 23.75
N ALA A 1021 -3.61 -1.77 23.42
CA ALA A 1021 -4.66 -2.07 24.38
C ALA A 1021 -4.29 -3.22 25.31
N LEU A 1022 -3.24 -3.96 24.99
CA LEU A 1022 -2.71 -4.97 25.90
C LEU A 1022 -1.48 -4.47 26.63
N TYR A 1023 -0.45 -4.06 25.89
CA TYR A 1023 0.85 -3.81 26.52
C TYR A 1023 0.86 -2.56 27.37
N MET A 1024 -0.11 -1.65 27.19
CA MET A 1024 -0.20 -0.52 28.08
C MET A 1024 -0.56 -0.93 29.50
N THR A 1025 -1.17 -2.12 29.67
CA THR A 1025 -1.32 -2.66 31.02
C THR A 1025 0.04 -2.79 31.69
N GLN A 1026 1.04 -3.27 30.96
CA GLN A 1026 2.40 -3.36 31.48
C GLN A 1026 2.91 -2.02 31.99
N PHE A 1027 2.32 -0.91 31.54
CA PHE A 1027 2.69 0.38 32.09
C PHE A 1027 1.93 0.67 33.38
N TRP A 1028 0.61 0.45 33.38
CA TRP A 1028 -0.17 0.74 34.58
C TRP A 1028 0.22 -0.12 35.76
N TYR A 1029 1.04 -1.15 35.54
CA TYR A 1029 1.52 -2.00 36.61
C TYR A 1029 2.80 -1.50 37.24
N VAL A 1030 3.55 -0.62 36.57
CA VAL A 1030 4.82 -0.16 37.11
C VAL A 1030 4.64 0.73 38.33
N PHE A 1031 3.41 1.16 38.61
CA PHE A 1031 3.12 1.90 39.83
C PHE A 1031 2.75 0.99 40.99
N ALA A 1032 2.50 -0.30 40.73
CA ALA A 1032 2.14 -1.25 41.76
C ALA A 1032 3.28 -2.21 42.12
N ASN A 1033 4.48 -1.98 41.58
CA ASN A 1033 5.61 -2.84 41.88
C ASN A 1033 6.91 -2.04 42.05
N ALA A 1034 6.80 -0.81 42.56
CA ALA A 1034 7.97 0.03 42.86
C ALA A 1034 8.82 0.28 41.61
N PHE A 1035 8.16 0.43 40.47
CA PHE A 1035 8.83 0.72 39.20
C PHE A 1035 9.92 -0.30 38.90
N SER A 1036 9.58 -1.58 39.05
CA SER A 1036 10.53 -2.65 38.82
C SER A 1036 10.58 -3.08 37.34
N GLY A 1037 9.44 -3.46 36.79
CA GLY A 1037 9.39 -3.89 35.40
C GLY A 1037 8.87 -5.31 35.27
N GLN A 1038 8.11 -5.77 36.26
CA GLN A 1038 7.55 -7.10 36.23
C GLN A 1038 6.36 -7.15 35.28
N SER A 1039 6.31 -8.18 34.45
CA SER A 1039 5.19 -8.41 33.55
C SER A 1039 4.13 -9.25 34.24
N ILE A 1040 2.89 -9.11 33.79
CA ILE A 1040 1.78 -9.82 34.41
C ILE A 1040 1.35 -11.05 33.62
N MET A 1041 1.95 -11.32 32.47
CA MET A 1041 1.67 -12.50 31.68
C MET A 1041 2.95 -13.27 31.40
N GLU A 1042 2.80 -14.56 31.14
CA GLU A 1042 3.92 -15.40 30.74
C GLU A 1042 4.44 -14.97 29.37
N SER A 1043 5.76 -15.05 29.20
CA SER A 1043 6.39 -14.60 27.96
C SER A 1043 5.82 -15.32 26.74
N TRP A 1044 5.59 -16.63 26.85
CA TRP A 1044 5.08 -17.37 25.71
C TRP A 1044 3.65 -16.96 25.36
N THR A 1045 2.85 -16.59 26.36
CA THR A 1045 1.50 -16.11 26.06
C THR A 1045 1.55 -14.71 25.42
N MET A 1046 2.44 -13.85 25.91
CA MET A 1046 2.63 -12.55 25.28
C MET A 1046 3.10 -12.68 23.85
N SER A 1047 3.85 -13.74 23.53
CA SER A 1047 4.26 -13.98 22.15
C SER A 1047 3.12 -14.55 21.32
N PHE A 1048 2.35 -15.48 21.90
CA PHE A 1048 1.23 -16.08 21.17
C PHE A 1048 0.10 -15.11 20.94
N TYR A 1049 0.07 -13.99 21.66
CA TYR A 1049 -0.97 -12.98 21.46
C TYR A 1049 -1.04 -12.53 20.00
N ASN A 1050 0.11 -12.20 19.41
CA ASN A 1050 0.16 -11.71 18.04
C ASN A 1050 0.38 -12.82 17.02
N LEU A 1051 0.12 -14.07 17.38
CA LEU A 1051 0.35 -15.15 16.43
C LEU A 1051 -0.88 -16.02 16.18
N PHE A 1052 -1.65 -16.32 17.22
CA PHE A 1052 -2.73 -17.30 17.10
C PHE A 1052 -4.11 -16.73 17.30
N PHE A 1053 -4.26 -15.63 18.07
CA PHE A 1053 -5.56 -15.15 18.48
C PHE A 1053 -5.92 -13.78 17.92
N THR A 1054 -4.96 -13.04 17.38
CA THR A 1054 -5.21 -11.69 16.86
C THR A 1054 -4.51 -11.51 15.52
N VAL A 1055 -4.64 -12.50 14.64
CA VAL A 1055 -4.02 -12.41 13.32
C VAL A 1055 -5.08 -12.50 12.23
N TRP A 1056 -6.22 -13.13 12.55
CA TRP A 1056 -7.27 -13.33 11.57
C TRP A 1056 -8.17 -12.11 11.40
N PRO A 1057 -8.51 -11.37 12.46
CA PRO A 1057 -9.30 -10.14 12.28
C PRO A 1057 -8.63 -9.15 11.34
N PRO A 1058 -7.31 -8.88 11.48
CA PRO A 1058 -6.70 -7.94 10.53
C PRO A 1058 -6.81 -8.37 9.09
N PHE A 1059 -6.62 -9.66 8.80
CA PHE A 1059 -6.71 -10.11 7.42
C PHE A 1059 -8.15 -10.06 6.92
N VAL A 1060 -9.10 -10.51 7.73
CA VAL A 1060 -10.49 -10.49 7.29
C VAL A 1060 -11.03 -9.07 7.18
N ILE A 1061 -10.37 -8.11 7.81
CA ILE A 1061 -10.76 -6.71 7.63
C ILE A 1061 -10.09 -6.12 6.40
N GLY A 1062 -8.82 -6.39 6.19
CA GLY A 1062 -8.09 -5.83 5.07
C GLY A 1062 -8.15 -6.61 3.78
N VAL A 1063 -8.98 -7.66 3.71
CA VAL A 1063 -9.09 -8.42 2.46
C VAL A 1063 -10.55 -8.59 2.06
N PHE A 1064 -11.37 -9.17 2.94
CA PHE A 1064 -12.73 -9.56 2.60
C PHE A 1064 -13.77 -8.63 3.22
N ASP A 1065 -13.48 -7.33 3.27
CA ASP A 1065 -14.40 -6.35 3.81
C ASP A 1065 -14.73 -5.32 2.74
N GLN A 1066 -16.02 -5.12 2.49
CA GLN A 1066 -16.50 -4.17 1.49
C GLN A 1066 -17.44 -3.19 2.18
N PHE A 1067 -16.97 -1.96 2.38
CA PHE A 1067 -17.79 -0.97 3.08
C PHE A 1067 -18.95 -0.47 2.23
N VAL A 1068 -18.93 -0.71 0.93
CA VAL A 1068 -20.03 -0.32 0.05
C VAL A 1068 -19.96 -1.22 -1.18
N SER A 1069 -21.12 -1.56 -1.73
CA SER A 1069 -21.20 -2.49 -2.84
C SER A 1069 -20.46 -1.95 -4.06
N SER A 1070 -20.24 -2.83 -5.04
CA SER A 1070 -19.50 -2.45 -6.23
C SER A 1070 -20.36 -1.64 -7.19
N ARG A 1071 -21.62 -2.05 -7.38
CA ARG A 1071 -22.49 -1.32 -8.30
C ARG A 1071 -22.77 0.10 -7.81
N LEU A 1072 -22.86 0.30 -6.50
CA LEU A 1072 -23.05 1.65 -5.98
C LEU A 1072 -21.77 2.47 -6.06
N LEU A 1073 -20.61 1.81 -6.02
CA LEU A 1073 -19.36 2.53 -6.26
C LEU A 1073 -19.22 2.95 -7.71
N GLU A 1074 -19.75 2.14 -8.63
CA GLU A 1074 -19.69 2.48 -10.04
C GLU A 1074 -20.77 3.48 -10.45
N ARG A 1075 -21.89 3.49 -9.74
CA ARG A 1075 -22.98 4.39 -10.08
C ARG A 1075 -22.74 5.80 -9.57
N TYR A 1076 -22.11 5.96 -8.41
CA TYR A 1076 -21.84 7.25 -7.80
C TYR A 1076 -20.33 7.49 -7.79
N PRO A 1077 -19.75 8.02 -8.86
CA PRO A 1077 -18.29 8.19 -8.90
C PRO A 1077 -17.76 9.15 -7.85
N GLN A 1078 -18.57 10.10 -7.37
CA GLN A 1078 -18.09 11.08 -6.41
C GLN A 1078 -17.64 10.45 -5.10
N LEU A 1079 -18.14 9.26 -4.78
CA LEU A 1079 -17.66 8.56 -3.59
C LEU A 1079 -16.16 8.33 -3.64
N TYR A 1080 -15.59 8.27 -4.85
CA TYR A 1080 -14.14 8.12 -4.98
C TYR A 1080 -13.41 9.24 -4.24
N LYS A 1081 -13.99 10.45 -4.23
CA LYS A 1081 -13.35 11.56 -3.55
C LYS A 1081 -13.17 11.31 -2.06
N LEU A 1082 -13.97 10.41 -1.47
CA LEU A 1082 -13.77 10.05 -0.07
C LEU A 1082 -12.36 9.56 0.19
N GLY A 1083 -11.73 8.93 -0.80
CA GLY A 1083 -10.36 8.50 -0.64
C GLY A 1083 -9.37 9.45 -1.24
N GLN A 1084 -9.86 10.41 -2.03
CA GLN A 1084 -8.96 11.31 -2.75
C GLN A 1084 -8.37 12.38 -1.83
N LYS A 1085 -9.13 12.81 -0.82
CA LYS A 1085 -8.67 13.81 0.12
C LYS A 1085 -8.14 13.23 1.42
N GLY A 1086 -8.17 11.91 1.57
CA GLY A 1086 -7.65 11.28 2.77
C GLY A 1086 -8.58 11.36 3.96
N GLN A 1087 -9.76 10.75 3.83
CA GLN A 1087 -10.75 10.75 4.90
C GLN A 1087 -10.84 9.42 5.62
N PHE A 1088 -9.88 8.52 5.40
CA PHE A 1088 -9.86 7.23 6.08
C PHE A 1088 -8.58 6.97 6.88
N PHE A 1089 -7.50 7.69 6.60
CA PHE A 1089 -6.23 7.43 7.27
C PHE A 1089 -5.47 8.74 7.41
N SER A 1090 -5.26 9.19 8.63
CA SER A 1090 -4.50 10.39 8.91
C SER A 1090 -3.99 10.32 10.34
N VAL A 1091 -3.25 11.37 10.75
CA VAL A 1091 -2.67 11.38 12.08
C VAL A 1091 -3.75 11.53 13.15
N TYR A 1092 -4.84 12.24 12.83
CA TYR A 1092 -5.90 12.48 13.81
C TYR A 1092 -6.58 11.17 14.19
N ILE A 1093 -7.01 10.39 13.19
CA ILE A 1093 -7.68 9.12 13.48
C ILE A 1093 -6.70 8.14 14.13
N PHE A 1094 -5.42 8.21 13.75
CA PHE A 1094 -4.41 7.35 14.37
C PHE A 1094 -4.30 7.64 15.85
N TRP A 1095 -4.18 8.92 16.23
CA TRP A 1095 -4.13 9.26 17.65
C TRP A 1095 -5.43 8.92 18.35
N GLY A 1096 -6.57 9.03 17.65
CA GLY A 1096 -7.82 8.62 18.26
C GLY A 1096 -7.83 7.14 18.61
N TRP A 1097 -7.36 6.31 17.68
CA TRP A 1097 -7.28 4.87 17.95
C TRP A 1097 -6.31 4.58 19.09
N ILE A 1098 -5.17 5.27 19.12
CA ILE A 1098 -4.20 5.04 20.20
C ILE A 1098 -4.80 5.42 21.56
N ILE A 1099 -5.50 6.55 21.62
CA ILE A 1099 -6.09 6.99 22.88
C ILE A 1099 -7.20 6.05 23.31
N ASN A 1100 -7.96 5.51 22.34
CA ASN A 1100 -8.98 4.53 22.70
C ASN A 1100 -8.34 3.26 23.25
N GLY A 1101 -7.20 2.86 22.68
CA GLY A 1101 -6.48 1.72 23.23
C GLY A 1101 -5.99 1.96 24.65
N PHE A 1102 -5.42 3.14 24.90
CA PHE A 1102 -5.01 3.50 26.25
C PHE A 1102 -6.19 3.45 27.21
N PHE A 1103 -7.33 3.99 26.80
CA PHE A 1103 -8.52 4.00 27.65
C PHE A 1103 -8.97 2.59 27.98
N HIS A 1104 -9.03 1.71 26.97
CA HIS A 1104 -9.44 0.34 27.22
C HIS A 1104 -8.46 -0.38 28.14
N SER A 1105 -7.16 -0.16 27.94
CA SER A 1105 -6.15 -0.77 28.80
C SER A 1105 -6.32 -0.33 30.25
N ALA A 1106 -6.50 0.98 30.46
CA ALA A 1106 -6.67 1.47 31.82
C ALA A 1106 -7.93 0.92 32.45
N ILE A 1107 -9.03 0.83 31.68
CA ILE A 1107 -10.27 0.28 32.21
C ILE A 1107 -10.06 -1.16 32.65
N VAL A 1108 -9.42 -1.97 31.80
CA VAL A 1108 -9.17 -3.37 32.15
C VAL A 1108 -8.35 -3.47 33.42
N PHE A 1109 -7.25 -2.72 33.48
CA PHE A 1109 -6.36 -2.81 34.64
C PHE A 1109 -7.06 -2.40 35.93
N ILE A 1110 -7.78 -1.28 35.90
CA ILE A 1110 -8.43 -0.80 37.11
C ILE A 1110 -9.53 -1.76 37.57
N GLY A 1111 -10.36 -2.22 36.62
CA GLY A 1111 -11.39 -3.17 36.98
C GLY A 1111 -10.83 -4.45 37.57
N THR A 1112 -9.73 -4.95 37.00
CA THR A 1112 -9.17 -6.21 37.48
C THR A 1112 -8.53 -6.03 38.86
N ILE A 1113 -7.82 -4.93 39.09
CA ILE A 1113 -7.24 -4.74 40.41
C ILE A 1113 -8.30 -4.41 41.45
N LEU A 1114 -9.48 -3.93 41.03
CA LEU A 1114 -10.54 -3.69 41.99
C LEU A 1114 -11.29 -4.97 42.32
N ILE A 1115 -11.44 -5.88 41.35
CA ILE A 1115 -12.13 -7.14 41.64
C ILE A 1115 -11.23 -8.06 42.47
N TYR A 1116 -9.95 -8.14 42.13
CA TYR A 1116 -8.98 -8.92 42.90
C TYR A 1116 -8.24 -7.97 43.84
N ARG A 1117 -8.87 -7.66 44.97
CA ARG A 1117 -8.29 -6.70 45.90
C ARG A 1117 -7.11 -7.31 46.65
N TYR A 1118 -7.40 -8.22 47.58
CA TYR A 1118 -6.37 -8.88 48.38
C TYR A 1118 -6.16 -10.33 47.94
N GLY A 1119 -6.43 -10.62 46.67
CA GLY A 1119 -6.45 -11.99 46.19
C GLY A 1119 -7.63 -12.80 46.67
N PHE A 1120 -8.39 -12.30 47.65
CA PHE A 1120 -9.53 -13.01 48.21
C PHE A 1120 -10.72 -12.84 47.26
N ALA A 1121 -10.74 -13.67 46.23
CA ALA A 1121 -11.82 -13.62 45.25
C ALA A 1121 -12.33 -14.98 44.84
N LEU A 1122 -11.89 -16.06 45.49
CA LEU A 1122 -12.25 -17.41 45.12
C LEU A 1122 -13.06 -18.07 46.23
N ASN A 1123 -13.97 -18.95 45.84
CA ASN A 1123 -14.78 -19.69 46.80
C ASN A 1123 -14.44 -21.17 46.75
N MET A 1124 -13.18 -21.51 47.06
CA MET A 1124 -12.71 -22.90 47.03
C MET A 1124 -11.91 -23.16 48.31
N HIS A 1125 -12.64 -23.33 49.42
CA HIS A 1125 -12.05 -23.69 50.71
C HIS A 1125 -10.99 -22.69 51.15
N GLY A 1126 -11.28 -21.40 50.96
CA GLY A 1126 -10.41 -20.35 51.44
C GLY A 1126 -9.14 -20.12 50.65
N GLU A 1127 -8.88 -20.91 49.61
CA GLU A 1127 -7.69 -20.69 48.81
C GLU A 1127 -7.82 -19.41 48.01
N LEU A 1128 -6.69 -18.73 47.80
CA LEU A 1128 -6.65 -17.42 47.17
C LEU A 1128 -6.04 -17.52 45.78
N ALA A 1129 -6.26 -16.48 44.99
CA ALA A 1129 -5.61 -16.34 43.69
C ALA A 1129 -4.20 -15.82 43.90
N ASP A 1130 -3.52 -15.46 42.82
CA ASP A 1130 -2.16 -14.94 42.92
C ASP A 1130 -1.81 -14.05 41.73
N HIS A 1131 -0.56 -14.15 41.27
CA HIS A 1131 -0.09 -13.29 40.20
C HIS A 1131 -0.59 -13.78 38.84
N TRP A 1132 -0.33 -15.04 38.51
CA TRP A 1132 -0.64 -15.55 37.18
C TRP A 1132 -2.12 -15.82 37.00
N SER A 1133 -2.81 -16.24 38.07
CA SER A 1133 -4.26 -16.44 37.99
C SER A 1133 -5.00 -15.14 37.75
N TRP A 1134 -4.35 -14.00 37.96
CA TRP A 1134 -4.89 -12.69 37.64
C TRP A 1134 -4.41 -12.16 36.29
N GLY A 1135 -3.15 -12.44 35.95
CA GLY A 1135 -2.68 -12.09 34.62
C GLY A 1135 -3.45 -12.80 33.52
N VAL A 1136 -3.86 -14.04 33.78
CA VAL A 1136 -4.66 -14.78 32.80
C VAL A 1136 -6.00 -14.08 32.58
N THR A 1137 -6.62 -13.60 33.66
CA THR A 1137 -7.89 -12.89 33.52
C THR A 1137 -7.71 -11.60 32.76
N VAL A 1138 -6.63 -10.86 33.05
CA VAL A 1138 -6.35 -9.63 32.31
C VAL A 1138 -6.20 -9.94 30.81
N TYR A 1139 -5.45 -10.99 30.51
CA TYR A 1139 -5.20 -11.35 29.11
C TYR A 1139 -6.50 -11.73 28.39
N THR A 1140 -7.32 -12.57 29.03
CA THR A 1140 -8.57 -12.98 28.42
C THR A 1140 -9.50 -11.79 28.20
N THR A 1141 -9.57 -10.88 29.18
CA THR A 1141 -10.41 -9.70 29.03
C THR A 1141 -9.93 -8.82 27.88
N SER A 1142 -8.62 -8.61 27.76
CA SER A 1142 -8.11 -7.79 26.68
C SER A 1142 -8.38 -8.43 25.32
N VAL A 1143 -8.25 -9.76 25.24
CA VAL A 1143 -8.52 -10.45 23.98
C VAL A 1143 -9.98 -10.30 23.59
N ILE A 1144 -10.89 -10.49 24.56
CA ILE A 1144 -12.31 -10.36 24.26
C ILE A 1144 -12.64 -8.94 23.84
N ILE A 1145 -12.00 -7.95 24.45
CA ILE A 1145 -12.28 -6.56 24.11
C ILE A 1145 -11.81 -6.24 22.70
N VAL A 1146 -10.61 -6.68 22.33
CA VAL A 1146 -10.13 -6.37 20.98
C VAL A 1146 -10.94 -7.13 19.93
N LEU A 1147 -11.40 -8.34 20.26
CA LEU A 1147 -12.26 -9.05 19.32
C LEU A 1147 -13.61 -8.34 19.16
N GLY A 1148 -14.15 -7.80 20.26
CA GLY A 1148 -15.39 -7.04 20.15
C GLY A 1148 -15.23 -5.78 19.33
N LYS A 1149 -14.08 -5.10 19.49
CA LYS A 1149 -13.82 -3.92 18.66
C LYS A 1149 -13.72 -4.29 17.19
N ALA A 1150 -13.02 -5.40 16.89
CA ALA A 1150 -12.95 -5.85 15.50
C ALA A 1150 -14.33 -6.18 14.96
N ALA A 1151 -15.19 -6.80 15.77
CA ALA A 1151 -16.54 -7.11 15.32
C ALA A 1151 -17.36 -5.84 15.10
N LEU A 1152 -17.09 -4.78 15.87
CA LEU A 1152 -17.79 -3.52 15.65
C LEU A 1152 -17.28 -2.80 14.41
N VAL A 1153 -16.02 -3.01 14.03
CA VAL A 1153 -15.49 -2.29 12.89
C VAL A 1153 -15.99 -2.85 11.56
N THR A 1154 -16.23 -4.16 11.47
CA THR A 1154 -16.60 -4.77 10.21
C THR A 1154 -17.95 -4.26 9.71
N ASN A 1155 -18.12 -4.24 8.39
CA ASN A 1155 -19.33 -3.78 7.74
C ASN A 1155 -20.23 -4.94 7.28
N GLN A 1156 -19.64 -5.96 6.68
CA GLN A 1156 -20.38 -7.13 6.22
C GLN A 1156 -19.84 -8.39 6.89
N TRP A 1157 -20.73 -9.31 7.17
CA TRP A 1157 -20.41 -10.55 7.88
C TRP A 1157 -20.65 -11.74 6.94
N THR A 1158 -19.58 -12.22 6.33
CA THR A 1158 -19.67 -13.37 5.42
C THR A 1158 -19.48 -14.66 6.19
N LYS A 1159 -18.49 -15.47 5.79
CA LYS A 1159 -18.09 -16.66 6.52
C LYS A 1159 -16.72 -16.53 7.16
N PHE A 1160 -15.75 -15.94 6.44
CA PHE A 1160 -14.44 -15.72 7.03
C PHE A 1160 -14.53 -14.75 8.21
N THR A 1161 -15.43 -13.78 8.13
CA THR A 1161 -15.63 -12.88 9.27
C THR A 1161 -16.34 -13.60 10.41
N LEU A 1162 -17.19 -14.59 10.09
CA LEU A 1162 -17.88 -15.33 11.14
C LEU A 1162 -16.96 -16.32 11.85
N ILE A 1163 -15.93 -16.81 11.17
CA ILE A 1163 -14.98 -17.74 11.76
C ILE A 1163 -13.60 -17.11 11.97
N ALA A 1164 -13.52 -15.78 11.94
CA ALA A 1164 -12.27 -15.09 12.21
C ALA A 1164 -12.29 -14.25 13.48
N ILE A 1165 -13.47 -13.80 13.93
CA ILE A 1165 -13.54 -12.96 15.13
C ILE A 1165 -14.11 -13.76 16.30
N PRO A 1166 -15.24 -14.48 16.18
CA PRO A 1166 -15.63 -15.38 17.26
C PRO A 1166 -14.77 -16.63 17.28
N GLY A 1167 -14.25 -16.97 16.11
CA GLY A 1167 -13.38 -18.14 16.01
C GLY A 1167 -12.14 -18.02 16.86
N SER A 1168 -11.55 -16.82 16.91
CA SER A 1168 -10.36 -16.62 17.74
C SER A 1168 -10.71 -16.72 19.23
N LEU A 1169 -11.88 -16.22 19.61
CA LEU A 1169 -12.31 -16.33 21.00
C LEU A 1169 -12.47 -17.79 21.41
N LEU A 1170 -13.17 -18.57 20.59
CA LEU A 1170 -13.31 -19.99 20.89
C LEU A 1170 -11.97 -20.70 20.86
N PHE A 1171 -11.09 -20.30 19.94
CA PHE A 1171 -9.75 -20.87 19.87
C PHE A 1171 -9.01 -20.67 21.16
N TRP A 1172 -9.02 -19.45 21.71
CA TRP A 1172 -8.31 -19.20 22.96
C TRP A 1172 -8.98 -19.94 24.12
N LEU A 1173 -10.30 -19.93 24.19
CA LEU A 1173 -11.00 -20.56 25.31
C LEU A 1173 -10.84 -22.08 25.31
N ILE A 1174 -10.52 -22.68 24.16
CA ILE A 1174 -10.22 -24.10 24.12
C ILE A 1174 -8.72 -24.39 24.17
N PHE A 1175 -7.88 -23.44 23.81
CA PHE A 1175 -6.44 -23.64 23.76
C PHE A 1175 -5.76 -23.41 25.11
N PHE A 1176 -6.30 -22.50 25.93
CA PHE A 1176 -5.66 -22.26 27.23
C PHE A 1176 -5.72 -23.47 28.16
N PRO A 1177 -6.86 -24.14 28.37
CA PRO A 1177 -6.84 -25.31 29.25
C PRO A 1177 -5.96 -26.43 28.75
N ILE A 1178 -5.73 -26.52 27.44
CA ILE A 1178 -4.87 -27.56 26.89
C ILE A 1178 -3.40 -27.17 27.03
N TYR A 1179 -3.08 -25.88 26.83
CA TYR A 1179 -1.70 -25.45 26.95
C TYR A 1179 -1.23 -25.40 28.39
N ALA A 1180 -2.15 -25.17 29.33
CA ALA A 1180 -1.78 -25.05 30.74
C ALA A 1180 -1.85 -26.38 31.49
N SER A 1181 -2.27 -27.46 30.84
CA SER A 1181 -2.37 -28.76 31.49
C SER A 1181 -1.45 -29.79 30.83
N ILE A 1182 -0.47 -29.34 30.06
CA ILE A 1182 0.46 -30.25 29.37
C ILE A 1182 1.86 -29.67 29.41
N PHE A 1183 2.01 -28.45 28.93
CA PHE A 1183 3.31 -27.79 28.82
C PHE A 1183 3.98 -27.51 30.16
N PRO A 1184 3.24 -27.26 31.24
CA PRO A 1184 3.90 -27.21 32.56
C PRO A 1184 4.64 -28.49 32.92
N HIS A 1185 4.12 -29.65 32.51
CA HIS A 1185 4.81 -30.90 32.79
C HIS A 1185 6.13 -31.01 32.03
N ALA A 1186 6.20 -30.40 30.84
CA ALA A 1186 7.40 -30.43 30.02
C ALA A 1186 8.35 -29.27 30.32
N ASN A 1187 8.21 -28.63 31.49
CA ASN A 1187 9.06 -27.52 31.90
C ASN A 1187 8.98 -26.36 30.91
N ILE A 1188 7.79 -26.15 30.34
CA ILE A 1188 7.51 -25.03 29.45
C ILE A 1188 6.45 -24.18 30.13
N SER A 1189 6.83 -22.98 30.56
CA SER A 1189 5.97 -22.08 31.32
C SER A 1189 5.38 -22.81 32.54
N ARG A 1190 6.24 -22.92 33.56
CA ARG A 1190 5.89 -23.63 34.78
C ARG A 1190 5.02 -22.82 35.73
N GLU A 1191 4.46 -21.70 35.26
CA GLU A 1191 3.61 -20.88 36.11
C GLU A 1191 2.16 -21.35 36.13
N TYR A 1192 1.71 -22.02 35.08
CA TYR A 1192 0.30 -22.41 34.96
C TYR A 1192 0.07 -23.83 35.51
N TYR A 1193 0.47 -24.06 36.76
CA TYR A 1193 0.31 -25.38 37.35
C TYR A 1193 -1.04 -25.59 38.00
N GLY A 1194 -1.70 -24.53 38.45
CA GLY A 1194 -3.02 -24.65 39.03
C GLY A 1194 -3.94 -23.53 38.61
N VAL A 1195 -3.62 -22.89 37.48
CA VAL A 1195 -4.40 -21.74 37.04
C VAL A 1195 -5.71 -22.16 36.40
N VAL A 1196 -5.75 -23.35 35.79
CA VAL A 1196 -6.97 -23.81 35.15
C VAL A 1196 -8.09 -23.98 36.18
N LYS A 1197 -7.76 -24.53 37.35
CA LYS A 1197 -8.79 -24.71 38.37
C LYS A 1197 -9.11 -23.41 39.09
N HIS A 1198 -8.12 -22.55 39.30
CA HIS A 1198 -8.33 -21.29 39.99
C HIS A 1198 -8.85 -20.19 39.06
N THR A 1199 -9.10 -20.50 37.79
CA THR A 1199 -9.75 -19.56 36.89
C THR A 1199 -11.01 -20.16 36.28
N TYR A 1200 -10.90 -21.26 35.52
CA TYR A 1200 -12.07 -21.86 34.90
C TYR A 1200 -12.99 -22.51 35.92
N GLY A 1201 -12.52 -22.75 37.14
CA GLY A 1201 -13.32 -23.33 38.19
C GLY A 1201 -13.92 -22.35 39.16
N SER A 1202 -13.87 -21.05 38.87
CA SER A 1202 -14.41 -20.01 39.74
C SER A 1202 -15.41 -19.16 38.98
N GLY A 1203 -16.38 -18.62 39.70
CA GLY A 1203 -17.40 -17.79 39.07
C GLY A 1203 -16.97 -16.37 38.80
N VAL A 1204 -16.03 -15.86 39.59
CA VAL A 1204 -15.58 -14.47 39.42
C VAL A 1204 -14.93 -14.29 38.06
N PHE A 1205 -14.22 -15.30 37.56
CA PHE A 1205 -13.60 -15.22 36.25
C PHE A 1205 -14.65 -15.02 35.16
N TRP A 1206 -15.69 -15.87 35.17
CA TRP A 1206 -16.74 -15.76 34.17
C TRP A 1206 -17.49 -14.43 34.29
N LEU A 1207 -17.78 -14.01 35.53
CA LEU A 1207 -18.52 -12.77 35.69
C LEU A 1207 -17.71 -11.56 35.23
N THR A 1208 -16.40 -11.55 35.49
CA THR A 1208 -15.55 -10.49 34.95
C THR A 1208 -15.55 -10.51 33.44
N LEU A 1209 -15.39 -11.70 32.85
CA LEU A 1209 -15.41 -11.82 31.39
C LEU A 1209 -16.73 -11.32 30.80
N ILE A 1210 -17.82 -11.45 31.54
CA ILE A 1210 -19.12 -11.02 31.02
C ILE A 1210 -19.28 -9.51 31.20
N VAL A 1211 -18.80 -8.95 32.31
CA VAL A 1211 -19.17 -7.58 32.67
C VAL A 1211 -18.15 -6.52 32.26
N LEU A 1212 -16.90 -6.90 31.99
CA LEU A 1212 -15.91 -5.87 31.71
C LEU A 1212 -15.86 -5.46 30.24
N PRO A 1213 -15.86 -6.41 29.28
CA PRO A 1213 -15.84 -6.00 27.88
C PRO A 1213 -17.04 -5.15 27.48
N ILE A 1214 -18.23 -5.46 28.01
CA ILE A 1214 -19.40 -4.63 27.72
C ILE A 1214 -19.21 -3.23 28.27
N PHE A 1215 -18.68 -3.13 29.50
CA PHE A 1215 -18.41 -1.83 30.09
C PHE A 1215 -17.40 -1.04 29.26
N ALA A 1216 -16.48 -1.73 28.58
CA ALA A 1216 -15.48 -1.04 27.79
C ALA A 1216 -15.96 -0.68 26.39
N LEU A 1217 -16.91 -1.44 25.84
CA LEU A 1217 -17.37 -1.24 24.48
C LEU A 1217 -18.70 -0.49 24.38
N VAL A 1218 -19.35 -0.20 25.50
CA VAL A 1218 -20.62 0.54 25.45
C VAL A 1218 -20.40 1.92 24.84
N ARG A 1219 -19.27 2.56 25.15
CA ARG A 1219 -19.00 3.89 24.60
C ARG A 1219 -18.87 3.85 23.08
N ASP A 1220 -18.14 2.85 22.56
CA ASP A 1220 -17.99 2.75 21.11
C ASP A 1220 -19.31 2.41 20.44
N PHE A 1221 -20.10 1.51 21.05
CA PHE A 1221 -21.39 1.17 20.49
C PHE A 1221 -22.30 2.40 20.40
N LEU A 1222 -22.37 3.16 21.49
CA LEU A 1222 -23.25 4.32 21.50
C LEU A 1222 -22.77 5.41 20.54
N TRP A 1223 -21.46 5.64 20.47
CA TRP A 1223 -20.96 6.65 19.54
C TRP A 1223 -21.19 6.23 18.09
N LYS A 1224 -21.06 4.93 17.80
CA LYS A 1224 -21.33 4.46 16.44
C LYS A 1224 -22.80 4.67 16.09
N TYR A 1225 -23.70 4.32 17.01
CA TYR A 1225 -25.12 4.55 16.77
C TYR A 1225 -25.42 6.02 16.53
N TYR A 1226 -24.86 6.89 17.37
CA TYR A 1226 -25.11 8.33 17.22
C TYR A 1226 -24.57 8.84 15.89
N LYS A 1227 -23.34 8.48 15.55
CA LYS A 1227 -22.73 8.95 14.31
C LYS A 1227 -23.52 8.48 13.09
N ARG A 1228 -24.03 7.25 13.13
CA ARG A 1228 -24.76 6.76 11.96
C ARG A 1228 -26.21 7.22 11.92
N MET A 1229 -26.76 7.69 13.04
CA MET A 1229 -28.16 8.12 13.07
C MET A 1229 -28.31 9.64 12.91
N TYR A 1230 -27.68 10.42 13.77
CA TYR A 1230 -27.94 11.85 13.84
C TYR A 1230 -26.81 12.70 13.27
N GLU A 1231 -25.82 12.08 12.63
CA GLU A 1231 -24.77 12.84 11.97
C GLU A 1231 -24.07 11.95 10.95
N PRO A 1232 -24.77 11.50 9.91
CA PRO A 1232 -24.18 10.51 8.99
C PRO A 1232 -23.26 11.16 7.97
N GLU A 1233 -22.42 10.31 7.39
CA GLU A 1233 -21.55 10.69 6.29
C GLU A 1233 -22.16 10.23 4.97
N THR A 1234 -21.45 10.48 3.87
CA THR A 1234 -21.97 10.11 2.56
C THR A 1234 -22.06 8.59 2.42
N TYR A 1235 -20.98 7.89 2.75
CA TYR A 1235 -20.98 6.44 2.63
C TYR A 1235 -21.97 5.80 3.61
N HIS A 1236 -22.24 6.45 4.73
CA HIS A 1236 -23.30 5.97 5.62
C HIS A 1236 -24.66 6.01 4.92
N VAL A 1237 -24.94 7.10 4.21
CA VAL A 1237 -26.20 7.20 3.48
C VAL A 1237 -26.25 6.16 2.38
N ILE A 1238 -25.13 5.91 1.70
CA ILE A 1238 -25.11 4.92 0.64
C ILE A 1238 -25.34 3.52 1.20
N GLN A 1239 -24.74 3.22 2.35
CA GLN A 1239 -24.98 1.92 2.99
C GLN A 1239 -26.42 1.78 3.43
N GLU A 1240 -27.04 2.86 3.91
CA GLU A 1240 -28.45 2.81 4.26
C GLU A 1240 -29.31 2.55 3.03
N MET A 1241 -28.95 3.16 1.90
CA MET A 1241 -29.63 2.86 0.64
C MET A 1241 -29.50 1.39 0.29
N GLN A 1242 -28.29 0.86 0.40
CA GLN A 1242 -28.03 -0.53 0.00
C GLN A 1242 -28.78 -1.51 0.88
N LYS A 1243 -28.88 -1.22 2.18
CA LYS A 1243 -29.47 -2.18 3.11
C LYS A 1243 -30.95 -2.44 2.81
N TYR A 1244 -31.70 -1.38 2.51
CA TYR A 1244 -33.14 -1.52 2.31
C TYR A 1244 -33.50 -1.71 0.84
N ASN A 1245 -33.05 -0.81 -0.03
CA ASN A 1245 -33.36 -0.90 -1.44
C ASN A 1245 -32.62 -2.07 -2.09
N THR B 19 -8.95 -19.42 -23.84
CA THR B 19 -9.18 -19.10 -22.43
C THR B 19 -8.29 -19.94 -21.53
N SER B 20 -6.97 -19.76 -21.68
CA SER B 20 -6.03 -20.52 -20.87
C SER B 20 -5.78 -19.85 -19.52
N LYS B 21 -5.56 -18.53 -19.53
CA LYS B 21 -5.30 -17.76 -18.33
C LYS B 21 -6.55 -17.06 -17.80
N LYS B 22 -7.72 -17.62 -18.05
CA LYS B 22 -8.96 -17.01 -17.61
C LYS B 22 -9.20 -17.28 -16.14
N PRO B 23 -9.43 -16.25 -15.31
CA PRO B 23 -9.64 -16.49 -13.89
C PRO B 23 -10.91 -17.29 -13.66
N PRO B 24 -10.97 -18.04 -12.57
CA PRO B 24 -12.17 -18.85 -12.30
C PRO B 24 -13.38 -17.98 -12.00
N ASN B 25 -14.55 -18.58 -12.18
CA ASN B 25 -15.83 -17.91 -11.94
C ASN B 25 -16.50 -18.52 -10.71
N THR B 26 -15.95 -18.19 -9.55
CA THR B 26 -16.47 -18.65 -8.28
C THR B 26 -16.81 -17.46 -7.40
N ALA B 27 -17.67 -17.71 -6.40
CA ALA B 27 -18.09 -16.65 -5.50
C ALA B 27 -16.92 -16.07 -4.72
N PHE B 28 -15.96 -16.90 -4.35
CA PHE B 28 -14.81 -16.42 -3.59
C PHE B 28 -13.91 -15.54 -4.44
N ARG B 29 -13.56 -16.00 -5.64
CA ARG B 29 -12.59 -15.28 -6.47
C ARG B 29 -13.15 -13.98 -7.00
N GLN B 30 -14.47 -13.88 -7.17
CA GLN B 30 -15.10 -12.68 -7.69
C GLN B 30 -15.57 -11.73 -6.60
N GLN B 31 -15.35 -12.06 -5.34
CA GLN B 31 -15.68 -11.20 -4.20
C GLN B 31 -17.17 -10.88 -4.16
N ARG B 32 -18.00 -11.92 -4.27
CA ARG B 32 -19.45 -11.78 -4.17
C ARG B 32 -20.01 -12.87 -3.27
N LEU B 33 -19.38 -13.05 -2.10
CA LEU B 33 -19.82 -14.06 -1.15
C LEU B 33 -21.14 -13.67 -0.51
N LYS B 34 -21.90 -14.67 -0.09
CA LYS B 34 -23.16 -14.44 0.61
C LYS B 34 -22.87 -13.79 1.96
N ALA B 35 -23.32 -12.55 2.12
CA ALA B 35 -23.01 -11.76 3.30
C ALA B 35 -24.28 -11.34 4.02
N TRP B 36 -24.10 -10.69 5.16
CA TRP B 36 -25.19 -10.18 5.98
C TRP B 36 -24.73 -8.87 6.59
N GLN B 37 -25.32 -7.76 6.15
CA GLN B 37 -24.88 -6.44 6.58
C GLN B 37 -25.73 -5.98 7.75
N PRO B 38 -25.16 -5.84 8.95
CA PRO B 38 -25.94 -5.31 10.07
C PRO B 38 -26.00 -3.80 10.04
N ILE B 39 -27.09 -3.27 10.60
CA ILE B 39 -27.30 -1.83 10.66
C ILE B 39 -27.78 -1.47 12.07
N LEU B 40 -27.28 -0.35 12.58
CA LEU B 40 -27.61 0.12 13.93
C LEU B 40 -28.88 0.96 13.84
N SER B 41 -30.03 0.31 14.01
CA SER B 41 -31.32 0.96 13.93
C SER B 41 -31.98 1.04 15.30
N PRO B 42 -32.74 2.10 15.58
CA PRO B 42 -33.48 2.15 16.85
C PRO B 42 -34.49 1.03 17.00
N GLN B 43 -34.83 0.32 15.91
CA GLN B 43 -35.72 -0.82 16.02
C GLN B 43 -35.06 -2.01 16.71
N SER B 44 -33.73 -2.02 16.83
CA SER B 44 -33.02 -3.12 17.44
C SER B 44 -31.95 -2.69 18.44
N VAL B 45 -31.57 -1.41 18.48
CA VAL B 45 -30.56 -0.97 19.44
C VAL B 45 -31.19 -0.68 20.79
N LEU B 46 -32.35 -0.03 20.81
CA LEU B 46 -33.02 0.31 22.06
C LEU B 46 -33.54 -0.94 22.78
N PRO B 47 -34.15 -1.91 22.09
CA PRO B 47 -34.48 -3.17 22.79
C PRO B 47 -33.26 -3.87 23.37
N LEU B 48 -32.10 -3.75 22.72
CA LEU B 48 -30.88 -4.34 23.27
C LEU B 48 -30.49 -3.66 24.58
N LEU B 49 -30.54 -2.33 24.62
CA LEU B 49 -30.24 -1.63 25.87
C LEU B 49 -31.25 -1.97 26.95
N ILE B 50 -32.52 -2.12 26.57
CA ILE B 50 -33.54 -2.50 27.55
C ILE B 50 -33.24 -3.88 28.12
N PHE B 51 -32.88 -4.83 27.26
CA PHE B 51 -32.57 -6.17 27.73
C PHE B 51 -31.34 -6.17 28.62
N VAL B 52 -30.32 -5.38 28.26
CA VAL B 52 -29.11 -5.32 29.08
C VAL B 52 -29.43 -4.74 30.46
N ALA B 53 -30.18 -3.65 30.50
CA ALA B 53 -30.54 -3.04 31.77
C ALA B 53 -31.47 -3.92 32.59
N CYS B 54 -32.24 -4.80 31.94
CA CYS B 54 -33.11 -5.70 32.67
C CYS B 54 -32.40 -6.94 33.17
N ILE B 55 -31.30 -7.35 32.53
CA ILE B 55 -30.57 -8.53 32.98
C ILE B 55 -29.37 -8.21 33.86
N PHE B 56 -28.87 -6.98 33.85
CA PHE B 56 -27.69 -6.67 34.65
C PHE B 56 -28.03 -6.12 36.03
N THR B 57 -29.23 -5.60 36.23
CA THR B 57 -29.59 -5.10 37.56
C THR B 57 -29.86 -6.24 38.54
N PRO B 58 -30.58 -7.32 38.16
CA PRO B 58 -30.71 -8.44 39.11
C PRO B 58 -29.38 -9.07 39.46
N ILE B 59 -28.47 -9.19 38.50
CA ILE B 59 -27.16 -9.77 38.79
C ILE B 59 -26.39 -8.89 39.77
N GLY B 60 -26.39 -7.58 39.53
CA GLY B 60 -25.70 -6.68 40.44
C GLY B 60 -26.30 -6.69 41.83
N ILE B 61 -27.64 -6.76 41.92
CA ILE B 61 -28.29 -6.83 43.22
C ILE B 61 -27.92 -8.11 43.94
N GLY B 62 -27.94 -9.24 43.23
CA GLY B 62 -27.54 -10.50 43.84
C GLY B 62 -26.10 -10.49 44.33
N LEU B 63 -25.20 -9.90 43.53
CA LEU B 63 -23.79 -9.86 43.93
C LEU B 63 -23.59 -8.95 45.13
N ILE B 64 -24.30 -7.82 45.18
CA ILE B 64 -24.15 -6.93 46.33
C ILE B 64 -24.74 -7.58 47.58
N VAL B 65 -25.84 -8.31 47.45
CA VAL B 65 -26.40 -9.02 48.59
C VAL B 65 -25.44 -10.10 49.08
N SER B 66 -24.83 -10.84 48.15
CA SER B 66 -23.88 -11.89 48.54
C SER B 66 -22.62 -11.31 49.16
N ALA B 67 -22.22 -10.09 48.75
CA ALA B 67 -21.05 -9.48 49.35
C ALA B 67 -21.38 -8.89 50.73
N THR B 68 -22.59 -8.38 50.90
CA THR B 68 -22.99 -7.85 52.20
C THR B 68 -23.22 -8.96 53.21
N LYS B 69 -23.67 -10.13 52.75
CA LYS B 69 -23.95 -11.26 53.64
C LYS B 69 -22.71 -11.83 54.30
N VAL B 70 -21.52 -11.31 53.99
CA VAL B 70 -20.28 -11.80 54.56
C VAL B 70 -19.94 -11.00 55.82
N GLN B 71 -19.79 -11.69 56.93
CA GLN B 71 -19.47 -11.07 58.22
C GLN B 71 -18.04 -11.43 58.62
N ASP B 72 -17.25 -10.43 58.99
CA ASP B 72 -15.83 -10.63 59.23
C ASP B 72 -15.34 -9.63 60.27
N LEU B 73 -14.03 -9.72 60.56
CA LEU B 73 -13.39 -8.93 61.59
C LEU B 73 -11.92 -8.78 61.25
N THR B 74 -11.33 -7.64 61.62
CA THR B 74 -9.95 -7.34 61.29
C THR B 74 -9.34 -6.50 62.41
N ILE B 75 -8.17 -6.92 62.89
CA ILE B 75 -7.47 -6.22 63.97
C ILE B 75 -6.03 -6.00 63.53
N ASP B 76 -5.62 -4.74 63.43
CA ASP B 76 -4.23 -4.41 63.11
C ASP B 76 -3.41 -4.55 64.38
N TYR B 77 -2.81 -5.72 64.56
CA TYR B 77 -2.04 -5.99 65.77
C TYR B 77 -0.60 -5.49 65.68
N SER B 78 -0.28 -4.70 64.66
CA SER B 78 0.99 -3.99 64.69
C SER B 78 0.97 -2.93 65.78
N HIS B 79 2.16 -2.47 66.18
CA HIS B 79 2.36 -1.53 67.27
C HIS B 79 1.89 -2.08 68.62
N CYS B 80 1.59 -3.38 68.70
CA CYS B 80 1.24 -3.98 69.98
C CYS B 80 2.42 -4.01 70.95
N ASP B 81 3.64 -3.74 70.47
CA ASP B 81 4.80 -3.73 71.35
C ASP B 81 4.76 -2.54 72.30
N THR B 82 4.44 -1.35 71.79
CA THR B 82 4.49 -0.12 72.57
C THR B 82 3.12 0.32 73.08
N LYS B 83 2.07 0.14 72.29
CA LYS B 83 0.76 0.65 72.70
C LYS B 83 0.10 -0.23 73.75
N ALA B 84 0.21 -1.55 73.63
CA ALA B 84 -0.50 -2.45 74.52
C ALA B 84 0.06 -2.37 75.93
N SER B 85 -0.77 -2.77 76.89
CA SER B 85 -0.43 -2.75 78.30
C SER B 85 0.09 -4.11 78.74
N THR B 86 1.14 -4.11 79.56
CA THR B 86 1.73 -5.36 80.01
C THR B 86 0.91 -6.00 81.13
N THR B 87 0.27 -5.17 81.97
CA THR B 87 -0.46 -5.68 83.12
C THR B 87 -1.80 -6.26 82.73
N ALA B 88 -2.82 -5.41 82.62
CA ALA B 88 -4.17 -5.84 82.27
C ALA B 88 -4.51 -5.39 80.85
N PHE B 89 -5.64 -5.88 80.37
CA PHE B 89 -6.07 -5.55 79.01
C PHE B 89 -6.51 -4.10 78.92
N GLU B 90 -6.13 -3.44 77.83
CA GLU B 90 -6.65 -2.13 77.49
C GLU B 90 -7.29 -2.20 76.11
N ASP B 91 -8.25 -1.31 75.86
CA ASP B 91 -8.98 -1.34 74.60
C ASP B 91 -8.13 -0.84 73.45
N ILE B 92 -8.23 -1.51 72.31
CA ILE B 92 -7.46 -1.14 71.13
C ILE B 92 -8.01 0.16 70.56
N PRO B 93 -7.16 1.08 70.09
CA PRO B 93 -7.67 2.30 69.45
C PRO B 93 -8.59 1.97 68.29
N LYS B 94 -9.48 2.93 67.98
CA LYS B 94 -10.49 2.71 66.95
C LYS B 94 -9.89 2.67 65.55
N LYS B 95 -8.74 3.29 65.34
CA LYS B 95 -8.13 3.29 64.01
C LYS B 95 -7.48 1.96 63.66
N TYR B 96 -7.66 0.91 64.46
CA TYR B 96 -7.07 -0.39 64.19
C TYR B 96 -8.09 -1.51 64.04
N ILE B 97 -9.36 -1.28 64.37
CA ILE B 97 -10.37 -2.33 64.42
C ILE B 97 -11.37 -2.11 63.29
N LYS B 98 -11.75 -3.19 62.62
CA LYS B 98 -12.85 -3.18 61.67
C LYS B 98 -13.66 -4.45 61.86
N TYR B 99 -14.97 -4.35 61.63
CA TYR B 99 -15.82 -5.51 61.84
C TYR B 99 -17.15 -5.30 61.13
N HIS B 100 -17.75 -6.40 60.70
CA HIS B 100 -19.06 -6.39 60.07
C HIS B 100 -19.79 -7.66 60.48
N PHE B 101 -20.85 -7.53 61.26
CA PHE B 101 -21.62 -8.67 61.74
C PHE B 101 -23.10 -8.38 61.55
N LYS B 102 -23.92 -9.40 61.80
CA LYS B 102 -25.36 -9.26 61.71
C LYS B 102 -25.97 -8.60 62.94
N SER B 103 -25.16 -8.33 63.97
CA SER B 103 -25.65 -7.71 65.20
C SER B 103 -24.63 -6.68 65.66
N LYS B 104 -24.95 -5.99 66.75
CA LYS B 104 -24.07 -4.98 67.31
C LYS B 104 -23.11 -5.63 68.31
N VAL B 105 -21.94 -5.01 68.47
CA VAL B 105 -20.93 -5.48 69.41
C VAL B 105 -21.05 -4.67 70.69
N GLU B 106 -21.24 -5.36 71.81
CA GLU B 106 -21.39 -4.68 73.09
C GLU B 106 -20.04 -4.24 73.65
N ASN B 107 -19.04 -5.12 73.58
CA ASN B 107 -17.70 -4.84 74.09
C ASN B 107 -16.72 -4.83 72.92
N LYS B 108 -15.96 -3.75 72.81
CA LYS B 108 -14.99 -3.64 71.72
C LYS B 108 -13.77 -4.51 72.00
N PRO B 109 -13.06 -4.93 70.95
CA PRO B 109 -11.87 -5.77 71.17
C PRO B 109 -10.77 -5.01 71.92
N GLN B 110 -10.01 -5.77 72.70
CA GLN B 110 -8.91 -5.25 73.50
C GLN B 110 -7.68 -6.11 73.29
N TRP B 111 -6.56 -5.69 73.87
CA TRP B 111 -5.31 -6.42 73.66
C TRP B 111 -4.43 -6.33 74.90
N ARG B 112 -3.45 -7.23 74.95
CA ARG B 112 -2.46 -7.25 76.02
C ARG B 112 -1.14 -7.72 75.43
N LEU B 113 -0.05 -7.35 76.11
CA LEU B 113 1.31 -7.71 75.69
C LEU B 113 1.93 -8.62 76.75
N THR B 114 2.11 -9.89 76.41
CA THR B 114 2.75 -10.85 77.30
C THR B 114 4.22 -11.00 76.90
N GLU B 115 5.08 -11.21 77.89
CA GLU B 115 6.50 -11.34 77.65
C GLU B 115 7.04 -12.52 78.45
N ASN B 116 7.79 -13.39 77.78
CA ASN B 116 8.39 -14.55 78.45
C ASN B 116 9.70 -14.15 79.12
N GLU B 117 10.35 -15.14 79.74
CA GLU B 117 11.55 -14.87 80.51
C GLU B 117 12.79 -14.71 79.63
N ASN B 118 12.80 -15.34 78.45
CA ASN B 118 13.95 -15.28 77.56
C ASN B 118 13.94 -14.05 76.66
N GLY B 119 12.86 -13.28 76.65
CA GLY B 119 12.78 -12.07 75.87
C GLY B 119 11.82 -12.10 74.71
N GLU B 120 11.14 -13.23 74.47
CA GLU B 120 10.19 -13.31 73.37
C GLU B 120 8.84 -12.79 73.81
N GLN B 121 8.24 -11.94 72.98
CA GLN B 121 6.99 -11.28 73.29
C GLN B 121 5.84 -11.91 72.51
N SER B 122 4.62 -11.56 72.92
CA SER B 122 3.42 -12.02 72.23
C SER B 122 2.29 -11.05 72.50
N CYS B 123 1.37 -10.96 71.54
CA CYS B 123 0.21 -10.08 71.62
C CYS B 123 -1.03 -10.94 71.77
N GLU B 124 -1.81 -10.69 72.82
CA GLU B 124 -3.03 -11.43 73.09
C GLU B 124 -4.21 -10.52 72.78
N LEU B 125 -4.94 -10.83 71.70
CA LEU B 125 -6.12 -10.10 71.33
C LEU B 125 -7.34 -10.77 71.93
N GLN B 126 -8.31 -9.97 72.35
CA GLN B 126 -9.51 -10.46 73.03
C GLN B 126 -10.71 -9.75 72.43
N PHE B 127 -11.54 -10.49 71.69
CA PHE B 127 -12.67 -9.92 70.97
C PHE B 127 -13.93 -10.69 71.33
N GLU B 128 -15.03 -10.31 70.68
CA GLU B 128 -16.33 -10.92 70.96
C GLU B 128 -17.08 -11.14 69.65
N ILE B 129 -17.67 -12.32 69.52
CA ILE B 129 -18.53 -12.65 68.38
C ILE B 129 -19.99 -12.58 68.87
N PRO B 130 -20.78 -11.61 68.40
CA PRO B 130 -22.12 -11.42 68.97
C PRO B 130 -23.19 -12.39 68.45
N ASN B 131 -22.91 -13.18 67.42
CA ASN B 131 -23.92 -14.07 66.88
C ASN B 131 -23.27 -15.32 66.33
N ASP B 132 -24.05 -16.40 66.28
CA ASP B 132 -23.57 -17.67 65.75
C ASP B 132 -23.30 -17.54 64.25
N ILE B 133 -22.05 -17.73 63.85
CA ILE B 133 -21.66 -17.65 62.44
C ILE B 133 -21.69 -19.08 61.91
N LYS B 134 -22.85 -19.50 61.40
CA LYS B 134 -23.02 -20.85 60.87
C LYS B 134 -22.41 -20.96 59.47
N LYS B 135 -21.09 -20.80 59.42
CA LYS B 135 -20.37 -20.79 58.16
C LYS B 135 -18.91 -21.15 58.43
N SER B 136 -18.21 -21.53 57.38
CA SER B 136 -16.80 -21.88 57.50
C SER B 136 -15.98 -20.65 57.88
N ILE B 137 -15.12 -20.78 58.88
CA ILE B 137 -14.33 -19.68 59.40
C ILE B 137 -12.90 -19.79 58.88
N PHE B 138 -12.32 -18.65 58.51
CA PHE B 138 -10.96 -18.62 57.98
C PHE B 138 -10.18 -17.51 58.65
N ILE B 139 -8.89 -17.76 58.89
CA ILE B 139 -8.01 -16.85 59.62
C ILE B 139 -6.82 -16.56 58.71
N TYR B 140 -6.72 -15.31 58.27
CA TYR B 140 -5.63 -14.82 57.43
C TYR B 140 -4.79 -13.81 58.19
N TYR B 141 -3.60 -13.57 57.67
CA TYR B 141 -2.80 -12.43 58.09
C TYR B 141 -2.57 -11.52 56.89
N LYS B 142 -2.72 -10.23 57.11
CA LYS B 142 -2.68 -9.22 56.06
C LYS B 142 -1.41 -8.40 56.17
N ILE B 143 -0.72 -8.22 55.04
CA ILE B 143 0.49 -7.43 54.96
C ILE B 143 0.26 -6.32 53.96
N THR B 144 0.82 -5.14 54.24
CA THR B 144 0.72 -3.99 53.34
C THR B 144 2.12 -3.44 53.07
N ASN B 145 2.24 -2.76 51.93
CA ASN B 145 3.50 -2.13 51.51
C ASN B 145 4.64 -3.15 51.44
N PHE B 146 4.31 -4.36 51.02
CA PHE B 146 5.29 -5.43 50.85
C PHE B 146 5.26 -5.87 49.40
N TYR B 147 6.27 -5.45 48.63
CA TYR B 147 6.30 -5.67 47.19
C TYR B 147 6.69 -7.13 46.91
N GLN B 148 5.68 -8.00 46.99
CA GLN B 148 5.87 -9.40 46.64
C GLN B 148 6.02 -9.62 45.14
N ASN B 149 5.76 -8.59 44.33
CA ASN B 149 5.79 -8.71 42.87
C ASN B 149 6.94 -7.95 42.24
N HIS B 150 8.00 -7.66 43.00
CA HIS B 150 9.16 -7.00 42.43
C HIS B 150 9.88 -7.93 41.46
N ARG B 151 10.51 -7.33 40.45
CA ARG B 151 11.18 -8.13 39.43
C ARG B 151 12.35 -8.90 40.00
N ARG B 152 13.09 -8.30 40.93
CA ARG B 152 14.20 -8.95 41.60
C ARG B 152 13.75 -9.95 42.65
N TYR B 153 12.45 -10.16 42.81
CA TYR B 153 11.91 -10.94 43.90
C TYR B 153 11.03 -12.11 43.47
N VAL B 154 10.37 -12.02 42.31
CA VAL B 154 9.45 -13.08 41.91
C VAL B 154 10.22 -14.30 41.42
N GLN B 155 11.24 -14.09 40.60
CA GLN B 155 12.00 -15.19 40.01
C GLN B 155 13.11 -15.71 40.90
N SER B 156 13.35 -15.08 42.06
CA SER B 156 14.48 -15.44 42.92
C SER B 156 14.11 -16.63 43.79
N PHE B 157 14.15 -17.81 43.18
CA PHE B 157 14.03 -19.08 43.89
C PHE B 157 14.36 -20.20 42.91
N ASP B 158 15.00 -21.25 43.41
CA ASP B 158 15.40 -22.38 42.58
C ASP B 158 14.31 -23.44 42.64
N THR B 159 13.78 -23.79 41.47
CA THR B 159 12.66 -24.74 41.41
C THR B 159 13.10 -26.19 41.49
N LYS B 160 14.39 -26.47 41.48
CA LYS B 160 14.87 -27.84 41.61
C LYS B 160 15.03 -28.26 43.07
N GLN B 161 15.49 -27.35 43.93
CA GLN B 161 15.59 -27.67 45.35
C GLN B 161 14.22 -27.87 45.98
N ILE B 162 13.19 -27.21 45.44
CA ILE B 162 11.84 -27.38 45.95
C ILE B 162 11.39 -28.82 45.74
N LEU B 163 11.83 -29.46 44.66
CA LEU B 163 11.50 -30.85 44.40
C LEU B 163 12.33 -31.82 45.22
N GLY B 164 13.42 -31.36 45.84
CA GLY B 164 14.25 -32.19 46.67
C GLY B 164 15.55 -32.65 46.05
N GLU B 165 15.85 -32.23 44.83
CA GLU B 165 17.05 -32.69 44.15
C GLU B 165 18.28 -32.02 44.74
N PRO B 166 19.28 -32.78 45.19
CA PRO B 166 20.50 -32.17 45.74
C PRO B 166 21.32 -31.44 44.69
N ILE B 167 20.93 -30.21 44.38
CA ILE B 167 21.62 -29.44 43.35
C ILE B 167 22.97 -28.99 43.87
N LYS B 168 24.01 -29.13 43.03
CA LYS B 168 25.35 -28.75 43.41
C LYS B 168 25.45 -27.22 43.50
N LYS B 169 26.62 -26.74 43.90
CA LYS B 169 26.81 -25.30 44.09
C LYS B 169 26.84 -24.57 42.76
N ASP B 170 27.57 -25.11 41.78
CA ASP B 170 27.67 -24.46 40.48
C ASP B 170 26.37 -24.57 39.70
N ASP B 171 25.63 -25.66 39.88
CA ASP B 171 24.35 -25.84 39.19
C ASP B 171 23.22 -25.05 39.83
N LEU B 172 23.51 -24.26 40.86
CA LEU B 172 22.47 -23.46 41.50
C LEU B 172 22.09 -22.29 40.62
N ASP B 173 20.79 -22.00 40.54
CA ASP B 173 20.30 -20.93 39.70
C ASP B 173 20.91 -19.59 40.13
N THR B 174 21.14 -18.72 39.15
CA THR B 174 21.72 -17.42 39.42
C THR B 174 20.68 -16.39 39.89
N SER B 175 19.39 -16.71 39.79
CA SER B 175 18.36 -15.78 40.24
C SER B 175 18.40 -15.54 41.74
N CYS B 176 19.00 -16.46 42.51
CA CYS B 176 19.23 -16.25 43.94
C CYS B 176 20.54 -15.51 44.21
N SER B 177 21.08 -14.80 43.21
CA SER B 177 22.43 -14.23 43.28
C SER B 177 22.85 -13.65 44.62
N PRO B 178 22.04 -12.84 45.32
CA PRO B 178 22.49 -12.38 46.65
C PRO B 178 22.42 -13.45 47.72
N ILE B 179 21.40 -14.30 47.69
CA ILE B 179 21.25 -15.36 48.69
C ILE B 179 21.53 -16.70 48.02
N ARG B 180 22.75 -16.88 47.52
CA ARG B 180 23.17 -18.09 46.83
C ARG B 180 24.52 -18.50 47.38
N SER B 181 24.50 -19.41 48.35
CA SER B 181 25.69 -20.00 48.97
C SER B 181 26.40 -19.00 49.89
N ARG B 182 26.83 -19.47 51.04
CA ARG B 182 27.56 -18.64 52.00
C ARG B 182 28.65 -19.47 52.64
N GLU B 183 29.77 -18.82 52.97
CA GLU B 183 30.94 -19.44 53.58
C GLU B 183 31.26 -20.79 52.93
N ASP B 184 31.20 -20.82 51.61
CA ASP B 184 31.46 -22.02 50.81
C ASP B 184 30.50 -23.15 51.18
N LYS B 185 29.24 -22.81 51.41
CA LYS B 185 28.21 -23.79 51.73
C LYS B 185 26.93 -23.41 51.02
N ILE B 186 26.25 -24.41 50.47
CA ILE B 186 25.00 -24.18 49.75
C ILE B 186 23.90 -23.82 50.73
N ILE B 187 23.07 -22.85 50.38
CA ILE B 187 21.89 -22.50 51.16
C ILE B 187 20.71 -23.29 50.61
N TYR B 188 20.08 -24.10 51.46
CA TYR B 188 19.05 -25.01 50.97
C TYR B 188 17.84 -24.30 50.39
N PRO B 189 17.15 -23.38 51.10
CA PRO B 189 16.06 -22.65 50.45
C PRO B 189 16.58 -21.46 49.66
N CYS B 190 16.72 -21.63 48.35
CA CYS B 190 17.31 -20.62 47.49
C CYS B 190 16.45 -19.36 47.46
N GLY B 191 17.10 -18.23 47.14
CA GLY B 191 16.39 -17.03 46.78
C GLY B 191 16.03 -16.15 47.96
N LEU B 192 15.40 -15.03 47.62
CA LEU B 192 14.93 -14.05 48.59
C LEU B 192 13.50 -14.31 49.05
N ILE B 193 12.75 -15.16 48.34
CA ILE B 193 11.37 -15.42 48.74
C ILE B 193 11.34 -16.20 50.05
N ALA B 194 12.27 -17.14 50.22
CA ALA B 194 12.32 -17.92 51.46
C ALA B 194 13.13 -17.22 52.53
N ASN B 195 14.12 -16.41 52.14
CA ASN B 195 14.94 -15.70 53.13
C ASN B 195 14.10 -14.73 53.95
N SER B 196 13.15 -14.06 53.31
CA SER B 196 12.26 -13.12 54.00
C SER B 196 10.87 -13.77 54.07
N MET B 197 10.61 -14.45 55.18
CA MET B 197 9.36 -15.15 55.40
C MET B 197 8.69 -14.62 56.65
N PHE B 198 7.37 -14.49 56.59
CA PHE B 198 6.58 -14.05 57.74
C PHE B 198 6.56 -15.15 58.79
N ASN B 199 7.17 -14.89 59.95
CA ASN B 199 7.38 -15.91 60.97
C ASN B 199 6.69 -15.55 62.28
N ASP B 200 5.47 -15.04 62.22
CA ASP B 200 4.64 -14.86 63.40
C ASP B 200 3.68 -16.03 63.52
N THR B 201 3.66 -16.66 64.70
CA THR B 201 2.91 -17.89 64.91
C THR B 201 1.58 -17.58 65.59
N PHE B 202 0.48 -17.95 64.93
CA PHE B 202 -0.85 -17.81 65.50
C PHE B 202 -1.18 -19.06 66.30
N SER B 203 -1.68 -18.87 67.53
CA SER B 203 -2.10 -20.01 68.34
C SER B 203 -3.27 -20.71 67.67
N GLN B 204 -3.15 -22.01 67.47
CA GLN B 204 -4.11 -22.76 66.68
C GLN B 204 -5.39 -23.06 67.45
N VAL B 205 -5.88 -22.10 68.24
CA VAL B 205 -7.12 -22.25 68.96
C VAL B 205 -7.59 -20.87 69.40
N LEU B 206 -8.91 -20.67 69.37
CA LEU B 206 -9.55 -19.47 69.88
C LEU B 206 -10.02 -19.78 71.29
N SER B 207 -9.27 -19.35 72.29
CA SER B 207 -9.58 -19.68 73.67
C SER B 207 -10.82 -18.93 74.11
N GLY B 208 -11.88 -19.66 74.46
CA GLY B 208 -13.10 -19.03 74.92
C GLY B 208 -12.96 -18.57 76.36
N ILE B 209 -13.49 -17.38 76.64
CA ILE B 209 -13.35 -16.74 77.95
C ILE B 209 -14.73 -16.64 78.59
N ASP B 210 -14.82 -17.03 79.86
CA ASP B 210 -16.06 -16.95 80.63
C ASP B 210 -17.17 -17.79 80.02
N ASP B 211 -17.18 -19.09 80.33
CA ASP B 211 -18.18 -20.04 79.89
C ASP B 211 -18.21 -20.24 78.37
N THR B 212 -17.26 -19.64 77.66
CA THR B 212 -17.19 -19.80 76.20
C THR B 212 -16.27 -20.97 75.87
N GLU B 213 -16.77 -21.89 75.07
CA GLU B 213 -16.00 -23.08 74.70
C GLU B 213 -14.85 -22.69 73.77
N ASP B 214 -13.82 -23.53 73.78
CA ASP B 214 -12.67 -23.31 72.90
C ASP B 214 -13.03 -23.68 71.46
N TYR B 215 -12.53 -22.88 70.52
CA TYR B 215 -12.74 -23.12 69.10
C TYR B 215 -11.43 -23.65 68.50
N ASN B 216 -11.43 -24.93 68.15
CA ASN B 216 -10.24 -25.59 67.65
C ASN B 216 -10.13 -25.40 66.14
N LEU B 217 -9.10 -24.70 65.71
CA LEU B 217 -8.83 -24.49 64.28
C LEU B 217 -7.97 -25.63 63.77
N THR B 218 -7.50 -25.52 62.53
CA THR B 218 -6.63 -26.53 61.95
C THR B 218 -5.65 -25.87 60.99
N ASN B 219 -4.62 -26.61 60.62
CA ASN B 219 -3.55 -26.09 59.79
C ASN B 219 -3.27 -26.94 58.55
N LYS B 220 -3.92 -28.08 58.41
CA LYS B 220 -3.67 -28.97 57.28
C LYS B 220 -4.57 -28.60 56.11
N HIS B 221 -4.07 -28.86 54.90
CA HIS B 221 -4.75 -28.53 53.65
C HIS B 221 -5.06 -27.04 53.59
N ILE B 222 -4.03 -26.23 53.31
CA ILE B 222 -4.17 -24.78 53.23
C ILE B 222 -3.71 -24.25 51.88
N SER B 223 -2.50 -24.61 51.45
CA SER B 223 -2.00 -24.18 50.16
C SER B 223 -2.72 -24.95 49.05
N TRP B 224 -2.41 -24.60 47.81
CA TRP B 224 -3.07 -25.22 46.66
C TRP B 224 -2.81 -26.71 46.64
N SER B 225 -3.77 -27.46 46.07
CA SER B 225 -3.63 -28.91 45.99
C SER B 225 -2.48 -29.33 45.10
N ILE B 226 -1.94 -28.42 44.30
CA ILE B 226 -0.77 -28.74 43.47
C ILE B 226 0.54 -28.44 44.17
N ASP B 227 0.54 -27.57 45.20
CA ASP B 227 1.76 -27.30 45.95
C ASP B 227 2.09 -28.43 46.89
N ARG B 228 1.08 -29.16 47.38
CA ARG B 228 1.31 -30.36 48.17
C ARG B 228 1.72 -31.55 47.32
N HIS B 229 2.00 -31.32 46.04
CA HIS B 229 2.50 -32.34 45.13
C HIS B 229 3.86 -32.01 44.54
N ARG B 230 4.20 -30.73 44.42
CA ARG B 230 5.52 -30.32 43.95
C ARG B 230 6.50 -30.09 45.08
N PHE B 231 6.02 -29.72 46.26
CA PHE B 231 6.87 -29.53 47.43
C PHE B 231 7.09 -30.88 48.10
N LYS B 232 8.30 -31.41 47.98
CA LYS B 232 8.65 -32.72 48.52
C LYS B 232 9.86 -32.61 49.44
N THR B 233 9.98 -33.59 50.34
CA THR B 233 11.06 -33.59 51.31
C THR B 233 12.41 -33.63 50.60
N THR B 234 13.35 -32.82 51.09
CA THR B 234 14.65 -32.72 50.45
C THR B 234 15.42 -34.03 50.57
N LYS B 235 16.38 -34.21 49.65
CA LYS B 235 17.31 -35.33 49.68
C LYS B 235 18.71 -34.91 50.09
N TYR B 236 18.91 -33.64 50.43
CA TYR B 236 20.19 -33.17 50.92
C TYR B 236 20.56 -33.86 52.23
N ASN B 237 21.84 -33.77 52.57
CA ASN B 237 22.34 -34.14 53.89
C ASN B 237 22.76 -32.87 54.62
N ALA B 238 22.54 -32.86 55.93
CA ALA B 238 22.69 -31.63 56.71
C ALA B 238 24.11 -31.07 56.69
N SER B 239 25.10 -31.90 56.40
CA SER B 239 26.49 -31.43 56.37
C SER B 239 26.82 -30.62 55.13
N ASP B 240 25.86 -30.44 54.21
CA ASP B 240 26.09 -29.71 52.98
C ASP B 240 25.41 -28.34 52.93
N ILE B 241 24.37 -28.13 53.73
CA ILE B 241 23.52 -26.95 53.60
C ILE B 241 23.62 -26.09 54.86
N VAL B 242 23.26 -24.82 54.69
CA VAL B 242 23.34 -23.82 55.74
C VAL B 242 22.12 -22.91 55.63
N PRO B 243 21.48 -22.54 56.74
CA PRO B 243 20.23 -21.76 56.65
C PRO B 243 20.48 -20.37 56.11
N PRO B 244 19.43 -19.69 55.66
CA PRO B 244 19.59 -18.32 55.16
C PRO B 244 19.99 -17.38 56.28
N PRO B 245 20.46 -16.17 55.94
CA PRO B 245 20.88 -15.24 57.01
C PRO B 245 19.76 -14.87 57.97
N ASN B 246 18.50 -14.92 57.53
CA ASN B 246 17.37 -14.56 58.36
C ASN B 246 16.65 -15.76 58.95
N TRP B 247 17.25 -16.94 58.89
CA TRP B 247 16.75 -18.11 59.60
C TRP B 247 17.72 -18.57 60.69
N MET B 248 18.78 -17.80 60.94
CA MET B 248 19.81 -18.22 61.88
C MET B 248 19.32 -18.21 63.32
N LYS B 249 18.28 -17.44 63.65
CA LYS B 249 17.77 -17.44 65.01
C LYS B 249 16.95 -18.67 65.31
N LYS B 250 16.29 -19.24 64.31
CA LYS B 250 15.58 -20.51 64.50
C LYS B 250 16.54 -21.69 64.42
N TYR B 251 17.54 -21.62 63.53
CA TYR B 251 18.55 -22.65 63.36
C TYR B 251 19.92 -22.05 63.63
N PRO B 252 20.31 -21.91 64.90
CA PRO B 252 21.64 -21.38 65.19
C PRO B 252 22.73 -22.40 64.90
N ASP B 253 23.82 -21.92 64.31
CA ASP B 253 24.98 -22.76 63.97
C ASP B 253 24.60 -23.85 62.97
N GLY B 254 23.74 -23.53 62.01
CA GLY B 254 23.49 -24.39 60.89
C GLY B 254 22.47 -25.49 61.15
N TYR B 255 22.16 -26.22 60.08
CA TYR B 255 21.27 -27.36 60.16
C TYR B 255 21.94 -28.52 60.88
N THR B 256 21.13 -29.48 61.30
CA THR B 256 21.60 -30.75 61.84
C THR B 256 20.75 -31.86 61.24
N ASP B 257 21.00 -33.09 61.69
CA ASP B 257 20.23 -34.22 61.19
C ASP B 257 18.81 -34.25 61.73
N GLU B 258 18.46 -33.38 62.66
CA GLU B 258 17.11 -33.28 63.21
C GLU B 258 16.43 -31.97 62.89
N ASN B 259 17.17 -30.87 62.78
CA ASN B 259 16.59 -29.57 62.48
C ASN B 259 16.18 -29.42 61.02
N LEU B 260 16.52 -30.38 60.17
CA LEU B 260 16.22 -30.26 58.75
C LEU B 260 14.72 -30.31 58.52
N PRO B 261 14.13 -29.29 57.90
CA PRO B 261 12.68 -29.28 57.69
C PRO B 261 12.26 -29.97 56.40
N ASP B 262 11.09 -30.61 56.46
CA ASP B 262 10.48 -31.23 55.29
C ASP B 262 9.40 -30.29 54.77
N ILE B 263 9.65 -29.67 53.62
CA ILE B 263 8.76 -28.64 53.08
C ILE B 263 7.58 -29.28 52.39
N HIS B 264 7.35 -30.57 52.63
CA HIS B 264 6.16 -31.23 52.09
C HIS B 264 4.94 -31.00 52.97
N THR B 265 5.13 -30.91 54.29
CA THR B 265 4.04 -30.62 55.21
C THR B 265 4.12 -29.24 55.83
N TRP B 266 5.23 -28.52 55.63
CA TRP B 266 5.39 -27.16 56.13
C TRP B 266 4.58 -26.23 55.24
N GLU B 267 3.26 -26.24 55.43
CA GLU B 267 2.36 -25.56 54.51
C GLU B 267 2.45 -24.05 54.61
N GLU B 268 2.95 -23.50 55.72
CA GLU B 268 3.19 -22.07 55.77
C GLU B 268 4.23 -21.65 54.73
N PHE B 269 5.26 -22.47 54.54
CA PHE B 269 6.26 -22.18 53.51
C PHE B 269 5.63 -22.23 52.12
N GLN B 270 4.78 -23.22 51.87
CA GLN B 270 4.10 -23.29 50.58
C GLN B 270 3.24 -22.06 50.34
N VAL B 271 2.49 -21.63 51.35
CA VAL B 271 1.64 -20.46 51.21
C VAL B 271 2.47 -19.21 50.95
N TRP B 272 3.60 -19.07 51.65
CA TRP B 272 4.41 -17.87 51.47
C TRP B 272 5.12 -17.85 50.13
N MET B 273 5.50 -19.02 49.60
CA MET B 273 6.23 -19.03 48.34
C MET B 273 5.35 -18.62 47.17
N ARG B 274 4.08 -19.01 47.17
CA ARG B 274 3.15 -18.57 46.14
C ARG B 274 2.96 -17.06 46.20
N THR B 275 3.74 -16.33 45.41
CA THR B 275 3.77 -14.88 45.51
C THR B 275 2.41 -14.28 45.16
N ALA B 276 2.22 -13.03 45.60
CA ALA B 276 1.01 -12.28 45.33
C ALA B 276 1.26 -11.22 44.27
N ALA B 277 0.16 -10.67 43.74
CA ALA B 277 0.24 -9.72 42.64
C ALA B 277 0.21 -8.26 43.08
N PHE B 278 -0.13 -7.99 44.34
CA PHE B 278 -0.28 -6.62 44.81
C PHE B 278 0.50 -6.42 46.10
N PRO B 279 0.91 -5.18 46.40
CA PRO B 279 1.63 -4.91 47.65
C PRO B 279 0.80 -5.14 48.90
N LYS B 280 -0.51 -5.40 48.77
CA LYS B 280 -1.39 -5.65 49.90
C LYS B 280 -2.14 -6.94 49.65
N PHE B 281 -1.88 -7.95 50.46
CA PHE B 281 -2.35 -9.30 50.17
C PHE B 281 -2.73 -10.03 51.44
N TYR B 282 -3.49 -11.11 51.27
CA TYR B 282 -3.83 -12.04 52.33
C TYR B 282 -3.02 -13.33 52.15
N LYS B 283 -2.86 -14.04 53.26
CA LYS B 283 -2.24 -15.36 53.26
C LYS B 283 -2.99 -16.23 54.24
N LEU B 284 -3.55 -17.34 53.77
CA LEU B 284 -4.34 -18.20 54.64
C LEU B 284 -3.44 -18.86 55.68
N THR B 285 -3.87 -18.82 56.93
CA THR B 285 -3.09 -19.38 58.04
C THR B 285 -3.85 -20.43 58.82
N LEU B 286 -5.15 -20.22 59.08
CA LEU B 286 -5.93 -21.21 59.82
C LEU B 286 -7.33 -21.27 59.23
N LYS B 287 -8.06 -22.34 59.55
CA LYS B 287 -9.41 -22.48 59.06
C LYS B 287 -10.14 -23.53 59.88
N ASN B 288 -11.47 -23.49 59.78
CA ASN B 288 -12.33 -24.48 60.43
C ASN B 288 -13.63 -24.58 59.65
N GLU B 289 -14.02 -25.80 59.30
CA GLU B 289 -15.18 -26.04 58.46
C GLU B 289 -16.08 -27.15 59.01
N SER B 290 -15.88 -27.57 60.25
CA SER B 290 -16.67 -28.66 60.81
C SER B 290 -17.91 -28.18 61.54
N ALA B 291 -17.83 -27.02 62.21
CA ALA B 291 -18.97 -26.48 62.94
C ALA B 291 -18.82 -24.98 63.04
N SER B 292 -19.78 -24.35 63.71
CA SER B 292 -19.81 -22.90 63.88
C SER B 292 -19.27 -22.52 65.26
N LEU B 293 -18.94 -21.23 65.41
CA LEU B 293 -18.55 -20.71 66.71
C LEU B 293 -19.69 -19.90 67.29
N PRO B 294 -20.26 -20.30 68.42
CA PRO B 294 -21.38 -19.54 69.00
C PRO B 294 -20.91 -18.19 69.52
N LYS B 295 -21.90 -17.37 69.90
CA LYS B 295 -21.60 -16.04 70.43
C LYS B 295 -20.85 -16.15 71.75
N GLY B 296 -19.95 -15.20 71.97
CA GLY B 296 -19.16 -15.18 73.18
C GLY B 296 -17.85 -14.48 72.97
N LYS B 297 -17.05 -14.44 74.03
CA LYS B 297 -15.78 -13.74 74.03
C LYS B 297 -14.66 -14.74 73.78
N TYR B 298 -13.80 -14.42 72.81
CA TYR B 298 -12.69 -15.28 72.43
C TYR B 298 -11.37 -14.52 72.55
N GLN B 299 -10.29 -15.28 72.62
CA GLN B 299 -8.94 -14.75 72.72
C GLN B 299 -8.01 -15.50 71.77
N MET B 300 -7.11 -14.75 71.15
CA MET B 300 -6.12 -15.30 70.22
C MET B 300 -4.74 -14.76 70.58
N ASN B 301 -3.77 -15.67 70.73
CA ASN B 301 -2.39 -15.30 71.03
C ASN B 301 -1.56 -15.34 69.76
N ILE B 302 -0.71 -14.33 69.59
CA ILE B 302 0.10 -14.18 68.38
C ILE B 302 1.53 -13.89 68.79
N GLU B 303 2.44 -14.80 68.44
CA GLU B 303 3.86 -14.59 68.71
C GLU B 303 4.38 -13.45 67.84
N LEU B 304 5.10 -12.51 68.46
CA LEU B 304 5.58 -11.32 67.75
C LEU B 304 7.06 -11.53 67.42
N ASN B 305 7.31 -12.07 66.23
CA ASN B 305 8.67 -12.31 65.75
C ASN B 305 9.04 -11.45 64.56
N TYR B 306 8.12 -11.26 63.60
CA TYR B 306 8.43 -10.55 62.37
C TYR B 306 8.26 -9.05 62.60
N PRO B 307 9.33 -8.26 62.51
CA PRO B 307 9.19 -6.82 62.71
C PRO B 307 8.68 -6.12 61.46
N ILE B 308 7.86 -5.08 61.69
CA ILE B 308 7.32 -4.30 60.58
C ILE B 308 8.29 -3.22 60.12
N SER B 309 9.34 -2.94 60.87
CA SER B 309 10.35 -1.97 60.43
C SER B 309 11.17 -2.48 59.27
N LEU B 310 11.03 -3.75 58.89
CA LEU B 310 11.77 -4.30 57.76
C LEU B 310 11.25 -3.74 56.44
N PHE B 311 9.93 -3.56 56.32
CA PHE B 311 9.32 -3.08 55.09
C PHE B 311 8.45 -1.83 55.28
N GLY B 312 8.02 -1.52 56.49
CA GLY B 312 7.24 -0.32 56.72
C GLY B 312 5.77 -0.46 56.39
N GLY B 313 5.15 -1.58 56.75
CA GLY B 313 3.75 -1.78 56.49
C GLY B 313 2.95 -2.05 57.75
N THR B 314 1.83 -2.75 57.62
CA THR B 314 0.97 -3.05 58.76
C THR B 314 0.49 -4.50 58.64
N LYS B 315 0.97 -5.37 59.51
CA LYS B 315 0.47 -6.73 59.59
C LYS B 315 -0.77 -6.77 60.47
N SER B 316 -1.75 -7.57 60.07
CA SER B 316 -3.03 -7.60 60.75
C SER B 316 -3.60 -9.00 60.77
N PHE B 317 -4.43 -9.28 61.77
CA PHE B 317 -5.12 -10.55 61.92
C PHE B 317 -6.55 -10.39 61.41
N VAL B 318 -6.97 -11.30 60.51
CA VAL B 318 -8.26 -11.19 59.84
C VAL B 318 -9.03 -12.49 60.03
N LEU B 319 -10.29 -12.38 60.45
CA LEU B 319 -11.19 -13.52 60.61
C LEU B 319 -12.37 -13.31 59.68
N THR B 320 -12.49 -14.16 58.66
CA THR B 320 -13.52 -13.98 57.64
C THR B 320 -14.31 -15.27 57.43
N THR B 321 -15.32 -15.17 56.59
CA THR B 321 -16.07 -16.29 56.05
C THR B 321 -15.91 -16.31 54.54
N ASN B 322 -16.74 -17.10 53.85
CA ASN B 322 -16.67 -17.24 52.41
C ASN B 322 -18.02 -16.95 51.78
N GLY B 323 -17.97 -16.31 50.62
CA GLY B 323 -19.19 -15.99 49.88
C GLY B 323 -19.14 -16.48 48.45
N ALA B 324 -20.10 -16.04 47.63
CA ALA B 324 -20.13 -16.49 46.24
C ALA B 324 -18.95 -15.95 45.45
N ILE B 325 -18.46 -14.77 45.77
CA ILE B 325 -17.31 -14.18 45.10
C ILE B 325 -16.11 -14.07 46.03
N GLY B 326 -16.18 -14.66 47.22
CA GLY B 326 -15.05 -14.66 48.13
C GLY B 326 -14.85 -13.35 48.86
N GLY B 327 -15.28 -13.30 50.12
CA GLY B 327 -15.05 -12.13 50.94
C GLY B 327 -16.15 -11.09 50.80
N ARG B 328 -15.82 -9.88 51.25
CA ARG B 328 -16.73 -8.74 51.25
C ARG B 328 -16.20 -7.72 50.26
N ASN B 329 -16.60 -7.85 49.00
CA ASN B 329 -16.15 -6.96 47.94
C ASN B 329 -17.35 -6.60 47.08
N MET B 330 -17.61 -5.30 46.96
CA MET B 330 -18.77 -4.79 46.22
C MET B 330 -18.45 -4.43 44.79
N SER B 331 -17.19 -4.55 44.35
CA SER B 331 -16.78 -3.99 43.07
C SER B 331 -17.51 -4.64 41.90
N LEU B 332 -17.78 -5.95 41.98
CA LEU B 332 -18.42 -6.63 40.87
C LEU B 332 -19.87 -6.18 40.71
N GLY B 333 -20.64 -6.20 41.81
CA GLY B 333 -22.00 -5.72 41.75
C GLY B 333 -22.08 -4.25 41.36
N VAL B 334 -21.12 -3.45 41.84
CA VAL B 334 -21.09 -2.04 41.49
C VAL B 334 -20.86 -1.85 39.99
N LEU B 335 -19.97 -2.66 39.40
CA LEU B 335 -19.73 -2.55 37.97
C LEU B 335 -20.96 -2.98 37.18
N TYR B 336 -21.62 -4.06 37.61
CA TYR B 336 -22.85 -4.48 36.96
C TYR B 336 -23.90 -3.37 37.01
N LEU B 337 -24.06 -2.75 38.17
CA LEU B 337 -25.05 -1.68 38.31
C LEU B 337 -24.67 -0.45 37.49
N ILE B 338 -23.38 -0.15 37.39
CA ILE B 338 -22.94 0.99 36.57
C ILE B 338 -23.27 0.74 35.11
N VAL B 339 -22.99 -0.47 34.62
CA VAL B 339 -23.30 -0.79 33.23
C VAL B 339 -24.80 -0.70 32.98
N ALA B 340 -25.60 -1.29 33.87
CA ALA B 340 -27.04 -1.27 33.69
C ALA B 340 -27.58 0.16 33.72
N GLY B 341 -27.05 0.99 34.62
CA GLY B 341 -27.52 2.36 34.72
C GLY B 341 -27.16 3.18 33.51
N LEU B 342 -25.92 3.05 33.02
CA LEU B 342 -25.54 3.76 31.81
C LEU B 342 -26.40 3.34 30.62
N CYS B 343 -26.64 2.03 30.48
CA CYS B 343 -27.47 1.56 29.38
C CYS B 343 -28.88 2.10 29.48
N ALA B 344 -29.48 2.07 30.67
CA ALA B 344 -30.85 2.57 30.83
C ALA B 344 -30.91 4.08 30.57
N LEU B 345 -29.94 4.83 31.09
CA LEU B 345 -29.94 6.28 30.89
C LEU B 345 -29.84 6.63 29.41
N PHE B 346 -28.89 6.01 28.70
CA PHE B 346 -28.74 6.35 27.29
C PHE B 346 -29.90 5.81 26.46
N GLY B 347 -30.52 4.70 26.87
CA GLY B 347 -31.73 4.25 26.21
C GLY B 347 -32.86 5.24 26.33
N ILE B 348 -33.05 5.78 27.53
CA ILE B 348 -34.10 6.79 27.72
C ILE B 348 -33.79 8.05 26.93
N ILE B 349 -32.52 8.48 26.93
CA ILE B 349 -32.14 9.68 26.18
C ILE B 349 -32.42 9.50 24.70
N PHE B 350 -31.98 8.36 24.14
CA PHE B 350 -32.19 8.12 22.71
C PHE B 350 -33.66 7.96 22.38
N LEU B 351 -34.44 7.34 23.28
CA LEU B 351 -35.86 7.19 23.03
C LEU B 351 -36.57 8.54 22.99
N VAL B 352 -36.25 9.43 23.93
CA VAL B 352 -36.93 10.73 23.90
C VAL B 352 -36.44 11.57 22.73
N LYS B 353 -35.16 11.46 22.36
CA LYS B 353 -34.68 12.19 21.18
C LYS B 353 -35.34 11.68 19.91
N LEU B 354 -35.61 10.37 19.84
CA LEU B 354 -36.29 9.81 18.68
C LEU B 354 -37.74 10.26 18.63
N ILE B 355 -38.44 10.20 19.76
CA ILE B 355 -39.87 10.49 19.77
C ILE B 355 -40.12 11.99 19.53
N PHE B 356 -39.44 12.84 20.30
CA PHE B 356 -39.71 14.27 20.20
C PHE B 356 -38.99 14.96 19.05
N GLN B 357 -38.01 14.31 18.42
CA GLN B 357 -37.26 14.89 17.31
C GLN B 357 -37.00 13.80 16.27
N PRO B 358 -37.96 13.57 15.38
CA PRO B 358 -37.75 12.54 14.34
C PRO B 358 -36.63 12.93 13.40
N ARG B 359 -35.88 11.92 12.94
CA ARG B 359 -34.73 12.17 12.08
C ARG B 359 -35.16 12.69 10.72
N ALA B 360 -35.99 11.92 10.02
CA ALA B 360 -36.47 12.24 8.67
C ALA B 360 -35.29 12.49 7.74
N MET B 361 -34.42 11.48 7.65
CA MET B 361 -33.22 11.61 6.83
C MET B 361 -33.53 11.48 5.34
N GLY B 362 -34.37 10.53 4.97
CA GLY B 362 -34.69 10.31 3.57
C GLY B 362 -33.81 9.26 2.92
N ASP B 363 -34.41 8.40 2.09
CA ASP B 363 -33.65 7.36 1.43
C ASP B 363 -32.81 7.91 0.29
N HIS B 364 -33.37 8.83 -0.51
CA HIS B 364 -32.69 9.39 -1.66
C HIS B 364 -32.18 10.80 -1.41
N THR B 365 -31.92 11.15 -0.16
CA THR B 365 -31.35 12.46 0.20
C THR B 365 -29.84 12.28 0.38
N TYR B 366 -29.09 12.76 -0.61
CA TYR B 366 -27.65 12.57 -0.62
C TYR B 366 -26.99 13.72 -1.35
N LEU B 367 -25.68 13.86 -1.15
CA LEU B 367 -24.87 14.84 -1.86
C LEU B 367 -23.95 14.21 -2.89
N ASN B 368 -24.01 12.89 -3.05
CA ASN B 368 -23.21 12.16 -4.04
C ASN B 368 -21.72 12.42 -3.87
#